data_2Q04
#
_entry.id   2Q04
#
_cell.length_a   70.870
_cell.length_b   128.580
_cell.length_c   108.430
_cell.angle_alpha   90.000
_cell.angle_beta   108.430
_cell.angle_gamma   90.000
#
_symmetry.space_group_name_H-M   'P 1 21 1'
#
loop_
_entity.id
_entity.type
_entity.pdbx_description
1 polymer 'Acetoin utilization protein'
2 non-polymer 'CALCIUM ION'
3 non-polymer 1,2-ETHANEDIOL
4 non-polymer 'ACETIC ACID'
5 water water
#
_entity_poly.entity_id   1
_entity_poly.type   'polypeptide(L)'
_entity_poly.pdbx_seq_one_letter_code
;G(MSE)FEKQFNHRTLETSLGPVEIEGPVTSQILATYKLDPGLTAFRQPAEQHEALVEIAALEEGRIIIARQGNDIIGYV
TFLYPDPYETWSEGNNPYILELGAIEVAARFRGQQIGKKLLEVS(MSE)LDPA(MSE)EHYLILTTEYYWHWDLKGSGLS
VWDYRKI(MSE)EK(MSE)(MSE)NHGGLVFFPTDDPEIASHPANCL(MSE)ARIGKHVAPEVVAHFDALRLRRRF
(MSE)YD
;
_entity_poly.pdbx_strand_id   A,B,C,D,E,F
#
loop_
_chem_comp.id
_chem_comp.type
_chem_comp.name
_chem_comp.formula
ACY non-polymer 'ACETIC ACID' 'C2 H4 O2'
CA non-polymer 'CALCIUM ION' 'Ca 2'
EDO non-polymer 1,2-ETHANEDIOL 'C2 H6 O2'
#
# COMPACT_ATOMS: atom_id res chain seq x y z
N GLY A 1 -13.66 15.88 25.51
CA GLY A 1 -15.05 16.41 25.44
C GLY A 1 -15.67 16.65 26.81
N MSE A 2 -15.58 15.63 27.68
CA MSE A 2 -16.24 15.68 29.01
C MSE A 2 -15.64 16.77 29.93
O MSE A 2 -16.24 17.12 30.95
CB MSE A 2 -16.14 14.32 29.70
N PHE A 3 -14.47 17.29 29.57
CA PHE A 3 -13.77 18.28 30.40
C PHE A 3 -14.26 19.71 30.18
N GLU A 4 -13.92 20.58 31.15
CA GLU A 4 -14.28 22.00 31.08
C GLU A 4 -13.17 22.76 30.41
N LYS A 5 -13.54 23.85 29.74
CA LYS A 5 -12.58 24.63 28.98
C LYS A 5 -12.15 25.88 29.74
N GLN A 6 -10.88 25.94 30.12
CA GLN A 6 -10.32 27.08 30.84
C GLN A 6 -9.83 28.15 29.85
N PHE A 7 -10.45 29.32 29.91
CA PHE A 7 -10.02 30.44 29.08
C PHE A 7 -8.72 31.01 29.61
N ASN A 8 -7.74 31.17 28.74
CA ASN A 8 -6.47 31.77 29.10
C ASN A 8 -6.12 32.87 28.15
N HIS A 9 -5.27 33.79 28.60
CA HIS A 9 -4.94 34.98 27.81
C HIS A 9 -3.54 35.47 28.12
N ARG A 10 -2.81 35.82 27.07
CA ARG A 10 -1.53 36.52 27.20
C ARG A 10 -1.43 37.56 26.08
N THR A 11 -0.78 38.67 26.36
CA THR A 11 -0.52 39.67 25.35
C THR A 11 0.89 39.51 24.82
N LEU A 12 1.01 39.26 23.52
CA LEU A 12 2.29 39.10 22.88
C LEU A 12 2.64 40.38 22.16
N GLU A 13 3.81 40.90 22.43
CA GLU A 13 4.29 42.07 21.73
C GLU A 13 4.94 41.64 20.44
N THR A 14 4.78 42.46 19.40
CA THR A 14 5.37 42.17 18.09
C THR A 14 5.81 43.47 17.44
N SER A 15 6.37 43.38 16.24
CA SER A 15 6.76 44.55 15.47
C SER A 15 5.52 45.29 14.95
N LEU A 16 4.39 44.58 14.92
CA LEU A 16 3.11 45.17 14.54
C LEU A 16 2.17 45.23 15.76
N GLY A 17 2.64 44.66 16.88
CA GLY A 17 1.79 44.31 18.02
C GLY A 17 1.31 45.47 18.79
N PRO A 18 0.73 45.22 19.98
CA PRO A 18 0.63 43.91 20.62
C PRO A 18 -0.50 43.04 20.09
N VAL A 19 -0.39 41.73 20.31
CA VAL A 19 -1.37 40.77 19.82
C VAL A 19 -1.93 39.99 21.01
N GLU A 20 -3.25 39.90 21.08
CA GLU A 20 -3.89 39.17 22.16
C GLU A 20 -4.03 37.70 21.80
N ILE A 21 -3.42 36.87 22.61
CA ILE A 21 -3.44 35.43 22.40
C ILE A 21 -4.27 34.79 23.49
N GLU A 22 -5.43 34.26 23.10
CA GLU A 22 -6.41 33.85 24.06
C GLU A 22 -7.32 32.74 23.54
N GLY A 23 -7.87 31.98 24.49
CA GLY A 23 -8.85 30.95 24.18
C GLY A 23 -8.87 29.89 25.27
N PRO A 24 -9.75 28.86 25.11
CA PRO A 24 -10.67 28.71 23.97
C PRO A 24 -11.77 29.79 23.91
N VAL A 25 -12.03 30.28 22.70
CA VAL A 25 -13.04 31.32 22.45
C VAL A 25 -14.35 30.66 22.05
N THR A 26 -15.46 31.15 22.61
CA THR A 26 -16.77 30.58 22.31
C THR A 26 -17.18 30.90 20.90
N SER A 27 -18.10 30.11 20.36
CA SER A 27 -18.63 30.31 19.01
C SER A 27 -19.27 31.69 18.89
N GLN A 28 -20.10 32.05 19.87
CA GLN A 28 -20.81 33.32 19.87
C GLN A 28 -19.84 34.48 19.67
N ILE A 29 -18.73 34.46 20.42
CA ILE A 29 -17.74 35.54 20.36
C ILE A 29 -16.91 35.48 19.05
N LEU A 30 -16.53 34.27 18.64
CA LEU A 30 -15.76 34.08 17.37
C LEU A 30 -16.48 34.66 16.17
N ALA A 31 -17.80 34.54 16.14
CA ALA A 31 -18.61 35.00 15.01
C ALA A 31 -18.55 36.52 14.85
N THR A 32 -18.25 37.24 15.94
CA THR A 32 -18.20 38.70 15.91
C THR A 32 -16.85 39.23 15.38
N TYR A 33 -15.82 38.38 15.40
CA TYR A 33 -14.52 38.75 14.89
C TYR A 33 -14.46 38.62 13.37
N LYS A 34 -13.33 38.98 12.78
CA LYS A 34 -13.14 38.91 11.34
C LYS A 34 -11.79 38.28 11.01
N LEU A 35 -11.81 37.14 10.32
CA LEU A 35 -10.57 36.50 9.90
C LEU A 35 -9.78 37.40 8.97
N ASP A 36 -8.49 37.55 9.26
CA ASP A 36 -7.59 38.32 8.41
C ASP A 36 -7.58 37.73 6.99
N PRO A 37 -7.57 38.61 5.94
CA PRO A 37 -7.60 38.13 4.55
C PRO A 37 -6.44 37.21 4.15
N GLY A 38 -5.36 37.22 4.94
CA GLY A 38 -4.17 36.43 4.63
C GLY A 38 -4.15 35.03 5.23
N LEU A 39 -5.30 34.55 5.69
CA LEU A 39 -5.40 33.20 6.28
C LEU A 39 -6.17 32.26 5.34
N THR A 40 -5.58 32.02 4.17
CA THR A 40 -6.26 31.25 3.10
C THR A 40 -5.49 29.93 2.71
N ALA A 41 -4.79 29.34 3.68
CA ALA A 41 -3.98 28.13 3.43
C ALA A 41 -4.86 26.87 3.35
N PHE A 42 -6.03 26.92 3.99
CA PHE A 42 -6.95 25.78 3.97
C PHE A 42 -8.16 26.07 3.11
N ARG A 43 -8.74 27.25 3.27
CA ARG A 43 -9.83 27.72 2.41
C ARG A 43 -9.99 29.24 2.52
N GLN A 44 -10.80 29.82 1.64
CA GLN A 44 -11.03 31.27 1.65
C GLN A 44 -11.56 31.72 3.03
N PRO A 45 -11.27 32.99 3.43
CA PRO A 45 -11.46 33.41 4.86
C PRO A 45 -12.91 33.31 5.35
N ALA A 46 -13.88 33.65 4.50
CA ALA A 46 -15.29 33.56 4.88
C ALA A 46 -15.66 32.12 5.26
N GLU A 47 -15.20 31.17 4.44
CA GLU A 47 -15.48 29.76 4.67
C GLU A 47 -14.71 29.22 5.88
N GLN A 48 -13.45 29.67 6.02
CA GLN A 48 -12.58 29.21 7.12
C GLN A 48 -13.05 29.76 8.47
N HIS A 49 -13.63 30.96 8.46
CA HIS A 49 -14.19 31.58 9.67
C HIS A 49 -15.36 30.75 10.18
N GLU A 50 -16.26 30.41 9.26
CA GLU A 50 -17.40 29.55 9.56
C GLU A 50 -16.93 28.18 10.11
N ALA A 51 -15.77 27.72 9.65
CA ALA A 51 -15.19 26.47 10.13
C ALA A 51 -14.68 26.58 11.56
N LEU A 52 -14.10 27.72 11.91
CA LEU A 52 -13.58 27.95 13.27
C LEU A 52 -14.73 28.05 14.25
N VAL A 53 -15.77 28.77 13.85
CA VAL A 53 -16.95 28.93 14.68
C VAL A 53 -17.57 27.57 14.98
N GLU A 54 -17.70 26.74 13.94
CA GLU A 54 -18.28 25.41 14.08
C GLU A 54 -17.48 24.54 15.01
N ILE A 55 -16.17 24.57 14.88
CA ILE A 55 -15.30 23.82 15.75
C ILE A 55 -15.50 24.24 17.21
N ALA A 56 -15.54 25.56 17.44
CA ALA A 56 -15.73 26.10 18.80
C ALA A 56 -17.02 25.61 19.42
N ALA A 57 -18.02 25.33 18.58
CA ALA A 57 -19.33 24.88 19.04
C ALA A 57 -19.33 23.40 19.47
N LEU A 58 -18.28 22.66 19.12
CA LEU A 58 -18.21 21.24 19.47
C LEU A 58 -17.94 21.05 20.96
N GLU A 59 -18.43 19.93 21.50
CA GLU A 59 -18.25 19.60 22.90
C GLU A 59 -16.77 19.65 23.29
N GLU A 60 -15.92 19.03 22.48
CA GLU A 60 -14.48 18.98 22.75
C GLU A 60 -13.69 20.11 22.06
N GLY A 61 -14.35 20.83 21.14
CA GLY A 61 -13.69 21.83 20.28
C GLY A 61 -13.07 23.01 21.04
N ARG A 62 -11.88 23.42 20.60
CA ARG A 62 -11.18 24.57 21.18
C ARG A 62 -10.53 25.40 20.07
N ILE A 63 -10.83 26.69 20.07
CA ILE A 63 -10.21 27.62 19.14
C ILE A 63 -9.47 28.70 19.94
N ILE A 64 -8.15 28.68 19.88
CA ILE A 64 -7.34 29.72 20.46
C ILE A 64 -6.91 30.64 19.33
N ILE A 65 -7.00 31.96 19.56
CA ILE A 65 -6.77 32.94 18.50
C ILE A 65 -5.67 33.94 18.84
N ALA A 66 -4.98 34.41 17.80
CA ALA A 66 -4.10 35.57 17.91
C ALA A 66 -4.84 36.72 17.28
N ARG A 67 -5.07 37.78 18.07
CA ARG A 67 -6.04 38.77 17.74
C ARG A 67 -5.55 40.21 17.93
N GLN A 68 -5.95 41.10 17.02
CA GLN A 68 -5.76 42.53 17.17
C GLN A 68 -7.10 43.19 16.92
N GLY A 69 -7.69 43.75 17.97
CA GLY A 69 -9.03 44.31 17.87
C GLY A 69 -10.03 43.21 17.52
N ASN A 70 -10.86 43.45 16.51
CA ASN A 70 -11.81 42.44 16.03
C ASN A 70 -11.19 41.49 14.98
N ASP A 71 -9.91 41.70 14.68
CA ASP A 71 -9.25 40.97 13.59
C ASP A 71 -8.42 39.77 14.09
N ILE A 72 -8.79 38.57 13.65
CA ILE A 72 -8.02 37.35 13.94
C ILE A 72 -6.90 37.21 12.92
N ILE A 73 -5.66 37.30 13.38
CA ILE A 73 -4.49 37.23 12.48
C ILE A 73 -3.77 35.89 12.63
N GLY A 74 -4.35 35.00 13.41
CA GLY A 74 -3.81 33.69 13.61
C GLY A 74 -4.71 32.87 14.50
N TYR A 75 -4.58 31.55 14.42
CA TYR A 75 -5.38 30.65 15.23
C TYR A 75 -4.77 29.27 15.33
N VAL A 76 -5.25 28.50 16.27
CA VAL A 76 -4.90 27.10 16.39
C VAL A 76 -6.14 26.36 16.86
N THR A 77 -6.43 25.21 16.23
CA THR A 77 -7.69 24.48 16.47
C THR A 77 -7.46 23.13 17.12
N PHE A 78 -8.43 22.70 17.93
CA PHE A 78 -8.41 21.39 18.56
C PHE A 78 -9.77 20.79 18.47
N LEU A 79 -9.81 19.52 18.13
CA LEU A 79 -11.06 18.78 18.05
C LEU A 79 -10.75 17.31 17.92
N TYR A 80 -11.77 16.47 17.97
CA TYR A 80 -11.57 15.03 17.77
C TYR A 80 -11.20 14.76 16.33
N PRO A 81 -10.35 13.73 16.12
CA PRO A 81 -9.90 13.38 14.77
C PRO A 81 -11.05 13.14 13.80
N ASP A 82 -10.78 13.38 12.52
CA ASP A 82 -11.81 13.24 11.46
C ASP A 82 -12.30 11.79 11.34
N PRO A 83 -13.64 11.59 11.35
CA PRO A 83 -14.25 10.25 11.21
C PRO A 83 -13.79 9.48 9.96
N TYR A 84 -13.32 10.21 8.94
CA TYR A 84 -12.92 9.60 7.67
C TYR A 84 -11.38 9.62 7.44
N GLU A 85 -10.64 9.82 8.52
CA GLU A 85 -9.19 9.66 8.51
C GLU A 85 -8.87 8.57 9.53
N THR A 86 -7.67 8.01 9.46
CA THR A 86 -7.32 6.85 10.31
C THR A 86 -7.21 7.18 11.80
N TRP A 87 -6.97 8.44 12.11
CA TRP A 87 -6.69 8.85 13.49
C TRP A 87 -7.92 8.79 14.43
N SER A 88 -9.11 8.54 13.86
CA SER A 88 -10.35 8.51 14.65
C SER A 88 -10.82 7.08 14.95
N GLU A 89 -10.08 6.09 14.48
CA GLU A 89 -10.48 4.69 14.69
C GLU A 89 -10.58 4.33 16.17
N GLY A 90 -11.49 3.40 16.49
CA GLY A 90 -11.64 2.92 17.85
C GLY A 90 -12.41 3.89 18.73
N ASN A 91 -12.72 3.45 19.94
CA ASN A 91 -13.47 4.26 20.88
C ASN A 91 -12.56 4.82 21.94
N ASN A 92 -11.76 5.82 21.56
CA ASN A 92 -10.82 6.43 22.49
C ASN A 92 -11.03 7.96 22.57
N PRO A 93 -11.75 8.41 23.62
CA PRO A 93 -12.03 9.84 23.81
C PRO A 93 -10.85 10.66 24.39
N TYR A 94 -9.70 10.00 24.63
CA TYR A 94 -8.51 10.68 25.15
C TYR A 94 -7.57 11.10 24.02
N ILE A 95 -7.96 10.83 22.78
CA ILE A 95 -7.17 11.23 21.63
C ILE A 95 -7.81 12.46 20.96
N LEU A 96 -7.05 13.55 20.96
CA LEU A 96 -7.51 14.83 20.44
C LEU A 96 -6.61 15.27 19.30
N GLU A 97 -7.16 15.94 18.32
CA GLU A 97 -6.34 16.42 17.21
C GLU A 97 -6.18 17.94 17.23
N LEU A 98 -4.93 18.37 17.14
CA LEU A 98 -4.63 19.74 16.85
C LEU A 98 -4.86 19.86 15.36
N GLY A 99 -6.04 20.32 15.00
CA GLY A 99 -6.45 20.35 13.60
C GLY A 99 -5.50 21.13 12.74
N ALA A 100 -5.38 22.42 13.02
CA ALA A 100 -4.53 23.29 12.25
C ALA A 100 -4.03 24.49 13.07
N ILE A 101 -3.04 25.18 12.51
CA ILE A 101 -2.48 26.36 13.12
C ILE A 101 -2.01 27.26 12.00
N GLU A 102 -2.59 28.44 11.90
CA GLU A 102 -2.28 29.34 10.81
C GLU A 102 -2.07 30.77 11.30
N VAL A 103 -1.15 31.48 10.67
CA VAL A 103 -0.82 32.84 11.06
C VAL A 103 -0.54 33.67 9.81
N ALA A 104 -1.19 34.83 9.71
CA ALA A 104 -1.00 35.72 8.55
C ALA A 104 0.49 35.92 8.26
N ALA A 105 0.83 35.94 6.97
CA ALA A 105 2.24 36.00 6.51
C ALA A 105 3.03 37.19 7.10
N ARG A 106 2.39 38.36 7.17
CA ARG A 106 3.07 39.57 7.67
C ARG A 106 3.43 39.47 9.16
N PHE A 107 2.82 38.51 9.86
CA PHE A 107 3.10 38.28 11.29
C PHE A 107 4.11 37.13 11.52
N ARG A 108 4.63 36.59 10.43
CA ARG A 108 5.58 35.50 10.54
C ARG A 108 6.88 35.99 11.17
N GLY A 109 7.50 35.15 11.98
CA GLY A 109 8.77 35.49 12.64
C GLY A 109 8.61 36.21 13.97
N GLN A 110 7.36 36.43 14.39
CA GLN A 110 7.07 37.11 15.66
C GLN A 110 6.70 36.11 16.76
N GLN A 111 6.93 34.82 16.49
CA GLN A 111 6.73 33.75 17.49
C GLN A 111 5.29 33.65 17.98
N ILE A 112 4.34 33.92 17.09
CA ILE A 112 2.95 33.82 17.43
C ILE A 112 2.51 32.37 17.57
N GLY A 113 3.00 31.51 16.67
CA GLY A 113 2.70 30.08 16.73
C GLY A 113 3.08 29.49 18.06
N LYS A 114 4.31 29.78 18.50
CA LYS A 114 4.80 29.33 19.81
C LYS A 114 3.82 29.70 20.93
N LYS A 115 3.42 30.97 20.97
CA LYS A 115 2.51 31.46 22.02
C LYS A 115 1.12 30.90 21.88
N LEU A 116 0.67 30.82 20.65
CA LEU A 116 -0.60 30.22 20.37
C LEU A 116 -0.65 28.84 21.03
N LEU A 117 0.44 28.08 20.91
CA LEU A 117 0.51 26.74 21.50
C LEU A 117 0.65 26.81 23.03
N GLU A 118 1.43 27.78 23.52
CA GLU A 118 1.60 27.96 24.98
C GLU A 118 0.25 28.18 25.67
N VAL A 119 -0.51 29.15 25.18
CA VAL A 119 -1.79 29.49 25.76
C VAL A 119 -2.77 28.32 25.66
N SER A 120 -2.63 27.52 24.61
CA SER A 120 -3.45 26.34 24.44
C SER A 120 -3.20 25.29 25.53
N MSE A 121 -1.94 25.16 25.96
CA MSE A 121 -1.56 24.14 26.96
C MSE A 121 -1.65 24.64 28.41
O MSE A 121 -1.40 23.88 29.34
CB MSE A 121 -0.13 23.63 26.70
CG MSE A 121 0.06 23.04 25.32
SE MSE A 121 -1.23 21.65 24.91
CE MSE A 121 -0.96 21.54 23.07
N LEU A 122 -2.02 25.91 28.60
CA LEU A 122 -2.19 26.48 29.94
C LEU A 122 -3.32 25.79 30.71
N ASP A 123 -4.29 25.26 29.96
CA ASP A 123 -5.40 24.53 30.56
C ASP A 123 -4.91 23.15 31.04
N PRO A 124 -4.98 22.90 32.36
CA PRO A 124 -4.55 21.60 32.91
C PRO A 124 -5.27 20.41 32.28
N ALA A 125 -6.40 20.67 31.62
CA ALA A 125 -7.21 19.61 30.97
C ALA A 125 -6.48 18.98 29.81
N MSE A 126 -5.56 19.75 29.19
CA MSE A 126 -4.80 19.26 28.02
C MSE A 126 -3.86 18.12 28.38
O MSE A 126 -3.42 17.36 27.50
CB MSE A 126 -4.00 20.41 27.39
CG MSE A 126 -4.85 21.57 26.96
SE MSE A 126 -6.20 21.04 25.71
CE MSE A 126 -5.38 21.59 24.07
N GLU A 127 -3.54 17.98 29.69
CA GLU A 127 -2.65 16.92 30.15
C GLU A 127 -3.34 15.58 30.17
N HIS A 128 -4.67 15.57 30.01
CA HIS A 128 -5.43 14.33 30.00
C HIS A 128 -5.59 13.76 28.59
N TYR A 129 -5.10 14.49 27.59
CA TYR A 129 -5.25 14.06 26.20
C TYR A 129 -3.92 13.71 25.58
N LEU A 130 -3.96 12.76 24.66
CA LEU A 130 -2.89 12.54 23.73
C LEU A 130 -3.25 13.38 22.48
N ILE A 131 -2.51 14.48 22.28
CA ILE A 131 -2.82 15.42 21.20
C ILE A 131 -1.92 15.17 19.99
N LEU A 132 -2.48 14.62 18.93
CA LEU A 132 -1.74 14.35 17.73
C LEU A 132 -2.04 15.41 16.69
N THR A 133 -1.18 15.52 15.70
CA THR A 133 -1.38 16.47 14.61
C THR A 133 -0.71 15.97 13.35
N THR A 134 -1.26 16.35 12.19
CA THR A 134 -0.70 15.97 10.91
C THR A 134 -0.39 17.21 10.11
N GLU A 135 0.77 17.20 9.44
CA GLU A 135 1.19 18.35 8.61
C GLU A 135 1.63 17.85 7.24
N TYR A 136 1.05 18.41 6.18
CA TYR A 136 1.33 18.01 4.82
C TYR A 136 1.88 19.18 4.02
N TYR A 137 2.89 18.92 3.19
CA TYR A 137 3.57 19.99 2.42
C TYR A 137 2.58 20.83 1.58
N TRP A 138 1.48 20.21 1.15
CA TRP A 138 0.54 20.86 0.20
C TRP A 138 -0.40 21.93 0.83
N HIS A 139 -0.23 22.20 2.14
N HIS A 139 -0.27 22.18 2.14
CA HIS A 139 -0.98 23.24 2.83
CA HIS A 139 -0.98 23.30 2.76
C HIS A 139 -0.06 24.37 3.32
C HIS A 139 -0.01 24.23 3.48
N TRP A 140 1.23 24.27 2.97
CA TRP A 140 2.23 25.22 3.47
C TRP A 140 2.40 26.38 2.50
N ASP A 141 2.53 27.60 3.03
CA ASP A 141 2.71 28.80 2.20
C ASP A 141 4.18 29.06 1.96
N LEU A 142 4.80 28.19 1.19
CA LEU A 142 6.20 28.29 0.88
C LEU A 142 6.50 29.52 0.02
N LYS A 143 5.66 29.76 -0.98
CA LYS A 143 5.81 30.91 -1.89
C LYS A 143 5.80 32.22 -1.13
N GLY A 144 4.91 32.33 -0.15
CA GLY A 144 4.81 33.54 0.68
C GLY A 144 5.89 33.60 1.74
N SER A 145 6.27 32.44 2.29
CA SER A 145 7.31 32.37 3.34
C SER A 145 8.74 32.49 2.77
N GLY A 146 8.90 32.18 1.48
CA GLY A 146 10.22 32.20 0.84
C GLY A 146 11.08 30.98 1.20
N LEU A 147 10.51 30.05 1.99
CA LEU A 147 11.26 28.90 2.49
C LEU A 147 11.17 27.72 1.56
N SER A 148 12.24 26.94 1.50
CA SER A 148 12.19 25.65 0.86
C SER A 148 11.34 24.77 1.72
N VAL A 149 11.09 23.58 1.24
CA VAL A 149 10.21 22.64 1.96
C VAL A 149 10.85 22.12 3.27
N TRP A 150 12.16 21.88 3.23
CA TRP A 150 12.84 21.28 4.37
C TRP A 150 13.15 22.31 5.45
N ASP A 151 13.44 23.55 5.05
CA ASP A 151 13.59 24.66 6.01
C ASP A 151 12.26 24.91 6.70
N TYR A 152 11.18 24.86 5.92
CA TYR A 152 9.85 25.03 6.47
C TYR A 152 9.55 23.94 7.49
N ARG A 153 9.84 22.70 7.10
CA ARG A 153 9.61 21.55 7.97
C ARG A 153 10.38 21.66 9.28
N LYS A 154 11.65 22.03 9.20
CA LYS A 154 12.50 22.17 10.37
C LYS A 154 11.97 23.24 11.32
N ILE A 155 11.54 24.37 10.77
CA ILE A 155 10.99 25.48 11.55
C ILE A 155 9.65 25.11 12.15
N MSE A 156 8.78 24.52 11.34
CA MSE A 156 7.46 24.15 11.80
C MSE A 156 7.54 23.10 12.90
O MSE A 156 6.72 23.09 13.82
CB MSE A 156 6.64 23.64 10.63
CG MSE A 156 5.25 23.16 11.01
SE MSE A 156 5.24 21.32 11.66
CE MSE A 156 5.94 20.40 10.02
N GLU A 157 8.53 22.20 12.81
CA GLU A 157 8.64 21.11 13.80
C GLU A 157 9.10 21.66 15.14
N LYS A 158 10.07 22.58 15.11
CA LYS A 158 10.56 23.19 16.32
C LYS A 158 9.47 24.08 16.98
N MSE A 159 8.57 24.64 16.17
CA MSE A 159 7.43 25.36 16.69
C MSE A 159 6.55 24.42 17.46
O MSE A 159 6.15 24.71 18.58
CB MSE A 159 6.63 25.98 15.57
CG MSE A 159 5.44 26.75 16.07
SE MSE A 159 4.30 27.34 14.70
CE MSE A 159 3.58 25.69 14.20
N MSE A 160 6.20 23.29 16.82
CA MSE A 160 5.34 22.27 17.45
C MSE A 160 5.99 21.70 18.72
O MSE A 160 5.31 21.41 19.69
CB MSE A 160 5.08 21.15 16.45
CG MSE A 160 4.16 21.55 15.28
SE MSE A 160 2.34 22.04 15.87
CE MSE A 160 1.42 22.16 14.05
N ASN A 161 7.32 21.56 18.70
CA ASN A 161 8.05 21.08 19.88
C ASN A 161 7.82 21.97 21.07
N HIS A 162 7.73 23.28 20.84
CA HIS A 162 7.48 24.24 21.93
CA HIS A 162 7.48 24.26 21.91
C HIS A 162 6.11 23.99 22.58
N GLY A 163 5.17 23.46 21.82
CA GLY A 163 3.83 23.12 22.34
C GLY A 163 3.79 21.73 22.98
N GLY A 164 4.92 21.02 22.93
CA GLY A 164 5.01 19.68 23.54
C GLY A 164 4.84 18.55 22.55
N LEU A 165 4.53 18.87 21.29
CA LEU A 165 4.39 17.85 20.24
C LEU A 165 5.77 17.36 19.75
N VAL A 166 5.87 16.06 19.51
CA VAL A 166 7.08 15.43 19.04
C VAL A 166 6.78 14.57 17.82
N PHE A 167 7.75 14.48 16.90
CA PHE A 167 7.60 13.66 15.70
C PHE A 167 7.47 12.19 16.04
N PHE A 168 6.54 11.52 15.34
CA PHE A 168 6.38 10.06 15.46
C PHE A 168 6.35 9.43 14.08
N PRO A 169 7.12 8.34 13.87
CA PRO A 169 7.03 7.62 12.61
C PRO A 169 5.65 7.05 12.39
N THR A 170 5.28 6.87 11.14
CA THR A 170 4.00 6.27 10.80
C THR A 170 4.05 5.60 9.43
N ASP A 171 3.20 4.61 9.23
CA ASP A 171 3.07 3.97 7.94
C ASP A 171 1.81 4.48 7.21
N ASP A 172 1.21 5.55 7.72
CA ASP A 172 0.06 6.17 7.07
C ASP A 172 0.44 6.55 5.65
N PRO A 173 -0.31 6.04 4.65
CA PRO A 173 0.02 6.27 3.26
C PRO A 173 0.21 7.76 2.90
N GLU A 174 -0.73 8.60 3.31
CA GLU A 174 -0.68 10.03 2.96
C GLU A 174 0.57 10.72 3.53
N ILE A 175 0.82 10.51 4.82
CA ILE A 175 1.99 11.08 5.45
C ILE A 175 3.28 10.48 4.88
N ALA A 176 3.28 9.16 4.68
CA ALA A 176 4.45 8.46 4.19
C ALA A 176 4.81 8.85 2.77
N SER A 177 3.84 9.42 2.03
CA SER A 177 4.01 9.69 0.60
C SER A 177 5.15 10.70 0.32
N HIS A 178 5.52 11.47 1.32
CA HIS A 178 6.58 12.50 1.18
C HIS A 178 7.27 12.69 2.55
N PRO A 179 8.61 12.50 2.62
CA PRO A 179 9.33 12.60 3.89
C PRO A 179 9.14 13.92 4.64
N ALA A 180 8.80 14.99 3.93
CA ALA A 180 8.58 16.29 4.57
C ALA A 180 7.31 16.27 5.44
N ASN A 181 6.30 15.49 5.03
CA ASN A 181 5.08 15.36 5.84
C ASN A 181 5.43 14.69 7.16
N CYS A 182 4.60 14.89 8.16
CA CYS A 182 4.86 14.28 9.44
C CYS A 182 3.65 14.19 10.37
N LEU A 183 3.70 13.19 11.24
CA LEU A 183 2.78 13.06 12.32
C LEU A 183 3.51 13.45 13.57
N MSE A 184 2.88 14.27 14.38
CA MSE A 184 3.47 14.65 15.66
C MSE A 184 2.43 14.50 16.71
O MSE A 184 1.23 14.51 16.41
CB MSE A 184 3.96 16.09 15.63
CG MSE A 184 5.00 16.36 14.59
SE MSE A 184 5.63 18.14 14.65
CE MSE A 184 6.46 18.09 16.41
N ALA A 185 2.84 14.37 17.96
CA ALA A 185 1.89 14.23 19.04
C ALA A 185 2.45 14.63 20.39
N ARG A 186 1.57 15.15 21.23
CA ARG A 186 1.91 15.50 22.60
C ARG A 186 1.17 14.59 23.54
N ILE A 187 1.91 13.77 24.27
CA ILE A 187 1.30 12.85 25.24
C ILE A 187 1.23 13.52 26.61
N GLY A 188 0.02 13.88 27.01
CA GLY A 188 -0.20 14.51 28.28
C GLY A 188 0.36 13.71 29.44
N LYS A 189 0.79 14.41 30.48
CA LYS A 189 1.39 13.81 31.68
C LYS A 189 0.46 12.79 32.37
N HIS A 190 -0.87 13.00 32.23
CA HIS A 190 -1.88 12.12 32.87
C HIS A 190 -2.46 11.07 31.93
N VAL A 191 -1.94 10.99 30.72
CA VAL A 191 -2.48 10.07 29.73
C VAL A 191 -2.08 8.64 30.09
N ALA A 192 -3.07 7.73 30.05
CA ALA A 192 -2.84 6.33 30.41
C ALA A 192 -2.06 5.59 29.30
N PRO A 193 -1.34 4.50 29.68
CA PRO A 193 -0.61 3.68 28.70
C PRO A 193 -1.51 3.07 27.60
N GLU A 194 -2.78 2.81 27.94
CA GLU A 194 -3.73 2.22 27.00
C GLU A 194 -4.01 3.17 25.85
N VAL A 195 -4.07 4.46 26.15
CA VAL A 195 -4.29 5.49 25.15
C VAL A 195 -3.08 5.59 24.22
N VAL A 196 -1.88 5.50 24.79
CA VAL A 196 -0.66 5.57 24.01
C VAL A 196 -0.53 4.36 23.12
N ALA A 197 -0.90 3.20 23.65
CA ALA A 197 -0.84 1.96 22.88
C ALA A 197 -1.77 2.02 21.69
N HIS A 198 -2.94 2.63 21.89
CA HIS A 198 -3.90 2.79 20.82
C HIS A 198 -3.34 3.70 19.75
N PHE A 199 -2.70 4.77 20.17
CA PHE A 199 -2.07 5.70 19.25
C PHE A 199 -1.00 5.00 18.43
N ASP A 200 -0.19 4.18 19.09
CA ASP A 200 0.86 3.40 18.38
C ASP A 200 0.23 2.48 17.33
N ALA A 201 -0.92 1.91 17.67
CA ALA A 201 -1.65 1.02 16.77
C ALA A 201 -2.23 1.78 15.56
N LEU A 202 -2.56 3.05 15.77
CA LEU A 202 -3.10 3.89 14.69
C LEU A 202 -2.01 4.33 13.71
N ARG A 203 -0.87 4.76 14.24
CA ARG A 203 0.22 5.26 13.40
C ARG A 203 1.00 4.13 12.72
N LEU A 204 1.07 2.96 13.37
CA LEU A 204 1.68 1.77 12.77
C LEU A 204 0.57 0.78 12.48
N ARG A 205 -0.23 1.13 11.48
CA ARG A 205 -1.52 0.51 11.22
C ARG A 205 -1.42 -0.88 10.57
N ARG A 206 -0.37 -1.10 9.80
CA ARG A 206 -0.19 -2.37 9.11
C ARG A 206 0.64 -3.37 9.95
N ARG A 207 0.55 -3.26 11.28
CA ARG A 207 1.24 -4.19 12.17
C ARG A 207 0.73 -5.62 11.98
N PHE A 208 -0.54 -5.75 11.59
CA PHE A 208 -1.16 -7.09 11.40
C PHE A 208 -0.42 -7.92 10.36
N MSE A 209 0.20 -7.25 9.39
CA MSE A 209 1.01 -7.95 8.39
C MSE A 209 2.15 -8.74 9.05
O MSE A 209 2.59 -9.76 8.52
CB MSE A 209 1.61 -6.94 7.38
CG MSE A 209 0.60 -6.36 6.37
SE MSE A 209 -0.12 -7.72 5.18
CE MSE A 209 1.57 -8.47 4.44
N TYR A 210 2.61 -8.27 10.20
CA TYR A 210 3.78 -8.84 10.86
C TYR A 210 3.45 -9.59 12.18
N ASP A 211 2.17 -9.56 12.58
CA ASP A 211 1.71 -10.32 13.77
C ASP A 211 1.65 -11.80 13.45
N PHE B 3 -30.23 -6.33 27.79
CA PHE B 3 -30.03 -6.46 29.27
C PHE B 3 -30.09 -7.95 29.72
N GLU B 4 -31.29 -8.49 29.89
CA GLU B 4 -31.48 -9.89 30.33
C GLU B 4 -31.10 -10.87 29.20
N LYS B 5 -30.55 -12.03 29.59
CA LYS B 5 -30.07 -13.02 28.63
C LYS B 5 -30.91 -14.31 28.67
N GLN B 6 -31.72 -14.51 27.64
CA GLN B 6 -32.60 -15.68 27.56
C GLN B 6 -31.82 -16.92 27.17
N PHE B 7 -31.61 -17.81 28.14
CA PHE B 7 -30.96 -19.09 27.89
C PHE B 7 -31.84 -19.95 26.97
N ASN B 8 -31.24 -20.52 25.94
CA ASN B 8 -31.96 -21.40 25.03
C ASN B 8 -31.16 -22.67 24.77
N HIS B 9 -31.86 -23.79 24.55
CA HIS B 9 -31.20 -25.08 24.36
C HIS B 9 -31.85 -25.86 23.24
N ARG B 10 -31.02 -26.55 22.46
CA ARG B 10 -31.50 -27.47 21.44
C ARG B 10 -30.55 -28.66 21.37
N THR B 11 -31.11 -29.86 21.20
CA THR B 11 -30.30 -31.03 20.95
C THR B 11 -30.22 -31.24 19.45
N LEU B 12 -29.01 -31.39 18.93
CA LEU B 12 -28.82 -31.64 17.50
C LEU B 12 -28.32 -33.05 17.30
N GLU B 13 -28.90 -33.74 16.33
CA GLU B 13 -28.48 -35.11 16.01
C GLU B 13 -27.32 -35.07 15.05
N THR B 14 -26.26 -35.81 15.38
CA THR B 14 -25.08 -35.90 14.52
C THR B 14 -24.65 -37.34 14.42
N SER B 15 -23.70 -37.61 13.54
CA SER B 15 -23.18 -38.97 13.35
C SER B 15 -22.35 -39.43 14.55
N LEU B 16 -21.96 -38.50 15.41
CA LEU B 16 -21.19 -38.82 16.61
C LEU B 16 -22.06 -38.72 17.86
N GLY B 17 -23.38 -38.86 17.68
CA GLY B 17 -24.31 -38.77 18.80
C GLY B 17 -24.94 -37.40 18.93
N PRO B 18 -25.93 -37.26 19.81
CA PRO B 18 -26.58 -35.97 20.01
C PRO B 18 -25.66 -34.94 20.66
N VAL B 19 -25.73 -33.71 20.17
CA VAL B 19 -24.94 -32.60 20.72
C VAL B 19 -25.88 -31.55 21.30
N GLU B 20 -25.55 -31.06 22.49
CA GLU B 20 -26.35 -30.04 23.13
C GLU B 20 -25.87 -28.64 22.71
N ILE B 21 -26.76 -27.90 22.07
CA ILE B 21 -26.47 -26.54 21.62
C ILE B 21 -27.20 -25.58 22.54
N GLU B 22 -26.47 -24.91 23.41
CA GLU B 22 -27.09 -24.13 24.47
C GLU B 22 -26.32 -22.88 24.85
N GLY B 23 -27.06 -21.91 25.36
CA GLY B 23 -26.48 -20.68 25.84
C GLY B 23 -27.48 -19.53 25.81
N PRO B 24 -27.04 -18.34 26.25
CA PRO B 24 -25.68 -18.07 26.73
C PRO B 24 -25.40 -18.72 28.10
N VAL B 25 -24.23 -19.34 28.23
CA VAL B 25 -23.87 -20.05 29.46
C VAL B 25 -23.17 -19.10 30.42
N THR B 26 -23.44 -19.27 31.71
CA THR B 26 -22.81 -18.44 32.73
C THR B 26 -21.34 -18.78 32.87
N SER B 27 -20.56 -17.79 33.30
CA SER B 27 -19.14 -17.95 33.46
C SER B 27 -18.84 -19.04 34.50
N GLN B 28 -19.74 -19.19 35.48
CA GLN B 28 -19.59 -20.17 36.55
C GLN B 28 -19.70 -21.61 36.00
N ILE B 29 -20.72 -21.83 35.18
CA ILE B 29 -20.98 -23.14 34.61
C ILE B 29 -19.97 -23.49 33.50
N LEU B 30 -19.59 -22.50 32.68
CA LEU B 30 -18.58 -22.70 31.61
C LEU B 30 -17.27 -23.22 32.18
N ALA B 31 -16.89 -22.71 33.35
CA ALA B 31 -15.65 -23.10 34.00
C ALA B 31 -15.64 -24.60 34.34
N THR B 32 -16.82 -25.16 34.60
CA THR B 32 -16.93 -26.57 34.99
C THR B 32 -16.77 -27.53 33.81
N TYR B 33 -17.01 -27.03 32.59
CA TYR B 33 -16.85 -27.84 31.39
C TYR B 33 -15.39 -27.90 30.95
N LYS B 34 -15.07 -28.86 30.09
CA LYS B 34 -13.71 -29.01 29.55
C LYS B 34 -13.74 -28.78 28.05
N LEU B 35 -12.82 -27.95 27.55
CA LEU B 35 -12.76 -27.63 26.12
C LEU B 35 -12.03 -28.73 25.36
N ASP B 36 -12.62 -29.18 24.26
CA ASP B 36 -12.03 -30.22 23.42
C ASP B 36 -10.66 -29.75 22.91
N PRO B 37 -9.64 -30.65 22.97
CA PRO B 37 -8.29 -30.26 22.56
C PRO B 37 -8.20 -29.75 21.12
N GLY B 38 -9.18 -30.11 20.28
CA GLY B 38 -9.15 -29.75 18.86
C GLY B 38 -9.60 -28.32 18.53
N LEU B 39 -9.90 -27.53 19.57
CA LEU B 39 -10.35 -26.14 19.37
C LEU B 39 -9.20 -25.15 19.61
N THR B 40 -8.21 -25.17 18.71
CA THR B 40 -7.00 -24.34 18.88
C THR B 40 -6.67 -23.52 17.62
N ALA B 41 -7.69 -22.83 17.09
CA ALA B 41 -7.50 -21.96 15.92
C ALA B 41 -7.03 -20.56 16.35
N PHE B 42 -7.33 -20.20 17.60
CA PHE B 42 -6.98 -18.85 18.13
C PHE B 42 -5.99 -18.94 19.28
N ARG B 43 -6.27 -19.84 20.24
CA ARG B 43 -5.36 -20.08 21.36
C ARG B 43 -5.31 -21.58 21.65
N GLN B 44 -4.47 -21.97 22.60
CA GLN B 44 -4.45 -23.35 23.07
C GLN B 44 -5.73 -23.63 23.89
N PRO B 45 -6.02 -24.91 24.19
CA PRO B 45 -7.30 -25.26 24.86
C PRO B 45 -7.49 -24.59 26.24
N ALA B 46 -6.45 -24.65 27.08
CA ALA B 46 -6.54 -24.04 28.42
C ALA B 46 -6.71 -22.52 28.34
N GLU B 47 -5.98 -21.89 27.41
CA GLU B 47 -6.02 -20.43 27.25
C GLU B 47 -7.35 -19.95 26.65
N GLN B 48 -7.84 -20.70 25.67
CA GLN B 48 -9.11 -20.35 24.98
C GLN B 48 -10.29 -20.49 25.93
N HIS B 49 -10.29 -21.58 26.71
CA HIS B 49 -11.34 -21.81 27.71
C HIS B 49 -11.48 -20.59 28.63
N GLU B 50 -10.34 -20.12 29.16
CA GLU B 50 -10.32 -18.96 30.06
C GLU B 50 -10.90 -17.73 29.36
N ALA B 51 -10.62 -17.59 28.06
CA ALA B 51 -11.14 -16.49 27.27
C ALA B 51 -12.66 -16.53 27.18
N LEU B 52 -13.20 -17.72 26.98
CA LEU B 52 -14.67 -17.91 26.93
C LEU B 52 -15.30 -17.56 28.28
N VAL B 53 -14.67 -17.99 29.35
CA VAL B 53 -15.16 -17.69 30.67
C VAL B 53 -15.21 -16.16 30.89
N GLU B 54 -14.12 -15.48 30.55
CA GLU B 54 -14.06 -14.01 30.67
C GLU B 54 -15.18 -13.31 29.89
N ILE B 55 -15.48 -13.81 28.71
CA ILE B 55 -16.53 -13.21 27.87
C ILE B 55 -17.91 -13.38 28.48
N ALA B 56 -18.18 -14.56 29.04
CA ALA B 56 -19.47 -14.82 29.70
C ALA B 56 -19.65 -13.95 30.98
N ALA B 57 -18.54 -13.45 31.53
CA ALA B 57 -18.58 -12.59 32.72
C ALA B 57 -18.90 -11.11 32.37
N LEU B 58 -18.84 -10.77 31.08
CA LEU B 58 -19.14 -9.40 30.64
C LEU B 58 -20.65 -9.13 30.67
N GLU B 59 -21.01 -7.88 30.90
CA GLU B 59 -22.44 -7.47 30.91
C GLU B 59 -23.16 -7.90 29.64
N GLU B 60 -22.54 -7.64 28.48
CA GLU B 60 -23.16 -7.96 27.18
C GLU B 60 -22.66 -9.31 26.61
N GLY B 61 -21.69 -9.92 27.28
CA GLY B 61 -21.03 -11.12 26.76
C GLY B 61 -21.91 -12.37 26.72
N ARG B 62 -21.86 -13.08 25.59
CA ARG B 62 -22.63 -14.30 25.41
C ARG B 62 -21.75 -15.41 24.88
N ILE B 63 -21.95 -16.61 25.41
CA ILE B 63 -21.27 -17.79 24.91
C ILE B 63 -22.27 -18.92 24.73
N ILE B 64 -22.57 -19.24 23.48
CA ILE B 64 -23.39 -20.40 23.16
C ILE B 64 -22.46 -21.54 22.79
N ILE B 65 -22.73 -22.72 23.34
CA ILE B 65 -21.81 -23.86 23.21
C ILE B 65 -22.45 -25.08 22.57
N ALA B 66 -21.61 -25.90 21.95
CA ALA B 66 -22.00 -27.21 21.48
C ALA B 66 -21.28 -28.15 22.38
N ARG B 67 -22.03 -29.07 23.01
CA ARG B 67 -21.49 -29.86 24.12
C ARG B 67 -21.91 -31.32 24.07
N GLN B 68 -20.99 -32.20 24.47
CA GLN B 68 -21.29 -33.60 24.70
C GLN B 68 -20.79 -33.99 26.07
N GLY B 69 -21.71 -34.16 27.01
CA GLY B 69 -21.35 -34.44 28.39
C GLY B 69 -20.71 -33.22 29.01
N ASN B 70 -19.44 -33.35 29.41
CA ASN B 70 -18.74 -32.26 30.06
C ASN B 70 -17.81 -31.54 29.06
N ASP B 71 -17.88 -31.95 27.79
CA ASP B 71 -16.95 -31.48 26.76
C ASP B 71 -17.57 -30.48 25.83
N ILE B 72 -16.97 -29.30 25.76
CA ILE B 72 -17.34 -28.32 24.77
C ILE B 72 -16.60 -28.67 23.46
N ILE B 73 -17.36 -29.02 22.43
CA ILE B 73 -16.77 -29.39 21.14
C ILE B 73 -16.99 -28.30 20.06
N GLY B 74 -17.61 -27.20 20.46
CA GLY B 74 -17.86 -26.09 19.58
C GLY B 74 -18.48 -24.94 20.35
N TYR B 75 -18.33 -23.72 19.84
CA TYR B 75 -18.84 -22.53 20.53
C TYR B 75 -18.95 -21.33 19.59
N VAL B 76 -19.67 -20.31 20.04
CA VAL B 76 -19.75 -19.02 19.35
C VAL B 76 -19.81 -17.90 20.41
N THR B 77 -19.17 -16.78 20.11
CA THR B 77 -19.05 -15.66 21.07
C THR B 77 -19.72 -14.40 20.56
N PHE B 78 -20.26 -13.60 21.49
CA PHE B 78 -20.79 -12.26 21.18
C PHE B 78 -20.37 -11.29 22.26
N LEU B 79 -19.83 -10.14 21.86
CA LEU B 79 -19.43 -9.11 22.82
C LEU B 79 -19.30 -7.79 22.09
N TYR B 80 -19.00 -6.74 22.83
CA TYR B 80 -18.76 -5.44 22.21
C TYR B 80 -17.42 -5.44 21.50
N PRO B 81 -17.37 -4.85 20.29
CA PRO B 81 -16.13 -4.67 19.56
C PRO B 81 -15.04 -4.10 20.46
N ASP B 82 -13.81 -4.59 20.29
CA ASP B 82 -12.70 -4.13 21.09
C ASP B 82 -12.59 -2.62 20.97
N PRO B 83 -12.54 -1.91 22.12
CA PRO B 83 -12.38 -0.46 22.19
C PRO B 83 -11.31 0.10 21.26
N TYR B 84 -10.21 -0.64 21.11
CA TYR B 84 -9.09 -0.19 20.30
C TYR B 84 -9.02 -0.90 18.94
N GLU B 85 -10.19 -1.05 18.32
CA GLU B 85 -10.28 -1.61 16.99
C GLU B 85 -11.35 -0.85 16.21
N THR B 86 -11.40 -1.10 14.90
CA THR B 86 -12.18 -0.24 13.96
C THR B 86 -13.69 -0.19 14.22
N TRP B 87 -14.24 -1.24 14.82
CA TRP B 87 -15.70 -1.38 14.91
C TRP B 87 -16.34 -0.78 16.19
N SER B 88 -15.52 -0.13 17.03
CA SER B 88 -15.97 0.36 18.33
C SER B 88 -16.17 1.87 18.38
N GLU B 89 -15.73 2.57 17.35
CA GLU B 89 -15.86 4.05 17.31
C GLU B 89 -17.29 4.48 17.68
N GLY B 90 -17.41 5.61 18.37
CA GLY B 90 -18.72 6.18 18.68
C GLY B 90 -19.37 5.65 19.95
N ASN B 91 -18.84 4.56 20.49
CA ASN B 91 -19.35 4.02 21.75
C ASN B 91 -20.85 3.65 21.62
N ASN B 92 -21.22 2.99 20.52
CA ASN B 92 -22.64 2.67 20.25
C ASN B 92 -23.04 1.35 20.87
N PRO B 93 -24.05 1.38 21.75
CA PRO B 93 -24.45 0.21 22.51
C PRO B 93 -25.22 -0.83 21.71
N TYR B 94 -25.68 -0.47 20.50
CA TYR B 94 -26.47 -1.39 19.68
C TYR B 94 -25.63 -2.16 18.63
N ILE B 95 -24.31 -1.93 18.63
CA ILE B 95 -23.42 -2.67 17.75
C ILE B 95 -22.68 -3.74 18.54
N LEU B 96 -22.97 -5.00 18.21
CA LEU B 96 -22.42 -6.14 18.91
C LEU B 96 -21.56 -6.96 17.95
N GLU B 97 -20.47 -7.53 18.45
CA GLU B 97 -19.62 -8.36 17.60
C GLU B 97 -19.76 -9.83 17.93
N LEU B 98 -20.03 -10.63 16.89
CA LEU B 98 -19.85 -12.07 16.95
C LEU B 98 -18.34 -12.32 16.82
N GLY B 99 -17.68 -12.49 17.96
CA GLY B 99 -16.24 -12.63 17.96
C GLY B 99 -15.79 -13.77 17.11
N ALA B 100 -16.03 -14.98 17.58
CA ALA B 100 -15.58 -16.16 16.88
C ALA B 100 -16.54 -17.30 17.03
N ILE B 101 -16.56 -18.15 16.01
CA ILE B 101 -17.32 -19.38 16.03
C ILE B 101 -16.38 -20.51 15.62
N GLU B 102 -16.26 -21.53 16.46
CA GLU B 102 -15.33 -22.61 16.20
C GLU B 102 -15.95 -23.96 16.53
N VAL B 103 -15.70 -24.94 15.65
CA VAL B 103 -16.18 -26.31 15.84
C VAL B 103 -15.07 -27.30 15.59
N ALA B 104 -14.89 -28.23 16.52
CA ALA B 104 -13.86 -29.27 16.40
C ALA B 104 -13.95 -29.97 15.04
N ALA B 105 -12.81 -30.38 14.51
CA ALA B 105 -12.73 -30.91 13.15
C ALA B 105 -13.56 -32.19 12.92
N ARG B 106 -13.57 -33.09 13.89
CA ARG B 106 -14.27 -34.37 13.72
C ARG B 106 -15.81 -34.19 13.67
N PHE B 107 -16.29 -33.06 14.17
CA PHE B 107 -17.73 -32.74 14.10
C PHE B 107 -18.09 -31.94 12.83
N ARG B 108 -17.22 -32.00 11.82
CA ARG B 108 -17.43 -31.26 10.56
C ARG B 108 -18.52 -31.91 9.69
N GLY B 109 -19.25 -31.09 8.93
CA GLY B 109 -20.31 -31.56 8.06
C GLY B 109 -21.57 -31.95 8.80
N GLN B 110 -21.66 -31.55 10.07
CA GLN B 110 -22.81 -31.90 10.94
C GLN B 110 -23.68 -30.70 11.28
N GLN B 111 -23.37 -29.55 10.67
CA GLN B 111 -24.18 -28.34 10.82
C GLN B 111 -24.24 -27.83 12.25
N ILE B 112 -23.18 -28.06 13.00
CA ILE B 112 -23.10 -27.59 14.36
C ILE B 112 -23.02 -26.08 14.39
N GLY B 113 -22.19 -25.52 13.52
CA GLY B 113 -22.05 -24.07 13.42
C GLY B 113 -23.35 -23.42 13.07
N LYS B 114 -24.02 -23.98 12.08
CA LYS B 114 -25.34 -23.53 11.67
C LYS B 114 -26.33 -23.48 12.87
N LYS B 115 -26.34 -24.55 13.65
CA LYS B 115 -27.23 -24.65 14.81
C LYS B 115 -26.75 -23.77 15.95
N LEU B 116 -25.44 -23.58 16.02
CA LEU B 116 -24.83 -22.73 17.03
C LEU B 116 -25.34 -21.27 16.88
N LEU B 117 -25.39 -20.80 15.64
CA LEU B 117 -25.92 -19.47 15.34
C LEU B 117 -27.43 -19.41 15.59
N GLU B 118 -28.16 -20.46 15.20
CA GLU B 118 -29.62 -20.52 15.39
C GLU B 118 -29.99 -20.29 16.84
N VAL B 119 -29.35 -21.04 17.73
CA VAL B 119 -29.67 -20.95 19.15
C VAL B 119 -29.32 -19.55 19.73
N SER B 120 -28.23 -18.95 19.23
CA SER B 120 -27.86 -17.59 19.62
C SER B 120 -29.00 -16.60 19.38
N MSE B 121 -29.62 -16.70 18.21
CA MSE B 121 -30.64 -15.72 17.79
C MSE B 121 -32.05 -16.03 18.31
O MSE B 121 -33.01 -15.32 17.98
CB MSE B 121 -30.66 -15.63 16.27
CG MSE B 121 -29.30 -15.40 15.65
SE MSE B 121 -28.41 -13.87 16.40
CE MSE B 121 -26.57 -14.12 15.54
N LEU B 122 -32.20 -17.09 19.11
CA LEU B 122 -33.49 -17.41 19.71
C LEU B 122 -33.93 -16.30 20.70
N ASP B 123 -32.96 -15.69 21.38
CA ASP B 123 -33.23 -14.62 22.31
C ASP B 123 -33.71 -13.38 21.54
N PRO B 124 -34.96 -12.92 21.82
CA PRO B 124 -35.52 -11.74 21.15
C PRO B 124 -34.65 -10.49 21.28
N ALA B 125 -33.76 -10.48 22.29
CA ALA B 125 -32.85 -9.35 22.54
C ALA B 125 -31.91 -9.10 21.37
N MSE B 126 -31.63 -10.14 20.59
CA MSE B 126 -30.68 -10.03 19.46
C MSE B 126 -31.24 -9.17 18.29
O MSE B 126 -30.46 -8.64 17.49
CB MSE B 126 -30.30 -11.44 18.95
CG MSE B 126 -29.75 -12.38 20.04
SE MSE B 126 -28.10 -11.71 20.87
CE MSE B 126 -26.81 -12.62 19.79
N GLU B 127 -32.56 -9.01 18.23
CA GLU B 127 -33.19 -8.17 17.19
C GLU B 127 -32.93 -6.67 17.42
N HIS B 128 -32.46 -6.33 18.63
CA HIS B 128 -32.19 -4.93 18.98
C HIS B 128 -30.72 -4.54 18.75
N TYR B 129 -29.91 -5.51 18.29
CA TYR B 129 -28.50 -5.30 18.04
C TYR B 129 -28.17 -5.46 16.58
N LEU B 130 -27.18 -4.70 16.12
CA LEU B 130 -26.54 -4.95 14.83
C LEU B 130 -25.29 -5.80 15.12
N ILE B 131 -25.34 -7.08 14.74
CA ILE B 131 -24.25 -8.01 15.06
C ILE B 131 -23.33 -8.16 13.86
N LEU B 132 -22.08 -7.73 14.02
CA LEU B 132 -21.09 -7.82 12.97
C LEU B 132 -20.04 -8.85 13.32
N THR B 133 -19.30 -9.30 12.30
CA THR B 133 -18.28 -10.32 12.52
C THR B 133 -17.20 -10.20 11.47
N THR B 134 -15.97 -10.50 11.88
CA THR B 134 -14.82 -10.45 10.99
C THR B 134 -14.20 -11.81 10.85
N GLU B 135 -13.91 -12.19 9.61
CA GLU B 135 -13.30 -13.48 9.35
C GLU B 135 -12.10 -13.31 8.44
N TYR B 136 -10.95 -13.81 8.89
CA TYR B 136 -9.70 -13.76 8.12
C TYR B 136 -9.25 -15.17 7.75
N TYR B 137 -8.63 -15.30 6.58
CA TYR B 137 -8.26 -16.61 6.05
C TYR B 137 -7.18 -17.32 6.91
N TRP B 138 -6.36 -16.53 7.61
CA TRP B 138 -5.25 -17.09 8.40
C TRP B 138 -5.67 -17.81 9.69
N HIS B 139 -6.95 -17.69 10.07
CA HIS B 139 -7.52 -18.36 11.24
CA HIS B 139 -7.43 -18.45 11.24
C HIS B 139 -8.42 -19.55 10.85
N TRP B 140 -8.46 -19.87 9.54
CA TRP B 140 -9.29 -21.00 9.06
C TRP B 140 -8.46 -22.28 9.02
N ASP B 141 -9.05 -23.36 9.51
CA ASP B 141 -8.39 -24.66 9.50
C ASP B 141 -8.57 -25.32 8.13
N LEU B 142 -7.81 -24.85 7.15
CA LEU B 142 -7.91 -25.35 5.80
C LEU B 142 -7.35 -26.76 5.70
N LYS B 143 -6.11 -26.93 6.18
CA LYS B 143 -5.43 -28.25 6.14
C LYS B 143 -6.18 -29.32 6.95
N GLY B 144 -6.86 -28.90 8.01
CA GLY B 144 -7.64 -29.82 8.85
C GLY B 144 -9.04 -30.10 8.28
N SER B 145 -9.30 -29.58 7.08
CA SER B 145 -10.53 -29.91 6.35
C SER B 145 -10.25 -30.09 4.82
N GLY B 146 -8.96 -30.27 4.47
CA GLY B 146 -8.54 -30.45 3.05
C GLY B 146 -9.28 -29.54 2.08
N LEU B 147 -9.71 -28.39 2.57
CA LEU B 147 -10.57 -27.48 1.83
C LEU B 147 -9.77 -26.24 1.38
N SER B 148 -9.96 -25.81 0.13
CA SER B 148 -9.24 -24.64 -0.37
C SER B 148 -9.76 -23.39 0.31
N VAL B 149 -9.09 -22.29 0.07
CA VAL B 149 -9.45 -21.03 0.72
C VAL B 149 -10.84 -20.55 0.29
N TRP B 150 -11.15 -20.69 -1.00
CA TRP B 150 -12.40 -20.17 -1.55
C TRP B 150 -13.58 -21.10 -1.27
N ASP B 151 -13.32 -22.41 -1.25
CA ASP B 151 -14.34 -23.38 -0.83
C ASP B 151 -14.71 -23.14 0.63
N TYR B 152 -13.70 -22.91 1.46
CA TYR B 152 -13.93 -22.64 2.87
C TYR B 152 -14.76 -21.38 3.02
N ARG B 153 -14.36 -20.33 2.30
CA ARG B 153 -15.06 -19.05 2.36
C ARG B 153 -16.55 -19.18 1.96
N LYS B 154 -16.81 -19.89 0.88
CA LYS B 154 -18.18 -20.09 0.41
C LYS B 154 -19.03 -20.85 1.45
N ILE B 155 -18.45 -21.89 2.04
CA ILE B 155 -19.13 -22.70 3.05
C ILE B 155 -19.31 -21.92 4.34
N MSE B 156 -18.26 -21.21 4.76
CA MSE B 156 -18.33 -20.40 5.97
C MSE B 156 -19.37 -19.26 5.80
O MSE B 156 -20.09 -18.93 6.76
CB MSE B 156 -16.95 -19.84 6.32
CG MSE B 156 -16.95 -18.86 7.51
SE MSE B 156 -17.55 -17.03 7.02
CE MSE B 156 -16.09 -16.59 5.72
N GLU B 157 -19.48 -18.71 4.60
CA GLU B 157 -20.41 -17.63 4.36
C GLU B 157 -21.86 -18.11 4.42
N LYS B 158 -22.14 -19.26 3.80
CA LYS B 158 -23.50 -19.85 3.87
C LYS B 158 -23.88 -20.20 5.30
N MSE B 159 -22.90 -20.63 6.09
CA MSE B 159 -23.13 -20.91 7.48
C MSE B 159 -23.58 -19.64 8.19
O MSE B 159 -24.58 -19.64 8.91
CB MSE B 159 -21.85 -21.42 8.15
CG MSE B 159 -22.02 -21.71 9.61
SE MSE B 159 -20.39 -22.07 10.49
CE MSE B 159 -19.70 -20.29 10.65
N MSE B 160 -22.83 -18.57 7.99
CA MSE B 160 -23.15 -17.28 8.59
C MSE B 160 -24.52 -16.78 8.11
O MSE B 160 -25.30 -16.22 8.89
CB MSE B 160 -22.06 -16.23 8.24
CG MSE B 160 -20.71 -16.45 8.99
SE MSE B 160 -20.90 -16.36 10.95
CE MSE B 160 -18.98 -16.26 11.40
N ASN B 161 -24.80 -16.99 6.83
CA ASN B 161 -26.07 -16.60 6.26
C ASN B 161 -27.24 -17.20 7.02
N HIS B 162 -27.10 -18.44 7.48
CA HIS B 162 -28.18 -19.09 8.21
CA HIS B 162 -28.15 -19.11 8.23
C HIS B 162 -28.39 -18.44 9.59
N GLY B 163 -27.36 -17.77 10.10
CA GLY B 163 -27.48 -17.01 11.35
C GLY B 163 -28.06 -15.61 11.12
N GLY B 164 -28.27 -15.24 9.86
CA GLY B 164 -28.82 -13.94 9.51
C GLY B 164 -27.75 -12.92 9.08
N LEU B 165 -26.49 -13.32 9.15
CA LEU B 165 -25.38 -12.45 8.76
C LEU B 165 -25.23 -12.44 7.26
N VAL B 166 -24.98 -11.27 6.68
CA VAL B 166 -24.67 -11.18 5.22
C VAL B 166 -23.40 -10.38 4.98
N PHE B 167 -22.74 -10.63 3.86
CA PHE B 167 -21.52 -9.94 3.52
C PHE B 167 -21.74 -8.45 3.29
N PHE B 168 -20.83 -7.64 3.82
CA PHE B 168 -20.83 -6.21 3.57
C PHE B 168 -19.44 -5.77 3.11
N PRO B 169 -19.36 -5.01 1.99
CA PRO B 169 -18.09 -4.46 1.55
C PRO B 169 -17.49 -3.51 2.59
N THR B 170 -16.17 -3.43 2.64
CA THR B 170 -15.50 -2.55 3.57
C THR B 170 -14.14 -2.17 3.05
N ASP B 171 -13.67 -0.97 3.42
CA ASP B 171 -12.34 -0.52 3.05
C ASP B 171 -11.36 -0.71 4.22
N ASP B 172 -11.79 -1.48 5.22
CA ASP B 172 -10.94 -1.83 6.35
C ASP B 172 -9.66 -2.48 5.84
N PRO B 173 -8.48 -1.98 6.27
CA PRO B 173 -7.23 -2.44 5.68
C PRO B 173 -7.04 -3.96 5.82
N GLU B 174 -7.25 -4.46 7.04
CA GLU B 174 -7.05 -5.92 7.34
C GLU B 174 -7.87 -6.78 6.41
N ILE B 175 -9.18 -6.54 6.44
CA ILE B 175 -10.12 -7.32 5.65
C ILE B 175 -9.87 -7.12 4.14
N ALA B 176 -9.60 -5.88 3.73
CA ALA B 176 -9.37 -5.56 2.33
C ALA B 176 -8.04 -6.17 1.78
N SER B 177 -7.15 -6.57 2.70
CA SER B 177 -5.83 -7.09 2.29
C SER B 177 -5.90 -8.37 1.46
N HIS B 178 -7.01 -9.10 1.60
CA HIS B 178 -7.19 -10.37 0.92
C HIS B 178 -8.69 -10.56 0.61
N PRO B 179 -9.02 -10.84 -0.67
CA PRO B 179 -10.42 -10.93 -1.09
C PRO B 179 -11.23 -12.04 -0.38
N ALA B 180 -10.55 -13.05 0.17
CA ALA B 180 -11.22 -14.13 0.90
C ALA B 180 -11.73 -13.65 2.28
N ASN B 181 -11.03 -12.70 2.88
CA ASN B 181 -11.48 -12.13 4.14
C ASN B 181 -12.83 -11.44 3.94
N CYS B 182 -13.61 -11.28 5.01
CA CYS B 182 -14.88 -10.61 4.90
C CYS B 182 -15.40 -10.02 6.18
N LEU B 183 -16.20 -8.97 6.02
CA LEU B 183 -17.03 -8.44 7.08
C LEU B 183 -18.45 -8.91 6.78
N MSE B 184 -19.11 -9.42 7.78
CA MSE B 184 -20.52 -9.78 7.65
C MSE B 184 -21.27 -9.21 8.81
O MSE B 184 -20.69 -8.91 9.85
CB MSE B 184 -20.69 -11.29 7.60
CG MSE B 184 -19.93 -11.98 6.51
SE MSE B 184 -20.39 -13.82 6.41
CE MSE B 184 -19.10 -14.38 5.35
N ALA B 185 -22.57 -9.03 8.66
CA ALA B 185 -23.36 -8.45 9.72
C ALA B 185 -24.83 -8.81 9.64
N ARG B 186 -25.45 -8.92 10.80
CA ARG B 186 -26.86 -9.21 10.92
C ARG B 186 -27.55 -7.97 11.53
N ILE B 187 -28.41 -7.32 10.75
CA ILE B 187 -29.14 -6.16 11.23
C ILE B 187 -30.50 -6.59 11.81
N GLY B 188 -30.61 -6.58 13.14
CA GLY B 188 -31.83 -6.97 13.81
C GLY B 188 -33.04 -6.19 13.33
N LYS B 189 -34.21 -6.84 13.40
CA LYS B 189 -35.49 -6.25 12.93
C LYS B 189 -35.77 -4.90 13.58
N HIS B 190 -35.38 -4.76 14.84
CA HIS B 190 -35.71 -3.55 15.62
C HIS B 190 -34.56 -2.56 15.69
N VAL B 191 -33.50 -2.78 14.90
CA VAL B 191 -32.36 -1.88 14.89
C VAL B 191 -32.72 -0.58 14.19
N ALA B 192 -32.40 0.56 14.80
CA ALA B 192 -32.73 1.87 14.24
C ALA B 192 -31.79 2.22 13.06
N PRO B 193 -32.28 3.07 12.12
CA PRO B 193 -31.46 3.52 10.97
C PRO B 193 -30.15 4.24 11.37
N GLU B 194 -30.14 4.91 12.52
CA GLU B 194 -28.95 5.61 13.00
C GLU B 194 -27.82 4.63 13.29
N VAL B 195 -28.18 3.46 13.83
CA VAL B 195 -27.20 2.42 14.13
C VAL B 195 -26.62 1.86 12.84
N VAL B 196 -27.48 1.65 11.85
CA VAL B 196 -27.06 1.12 10.57
C VAL B 196 -26.17 2.14 9.84
N ALA B 197 -26.52 3.41 9.97
CA ALA B 197 -25.73 4.48 9.35
C ALA B 197 -24.35 4.52 9.97
N HIS B 198 -24.27 4.33 11.28
CA HIS B 198 -23.02 4.33 11.97
C HIS B 198 -22.16 3.16 11.50
N PHE B 199 -22.77 1.98 11.37
CA PHE B 199 -22.10 0.81 10.87
C PHE B 199 -21.53 1.04 9.46
N ASP B 200 -22.32 1.66 8.60
CA ASP B 200 -21.86 1.97 7.24
C ASP B 200 -20.67 2.93 7.27
N ALA B 201 -20.66 3.86 8.24
CA ALA B 201 -19.55 4.80 8.39
C ALA B 201 -18.29 4.09 8.92
N LEU B 202 -18.47 3.04 9.71
CA LEU B 202 -17.35 2.26 10.21
C LEU B 202 -16.70 1.43 9.11
N ARG B 203 -17.51 0.72 8.33
CA ARG B 203 -16.99 -0.18 7.31
C ARG B 203 -16.48 0.57 6.06
N LEU B 204 -16.99 1.78 5.82
CA LEU B 204 -16.50 2.60 4.70
C LEU B 204 -15.97 3.98 5.16
N ARG B 205 -14.67 4.05 5.44
CA ARG B 205 -14.06 5.28 5.99
C ARG B 205 -13.19 6.01 4.99
N ARG B 206 -13.57 5.90 3.71
CA ARG B 206 -12.97 6.72 2.62
C ARG B 206 -11.45 6.90 2.75
N ARG B 207 -10.70 5.95 2.19
CA ARG B 207 -9.23 5.95 2.33
C ARG B 207 -8.51 6.38 1.02
N PHE B 208 -7.41 7.12 1.17
CA PHE B 208 -6.71 7.69 0.03
C PHE B 208 -7.06 9.18 -0.09
N MSE B 209 -6.53 9.83 -1.13
CA MSE B 209 -6.78 11.26 -1.40
C MSE B 209 -6.52 12.14 -0.16
O MSE B 209 -5.71 13.07 -0.20
CB MSE B 209 -8.23 11.47 -1.89
N PHE C 3 42.91 -9.05 13.25
CA PHE C 3 43.82 -8.37 14.22
C PHE C 3 43.44 -8.71 15.67
N GLU C 4 44.40 -8.53 16.58
CA GLU C 4 44.17 -8.81 18.01
C GLU C 4 43.41 -7.65 18.67
N LYS C 5 42.90 -7.89 19.89
CA LYS C 5 42.13 -6.87 20.63
C LYS C 5 42.97 -6.23 21.73
N GLN C 6 42.55 -5.06 22.19
CA GLN C 6 43.28 -4.32 23.25
C GLN C 6 42.30 -3.53 24.11
N PHE C 7 42.28 -3.83 25.41
CA PHE C 7 41.42 -3.12 26.34
C PHE C 7 41.96 -1.73 26.61
N ASN C 8 41.07 -0.74 26.58
CA ASN C 8 41.44 0.61 26.90
C ASN C 8 40.38 1.25 27.79
N HIS C 9 40.76 2.31 28.50
CA HIS C 9 39.85 2.98 29.42
C HIS C 9 40.14 4.46 29.54
N ARG C 10 39.09 5.24 29.71
CA ARG C 10 39.21 6.66 29.98
C ARG C 10 38.11 7.07 30.98
N THR C 11 38.47 7.91 31.95
CA THR C 11 37.50 8.43 32.91
C THR C 11 36.82 9.67 32.32
N LEU C 12 35.49 9.69 32.36
CA LEU C 12 34.73 10.82 31.80
C LEU C 12 34.01 11.61 32.89
N GLU C 13 34.46 12.84 33.14
CA GLU C 13 33.81 13.71 34.12
C GLU C 13 32.51 14.26 33.55
N THR C 14 31.44 14.20 34.35
CA THR C 14 30.12 14.68 33.92
C THR C 14 29.39 15.33 35.08
N SER C 15 28.17 15.79 34.83
CA SER C 15 27.34 16.39 35.88
C SER C 15 26.71 15.33 36.79
N LEU C 16 26.81 14.05 36.39
CA LEU C 16 26.32 12.93 37.21
C LEU C 16 27.50 12.07 37.68
N GLY C 17 28.58 12.73 38.09
CA GLY C 17 29.77 12.03 38.56
C GLY C 17 30.63 11.54 37.42
N PRO C 18 31.77 10.92 37.75
CA PRO C 18 32.66 10.37 36.73
C PRO C 18 32.08 9.11 36.09
N VAL C 19 32.24 8.98 34.77
CA VAL C 19 31.73 7.83 34.03
C VAL C 19 32.89 7.06 33.41
N GLU C 20 33.09 5.83 33.89
CA GLU C 20 34.19 4.98 33.41
C GLU C 20 33.88 4.43 32.01
N ILE C 21 34.54 4.98 31.00
CA ILE C 21 34.32 4.56 29.62
C ILE C 21 35.44 3.64 29.20
N GLU C 22 35.11 2.36 29.00
CA GLU C 22 36.13 1.33 28.80
C GLU C 22 35.62 0.13 28.03
N GLY C 23 36.52 -0.50 27.29
CA GLY C 23 36.21 -1.70 26.54
C GLY C 23 37.30 -1.99 25.52
N PRO C 24 37.12 -3.07 24.71
CA PRO C 24 35.97 -3.99 24.78
C PRO C 24 35.97 -4.86 26.06
N VAL C 25 34.84 -4.89 26.75
CA VAL C 25 34.67 -5.70 27.96
C VAL C 25 34.18 -7.10 27.58
N THR C 26 34.86 -8.13 28.09
CA THR C 26 34.53 -9.52 27.75
C THR C 26 33.10 -9.87 28.15
N SER C 27 32.63 -11.03 27.67
CA SER C 27 31.26 -11.48 27.94
C SER C 27 31.05 -11.78 29.43
N GLN C 28 32.03 -12.44 30.05
CA GLN C 28 31.94 -12.79 31.47
C GLN C 28 31.83 -11.57 32.34
N ILE C 29 32.80 -10.66 32.21
CA ILE C 29 32.79 -9.43 32.98
C ILE C 29 31.56 -8.57 32.62
N LEU C 30 31.19 -8.58 31.34
CA LEU C 30 30.02 -7.83 30.86
C LEU C 30 28.70 -8.37 31.40
N ALA C 31 28.70 -9.65 31.80
CA ALA C 31 27.51 -10.29 32.38
C ALA C 31 27.38 -9.95 33.88
N THR C 32 28.49 -9.53 34.48
CA THR C 32 28.50 -9.17 35.91
C THR C 32 27.81 -7.83 36.14
N TYR C 33 27.79 -6.99 35.11
CA TYR C 33 27.14 -5.68 35.20
C TYR C 33 25.63 -5.80 34.99
N LYS C 34 24.94 -4.69 35.20
CA LYS C 34 23.50 -4.63 35.00
C LYS C 34 23.16 -3.36 34.26
N LEU C 35 22.41 -3.49 33.16
CA LEU C 35 22.00 -2.31 32.38
C LEU C 35 21.10 -1.42 33.21
N ASP C 36 20.83 -0.23 32.69
CA ASP C 36 19.92 0.70 33.32
C ASP C 36 18.45 0.10 33.25
N PRO C 37 17.41 0.95 33.20
CA PRO C 37 17.15 2.37 33.15
C PRO C 37 16.52 2.76 31.82
N GLY C 38 16.72 4.00 31.41
CA GLY C 38 16.19 4.48 30.14
C GLY C 38 17.02 3.97 28.97
N LEU C 39 16.83 2.70 28.62
CA LEU C 39 17.55 2.08 27.49
C LEU C 39 16.64 1.10 26.77
N THR C 40 15.51 1.60 26.26
CA THR C 40 14.51 0.74 25.61
C THR C 40 14.28 1.16 24.14
N ALA C 41 15.37 1.44 23.42
CA ALA C 41 15.28 1.77 21.99
C ALA C 41 15.36 0.48 21.17
N PHE C 42 16.39 -0.32 21.45
CA PHE C 42 16.53 -1.65 20.84
C PHE C 42 16.44 -2.73 21.93
N ARG C 43 15.22 -3.27 22.11
CA ARG C 43 14.93 -4.29 23.16
C ARG C 43 14.80 -3.64 24.55
N GLN C 44 13.98 -4.24 25.40
CA GLN C 44 13.86 -3.79 26.79
C GLN C 44 15.13 -4.19 27.55
N PRO C 45 15.51 -3.40 28.59
CA PRO C 45 16.74 -3.60 29.36
C PRO C 45 17.15 -5.07 29.56
N ALA C 46 16.22 -5.91 29.99
CA ALA C 46 16.50 -7.32 30.25
C ALA C 46 17.06 -8.03 29.01
N GLU C 47 16.42 -7.80 27.86
CA GLU C 47 16.81 -8.47 26.62
C GLU C 47 18.04 -7.81 25.99
N GLN C 48 18.13 -6.48 26.10
CA GLN C 48 19.26 -5.74 25.53
C GLN C 48 20.58 -6.09 26.23
N HIS C 49 20.50 -6.50 27.50
CA HIS C 49 21.68 -6.90 28.26
C HIS C 49 22.29 -8.17 27.65
N GLU C 50 21.46 -9.21 27.53
CA GLU C 50 21.91 -10.49 26.97
C GLU C 50 22.49 -10.30 25.58
N ALA C 51 21.88 -9.39 24.80
CA ALA C 51 22.33 -9.10 23.45
C ALA C 51 23.77 -8.60 23.45
N LEU C 52 24.09 -7.71 24.39
CA LEU C 52 25.44 -7.18 24.52
C LEU C 52 26.43 -8.28 24.84
N VAL C 53 25.99 -9.23 25.68
CA VAL C 53 26.86 -10.33 26.10
C VAL C 53 27.16 -11.27 24.92
N GLU C 54 26.16 -11.48 24.07
CA GLU C 54 26.32 -12.35 22.89
C GLU C 54 27.36 -11.78 21.93
N ILE C 55 27.30 -10.47 21.71
CA ILE C 55 28.22 -9.82 20.78
C ILE C 55 29.67 -9.95 21.26
N ALA C 56 29.89 -9.70 22.53
CA ALA C 56 31.22 -9.79 23.11
C ALA C 56 31.81 -11.20 22.98
N ALA C 57 30.93 -12.21 22.94
CA ALA C 57 31.37 -13.61 22.82
C ALA C 57 31.88 -13.96 21.41
N LEU C 58 31.53 -13.14 20.42
CA LEU C 58 31.91 -13.41 19.02
C LEU C 58 33.42 -13.21 18.80
N GLU C 59 33.94 -13.83 17.75
CA GLU C 59 35.37 -13.76 17.40
C GLU C 59 35.81 -12.32 17.09
N GLU C 60 34.91 -11.53 16.51
CA GLU C 60 35.24 -10.15 16.08
C GLU C 60 34.47 -9.10 16.87
N GLY C 61 33.37 -9.51 17.51
CA GLY C 61 32.49 -8.58 18.22
C GLY C 61 33.17 -7.80 19.33
N ARG C 62 32.70 -6.58 19.58
CA ARG C 62 33.24 -5.73 20.64
C ARG C 62 32.11 -4.97 21.33
N ILE C 63 32.26 -4.74 22.63
CA ILE C 63 31.29 -3.96 23.40
C ILE C 63 32.02 -3.02 24.34
N ILE C 64 32.08 -1.75 23.96
CA ILE C 64 32.63 -0.71 24.83
C ILE C 64 31.48 -0.14 25.64
N ILE C 65 31.73 0.11 26.94
CA ILE C 65 30.68 0.54 27.83
C ILE C 65 31.01 1.81 28.56
N ALA C 66 29.98 2.53 28.94
CA ALA C 66 30.10 3.65 29.87
C ALA C 66 29.37 3.23 31.14
N ARG C 67 30.10 3.13 32.24
CA ARG C 67 29.52 2.60 33.47
C ARG C 67 29.83 3.44 34.71
N GLN C 68 28.99 3.25 35.72
CA GLN C 68 29.21 3.81 37.04
C GLN C 68 29.01 2.70 38.05
N GLY C 69 30.12 2.16 38.56
CA GLY C 69 30.06 1.00 39.43
C GLY C 69 29.75 -0.26 38.62
N ASN C 70 28.63 -0.90 38.94
CA ASN C 70 28.19 -2.08 38.20
C ASN C 70 26.98 -1.76 37.30
N ASP C 71 26.76 -0.46 37.05
CA ASP C 71 25.61 -0.02 36.26
C ASP C 71 26.06 0.61 34.94
N ILE C 72 25.77 -0.09 33.83
CA ILE C 72 26.10 0.42 32.52
C ILE C 72 25.07 1.47 32.10
N ILE C 73 25.53 2.71 31.93
CA ILE C 73 24.64 3.82 31.55
C ILE C 73 24.70 4.08 30.03
N GLY C 74 25.59 3.39 29.32
CA GLY C 74 25.72 3.53 27.85
C GLY C 74 26.63 2.48 27.24
N TYR C 75 26.53 2.31 25.93
CA TYR C 75 27.35 1.31 25.23
C TYR C 75 27.44 1.55 23.73
N VAL C 76 28.42 0.89 23.11
CA VAL C 76 28.55 0.88 21.66
C VAL C 76 28.99 -0.52 21.21
N THR C 77 28.37 -1.02 20.14
CA THR C 77 28.63 -2.39 19.67
C THR C 77 29.39 -2.41 18.36
N PHE C 78 30.13 -3.48 18.14
CA PHE C 78 30.82 -3.71 16.89
C PHE C 78 30.71 -5.18 16.56
N LEU C 79 30.39 -5.48 15.30
CA LEU C 79 30.26 -6.87 14.84
C LEU C 79 30.16 -6.88 13.33
N TYR C 80 30.26 -8.07 12.73
CA TYR C 80 30.09 -8.20 11.30
C TYR C 80 28.64 -7.90 10.92
N PRO C 81 28.43 -7.27 9.75
CA PRO C 81 27.09 -6.92 9.24
C PRO C 81 26.10 -8.08 9.25
N ASP C 82 24.81 -7.76 9.26
CA ASP C 82 23.75 -8.77 9.32
C ASP C 82 23.75 -9.66 8.06
N PRO C 83 23.93 -10.99 8.26
CA PRO C 83 23.93 -11.97 7.16
C PRO C 83 22.74 -11.80 6.19
N TYR C 84 21.57 -11.39 6.70
CA TYR C 84 20.36 -11.27 5.87
C TYR C 84 20.28 -9.93 5.11
N GLU C 85 21.26 -9.05 5.31
CA GLU C 85 21.21 -7.71 4.71
C GLU C 85 22.33 -7.45 3.71
N THR C 86 22.18 -6.35 2.95
CA THR C 86 23.13 -5.98 1.88
C THR C 86 24.57 -5.80 2.36
N TRP C 87 24.73 -5.36 3.61
CA TRP C 87 26.05 -4.96 4.11
C TRP C 87 26.99 -6.15 4.41
N SER C 88 26.45 -7.37 4.36
CA SER C 88 27.22 -8.58 4.61
C SER C 88 27.72 -9.23 3.31
N GLU C 89 26.98 -9.00 2.23
CA GLU C 89 27.24 -9.66 0.93
C GLU C 89 28.73 -9.67 0.59
N GLY C 90 29.25 -10.87 0.30
CA GLY C 90 30.66 -11.04 -0.03
C GLY C 90 31.49 -11.40 1.20
N ASN C 91 30.85 -11.37 2.37
CA ASN C 91 31.53 -11.70 3.62
CA ASN C 91 31.52 -11.66 3.65
C ASN C 91 32.99 -11.23 3.66
N ASN C 92 33.19 -9.92 3.49
CA ASN C 92 34.54 -9.36 3.57
C ASN C 92 34.96 -9.24 5.04
N PRO C 93 36.09 -9.85 5.40
CA PRO C 93 36.52 -9.85 6.80
C PRO C 93 37.00 -8.48 7.32
N TYR C 94 37.31 -7.56 6.40
CA TYR C 94 37.81 -6.23 6.78
C TYR C 94 36.69 -5.17 6.91
N ILE C 95 35.45 -5.57 6.63
CA ILE C 95 34.32 -4.66 6.79
C ILE C 95 33.53 -5.00 8.05
N LEU C 96 33.69 -4.17 9.08
CA LEU C 96 33.01 -4.36 10.35
C LEU C 96 31.87 -3.36 10.42
N GLU C 97 30.91 -3.61 11.32
CA GLU C 97 29.80 -2.69 11.51
C GLU C 97 29.67 -2.23 12.95
N LEU C 98 29.53 -0.92 13.14
CA LEU C 98 29.13 -0.37 14.42
C LEU C 98 27.61 -0.56 14.50
N GLY C 99 27.18 -1.58 15.22
CA GLY C 99 25.76 -1.96 15.29
C GLY C 99 24.86 -0.89 15.86
N ALA C 100 25.18 -0.44 17.08
CA ALA C 100 24.38 0.56 17.74
C ALA C 100 25.17 1.26 18.83
N ILE C 101 24.75 2.48 19.13
CA ILE C 101 25.36 3.28 20.17
C ILE C 101 24.27 3.97 20.96
N GLU C 102 24.18 3.68 22.25
CA GLU C 102 23.08 4.19 23.07
C GLU C 102 23.57 4.70 24.44
N VAL C 103 22.97 5.80 24.89
CA VAL C 103 23.30 6.40 26.16
C VAL C 103 22.02 6.83 26.86
N ALA C 104 21.94 6.57 28.16
CA ALA C 104 20.75 6.93 28.95
C ALA C 104 20.39 8.42 28.75
N ALA C 105 19.09 8.69 28.70
CA ALA C 105 18.59 10.04 28.40
C ALA C 105 19.05 11.09 29.41
N ARG C 106 19.13 10.73 30.69
CA ARG C 106 19.56 11.69 31.72
C ARG C 106 21.05 12.05 31.57
N PHE C 107 21.82 11.17 30.94
CA PHE C 107 23.25 11.41 30.71
C PHE C 107 23.51 12.18 29.40
N ARG C 108 22.45 12.75 28.82
CA ARG C 108 22.55 13.50 27.57
C ARG C 108 23.36 14.78 27.74
N GLY C 109 24.02 15.20 26.68
CA GLY C 109 24.77 16.44 26.67
C GLY C 109 26.00 16.40 27.54
N GLN C 110 26.57 15.20 27.69
CA GLN C 110 27.78 15.00 28.48
C GLN C 110 28.90 14.37 27.65
N GLN C 111 28.79 14.50 26.33
CA GLN C 111 29.81 13.99 25.41
C GLN C 111 30.20 12.52 25.72
N ILE C 112 29.19 11.69 26.03
CA ILE C 112 29.44 10.30 26.34
C ILE C 112 29.67 9.48 25.09
N GLY C 113 28.71 9.55 24.15
CA GLY C 113 28.84 8.87 22.87
C GLY C 113 30.15 9.21 22.18
N LYS C 114 30.56 10.47 22.28
CA LYS C 114 31.82 10.94 21.68
C LYS C 114 33.03 10.19 22.27
N LYS C 115 33.02 9.98 23.59
CA LYS C 115 34.14 9.29 24.26
C LYS C 115 34.11 7.76 24.09
N LEU C 116 32.91 7.20 23.97
CA LEU C 116 32.78 5.75 23.68
C LEU C 116 33.46 5.42 22.37
N LEU C 117 33.24 6.27 21.36
CA LEU C 117 33.88 6.10 20.07
C LEU C 117 35.40 6.26 20.18
N GLU C 118 35.86 7.31 20.87
CA GLU C 118 37.29 7.54 21.08
C GLU C 118 37.98 6.29 21.62
N VAL C 119 37.42 5.75 22.71
CA VAL C 119 38.00 4.58 23.38
C VAL C 119 37.92 3.34 22.48
N SER C 120 36.88 3.25 21.68
CA SER C 120 36.77 2.15 20.73
C SER C 120 37.92 2.20 19.72
N MSE C 121 38.29 3.42 19.31
CA MSE C 121 39.35 3.62 18.31
C MSE C 121 40.76 3.76 18.93
O MSE C 121 41.69 4.18 18.26
CB MSE C 121 39.05 4.88 17.46
CG MSE C 121 37.64 4.91 16.86
SE MSE C 121 37.21 3.32 15.90
CE MSE C 121 35.36 3.62 15.62
N LEU C 122 40.89 3.43 20.21
CA LEU C 122 42.22 3.44 20.86
C LEU C 122 43.03 2.23 20.44
N ASP C 123 42.35 1.17 20.04
CA ASP C 123 43.00 -0.04 19.56
C ASP C 123 43.45 0.17 18.11
N PRO C 124 44.78 0.05 17.86
CA PRO C 124 45.32 0.17 16.49
C PRO C 124 44.69 -0.82 15.50
N ALA C 125 44.12 -1.92 16.01
CA ALA C 125 43.48 -2.93 15.17
C ALA C 125 42.32 -2.33 14.38
N MSE C 126 41.73 -1.26 14.91
CA MSE C 126 40.62 -0.61 14.26
C MSE C 126 41.05 0.05 12.94
O MSE C 126 40.23 0.26 12.06
CB MSE C 126 40.00 0.43 15.20
CG MSE C 126 39.44 -0.16 16.51
SE MSE C 126 37.92 -1.42 16.25
CE MSE C 126 38.84 -2.92 15.82
N GLU C 127 42.34 0.35 12.82
CA GLU C 127 42.88 0.96 11.58
C GLU C 127 42.96 -0.05 10.43
N HIS C 128 42.75 -1.33 10.74
CA HIS C 128 42.77 -2.38 9.72
C HIS C 128 41.39 -2.66 9.16
N TYR C 129 40.35 -2.12 9.81
CA TYR C 129 38.94 -2.38 9.41
C TYR C 129 38.30 -1.17 8.77
N LEU C 130 37.30 -1.43 7.94
CA LEU C 130 36.42 -0.40 7.44
C LEU C 130 35.12 -0.52 8.21
N ILE C 131 34.89 0.39 9.15
CA ILE C 131 33.73 0.33 10.02
C ILE C 131 32.58 1.15 9.45
N LEU C 132 31.42 0.52 9.28
CA LEU C 132 30.23 1.22 8.82
C LEU C 132 29.14 1.17 9.87
N THR C 133 28.17 2.06 9.75
CA THR C 133 27.04 2.11 10.67
C THR C 133 25.82 2.60 9.93
N THR C 134 24.67 2.10 10.34
CA THR C 134 23.42 2.56 9.80
C THR C 134 22.62 3.22 10.91
N GLU C 135 22.00 4.34 10.59
CA GLU C 135 21.14 5.03 11.52
C GLU C 135 19.85 5.41 10.82
N TYR C 136 18.73 5.13 11.47
CA TYR C 136 17.44 5.43 10.91
C TYR C 136 16.66 6.32 11.86
N TYR C 137 15.83 7.19 11.28
CA TYR C 137 15.06 8.16 12.06
C TYR C 137 14.04 7.47 12.94
N TRP C 138 13.60 6.29 12.53
CA TRP C 138 12.50 5.58 13.23
C TRP C 138 12.92 4.94 14.55
N HIS C 139 14.20 5.00 14.90
CA HIS C 139 14.64 4.45 16.18
C HIS C 139 15.35 5.48 17.09
N TRP C 140 15.32 6.75 16.70
CA TRP C 140 15.88 7.80 17.53
C TRP C 140 14.91 8.20 18.62
N ASP C 141 15.45 8.51 19.80
CA ASP C 141 14.63 8.94 20.94
C ASP C 141 14.54 10.45 20.94
N LEU C 142 13.54 10.97 20.24
CA LEU C 142 13.38 12.41 20.10
C LEU C 142 12.80 13.04 21.37
N LYS C 143 11.77 12.40 21.95
CA LYS C 143 11.14 12.91 23.19
C LYS C 143 12.14 12.97 24.34
N GLY C 144 12.87 11.88 24.56
CA GLY C 144 13.86 11.82 25.65
C GLY C 144 15.10 12.65 25.41
N SER C 145 15.34 13.00 24.15
CA SER C 145 16.50 13.83 23.78
C SER C 145 16.11 15.30 23.71
N GLY C 146 14.83 15.57 23.47
CA GLY C 146 14.33 16.93 23.31
C GLY C 146 14.76 17.53 21.99
N LEU C 147 15.10 16.67 21.03
CA LEU C 147 15.56 17.12 19.72
C LEU C 147 14.54 16.82 18.61
N SER C 148 14.48 17.70 17.61
CA SER C 148 13.69 17.45 16.40
C SER C 148 14.47 16.48 15.52
N VAL C 149 13.89 16.06 14.40
CA VAL C 149 14.51 15.04 13.58
C VAL C 149 15.87 15.52 13.02
N TRP C 150 15.89 16.73 12.46
CA TRP C 150 17.11 17.22 11.81
C TRP C 150 18.15 17.66 12.79
N ASP C 151 17.70 18.22 13.92
CA ASP C 151 18.61 18.59 15.01
C ASP C 151 19.30 17.37 15.54
N TYR C 152 18.53 16.31 15.71
CA TYR C 152 19.07 15.04 16.18
C TYR C 152 20.10 14.51 15.18
N ARG C 153 19.73 14.53 13.91
CA ARG C 153 20.63 14.05 12.87
C ARG C 153 21.97 14.80 12.88
N LYS C 154 21.90 16.14 12.93
CA LYS C 154 23.11 16.97 12.90
C LYS C 154 24.00 16.66 14.09
N ILE C 155 23.39 16.49 15.26
CA ILE C 155 24.14 16.18 16.48
C ILE C 155 24.72 14.78 16.44
N MSE C 156 23.89 13.82 16.03
CA MSE C 156 24.30 12.44 15.93
C MSE C 156 25.46 12.29 14.93
O MSE C 156 26.39 11.52 15.16
CB MSE C 156 23.12 11.56 15.52
CG MSE C 156 23.48 10.08 15.24
SE MSE C 156 24.18 9.77 13.45
CE MSE C 156 22.64 10.22 12.46
N GLU C 157 25.40 13.05 13.84
CA GLU C 157 26.41 12.98 12.82
C GLU C 157 27.77 13.51 13.33
N LYS C 158 27.75 14.66 14.01
CA LYS C 158 28.98 15.24 14.56
C LYS C 158 29.59 14.32 15.63
N MSE C 159 28.73 13.62 16.36
CA MSE C 159 29.18 12.63 17.32
C MSE C 159 29.97 11.56 16.62
O MSE C 159 31.10 11.25 17.01
CB MSE C 159 27.98 11.99 18.03
CG MSE C 159 28.36 10.86 19.00
SE MSE C 159 26.81 9.93 19.75
CE MSE C 159 26.12 9.10 18.11
N MSE C 160 29.36 10.98 15.58
CA MSE C 160 30.01 9.90 14.82
C MSE C 160 31.28 10.40 14.13
O MSE C 160 32.27 9.66 14.02
CB MSE C 160 29.02 9.32 13.80
CG MSE C 160 27.77 8.64 14.42
SE MSE C 160 28.10 6.84 15.16
CE MSE C 160 26.29 6.15 15.06
N ASN C 161 31.28 11.67 13.69
CA ASN C 161 32.47 12.27 13.08
C ASN C 161 33.67 12.25 14.03
N HIS C 162 33.42 12.43 15.32
CA HIS C 162 34.49 12.39 16.32
C HIS C 162 35.12 10.98 16.41
N GLY C 163 34.32 9.96 16.10
CA GLY C 163 34.83 8.58 16.07
C GLY C 163 35.52 8.23 14.75
N GLY C 164 35.50 9.16 13.80
CA GLY C 164 36.15 8.95 12.49
C GLY C 164 35.18 8.53 11.39
N LEU C 165 33.92 8.34 11.74
CA LEU C 165 32.90 7.94 10.75
C LEU C 165 32.36 9.16 10.02
N VAL C 166 32.23 9.04 8.70
CA VAL C 166 31.70 10.13 7.86
C VAL C 166 30.56 9.64 6.98
N PHE C 167 29.67 10.55 6.63
CA PHE C 167 28.50 10.22 5.81
C PHE C 167 28.89 9.74 4.41
N PHE C 168 28.23 8.68 3.95
CA PHE C 168 28.41 8.16 2.59
C PHE C 168 27.05 8.00 1.91
N PRO C 169 26.91 8.51 0.67
CA PRO C 169 25.69 8.28 -0.08
C PRO C 169 25.45 6.79 -0.31
N THR C 170 24.19 6.40 -0.43
CA THR C 170 23.85 5.02 -0.73
C THR C 170 22.50 4.94 -1.40
N ASP C 171 22.33 3.90 -2.20
CA ASP C 171 21.05 3.65 -2.86
C ASP C 171 20.27 2.55 -2.15
N ASP C 172 20.73 2.17 -0.94
CA ASP C 172 20.02 1.19 -0.12
C ASP C 172 18.60 1.68 0.13
N PRO C 173 17.59 0.85 -0.21
CA PRO C 173 16.19 1.23 -0.09
C PRO C 173 15.80 1.77 1.29
N GLU C 174 16.21 1.07 2.35
CA GLU C 174 15.84 1.45 3.73
C GLU C 174 16.36 2.81 4.08
N ILE C 175 17.66 2.99 3.92
CA ILE C 175 18.31 4.25 4.22
C ILE C 175 17.79 5.36 3.31
N ALA C 176 17.63 5.05 2.03
CA ALA C 176 17.18 6.03 1.05
C ALA C 176 15.73 6.48 1.26
N SER C 177 14.97 5.72 2.05
CA SER C 177 13.53 5.99 2.22
C SER C 177 13.23 7.32 2.93
N HIS C 178 14.22 7.87 3.63
CA HIS C 178 14.05 9.13 4.36
C HIS C 178 15.40 9.84 4.42
N PRO C 179 15.42 11.16 4.15
CA PRO C 179 16.68 11.92 4.07
C PRO C 179 17.43 12.01 5.37
N ALA C 180 16.72 11.83 6.48
CA ALA C 180 17.34 11.88 7.80
C ALA C 180 18.21 10.65 8.06
N ASN C 181 17.81 9.50 7.50
CA ASN C 181 18.60 8.27 7.63
C ASN C 181 19.96 8.47 7.00
N CYS C 182 20.93 7.70 7.43
CA CYS C 182 22.22 7.75 6.79
C CYS C 182 23.13 6.55 7.02
N LEU C 183 24.01 6.35 6.06
CA LEU C 183 25.08 5.42 6.15
C LEU C 183 26.34 6.21 6.41
N MSE C 184 27.10 5.78 7.39
CA MSE C 184 28.36 6.42 7.68
C MSE C 184 29.42 5.35 7.86
O MSE C 184 29.10 4.21 8.13
CB MSE C 184 28.24 7.24 8.95
CG MSE C 184 27.43 8.49 8.78
SE MSE C 184 27.22 9.47 10.42
CE MSE C 184 26.40 8.25 11.29
N ALA C 185 30.68 5.73 7.67
CA ALA C 185 31.76 4.75 7.76
C ALA C 185 33.11 5.36 8.06
N ARG C 186 33.93 4.59 8.79
CA ARG C 186 35.28 4.99 9.12
C ARG C 186 36.26 4.05 8.40
N ILE C 187 37.01 4.58 7.44
CA ILE C 187 37.97 3.80 6.70
C ILE C 187 39.34 3.87 7.40
N GLY C 188 39.71 2.77 8.06
CA GLY C 188 40.98 2.70 8.78
C GLY C 188 42.16 3.03 7.89
N LYS C 189 43.21 3.62 8.50
CA LYS C 189 44.40 4.06 7.76
C LYS C 189 45.11 2.92 7.03
N HIS C 190 44.95 1.69 7.54
CA HIS C 190 45.62 0.52 6.93
C HIS C 190 44.67 -0.32 6.06
N VAL C 191 43.46 0.19 5.81
CA VAL C 191 42.48 -0.54 4.98
C VAL C 191 42.90 -0.50 3.52
N ALA C 192 42.88 -1.66 2.87
CA ALA C 192 43.29 -1.76 1.48
C ALA C 192 42.21 -1.18 0.54
N PRO C 193 42.62 -0.71 -0.66
CA PRO C 193 41.69 -0.17 -1.66
C PRO C 193 40.60 -1.16 -2.09
N GLU C 194 40.93 -2.45 -2.06
CA GLU C 194 39.98 -3.50 -2.45
C GLU C 194 38.80 -3.56 -1.49
N VAL C 195 39.06 -3.32 -0.21
CA VAL C 195 38.01 -3.30 0.80
C VAL C 195 37.12 -2.09 0.60
N VAL C 196 37.72 -0.96 0.28
CA VAL C 196 36.97 0.28 0.05
C VAL C 196 36.11 0.14 -1.20
N ALA C 197 36.66 -0.49 -2.23
CA ALA C 197 35.95 -0.70 -3.48
C ALA C 197 34.74 -1.60 -3.27
N HIS C 198 34.89 -2.59 -2.39
CA HIS C 198 33.79 -3.47 -2.09
C HIS C 198 32.70 -2.72 -1.33
N PHE C 199 33.11 -1.89 -0.39
CA PHE C 199 32.18 -1.05 0.36
C PHE C 199 31.39 -0.15 -0.58
N ASP C 200 32.07 0.44 -1.55
CA ASP C 200 31.42 1.28 -2.55
C ASP C 200 30.41 0.48 -3.34
N ALA C 201 30.74 -0.77 -3.62
CA ALA C 201 29.85 -1.67 -4.38
C ALA C 201 28.61 -2.03 -3.57
N LEU C 202 28.76 -2.09 -2.25
CA LEU C 202 27.64 -2.42 -1.36
C LEU C 202 26.68 -1.25 -1.21
N ARG C 203 27.23 -0.05 -1.01
CA ARG C 203 26.42 1.14 -0.78
C ARG C 203 25.77 1.66 -2.08
N LEU C 204 26.43 1.44 -3.20
CA LEU C 204 25.85 1.77 -4.51
C LEU C 204 25.60 0.48 -5.28
N ARG C 205 24.68 -0.32 -4.75
CA ARG C 205 24.32 -1.64 -5.32
C ARG C 205 23.59 -1.53 -6.67
N ARG C 206 22.89 -0.41 -6.89
CA ARG C 206 22.13 -0.19 -8.13
C ARG C 206 21.20 -1.39 -8.37
N ARG C 207 20.60 -1.89 -7.30
CA ARG C 207 19.85 -3.15 -7.33
C ARG C 207 18.60 -3.13 -8.25
N PHE C 208 18.08 -1.94 -8.55
CA PHE C 208 16.88 -1.84 -9.41
C PHE C 208 17.07 -0.88 -10.61
N MSE C 209 18.33 -0.68 -11.02
CA MSE C 209 18.67 0.26 -12.11
CA MSE C 209 18.61 0.31 -12.09
C MSE C 209 18.07 -0.17 -13.45
O MSE C 209 18.28 0.49 -14.48
CB MSE C 209 20.21 0.36 -12.25
CB MSE C 209 20.13 0.63 -12.17
CG MSE C 209 20.86 -0.82 -12.99
CG MSE C 209 20.46 1.96 -12.94
SE MSE C 209 22.83 -0.79 -12.96
SE MSE C 209 22.05 2.98 -12.19
CE MSE C 209 23.13 -2.17 -11.84
CE MSE C 209 22.12 4.46 -13.47
N TYR C 210 17.32 -1.28 -13.45
CA TYR C 210 16.67 -1.79 -14.65
C TYR C 210 15.13 -1.81 -14.48
N GLY D 1 -1.53 18.61 -35.78
CA GLY D 1 -2.14 18.20 -34.48
C GLY D 1 -2.70 19.38 -33.72
N MSE D 2 -3.38 20.27 -34.45
CA MSE D 2 -3.96 21.52 -33.89
C MSE D 2 -2.90 22.57 -33.55
O MSE D 2 -2.89 23.64 -34.14
CB MSE D 2 -4.86 21.24 -32.67
CG MSE D 2 -5.26 22.50 -31.90
SE MSE D 2 -7.09 22.42 -31.15
CE MSE D 2 -6.66 22.96 -29.29
N PHE D 3 -2.00 22.27 -32.61
CA PHE D 3 -0.91 23.19 -32.27
C PHE D 3 0.29 22.96 -33.18
N GLU D 4 0.89 24.05 -33.66
CA GLU D 4 2.14 23.97 -34.35
C GLU D 4 3.21 23.86 -33.26
N LYS D 5 4.37 23.35 -33.63
CA LYS D 5 5.46 23.22 -32.69
C LYS D 5 6.44 24.39 -32.89
N GLN D 6 6.27 25.42 -32.07
CA GLN D 6 7.03 26.67 -32.23
C GLN D 6 8.46 26.46 -31.89
N PHE D 7 9.35 26.72 -32.86
CA PHE D 7 10.78 26.63 -32.62
C PHE D 7 11.24 27.81 -31.78
N ASN D 8 12.01 27.53 -30.75
CA ASN D 8 12.54 28.55 -29.88
C ASN D 8 13.98 28.22 -29.56
N HIS D 9 14.80 29.26 -29.36
CA HIS D 9 16.23 29.05 -29.12
C HIS D 9 16.75 29.97 -28.05
N ARG D 10 17.73 29.47 -27.29
CA ARG D 10 18.46 30.30 -26.35
C ARG D 10 19.86 29.76 -26.27
N THR D 11 20.83 30.64 -26.04
CA THR D 11 22.18 30.24 -25.83
C THR D 11 22.49 30.29 -24.34
N LEU D 12 23.14 29.26 -23.84
CA LEU D 12 23.50 29.20 -22.42
C LEU D 12 25.01 29.15 -22.28
N GLU D 13 25.55 30.06 -21.48
CA GLU D 13 26.98 30.05 -21.20
C GLU D 13 27.29 28.96 -20.21
N THR D 14 28.34 28.20 -20.48
CA THR D 14 28.79 27.15 -19.57
C THR D 14 30.29 27.16 -19.56
N SER D 15 30.88 26.48 -18.58
CA SER D 15 32.34 26.45 -18.45
C SER D 15 33.00 25.66 -19.58
N LEU D 16 32.20 24.94 -20.37
CA LEU D 16 32.70 24.19 -21.52
C LEU D 16 32.31 24.87 -22.85
N GLY D 17 31.82 26.12 -22.76
CA GLY D 17 31.46 26.90 -23.95
C GLY D 17 29.98 27.13 -24.05
N PRO D 18 29.56 28.04 -24.96
CA PRO D 18 28.14 28.31 -25.13
C PRO D 18 27.41 27.12 -25.73
N VAL D 19 26.27 26.77 -25.15
CA VAL D 19 25.48 25.66 -25.60
C VAL D 19 24.20 26.20 -26.21
N GLU D 20 23.81 25.66 -27.36
CA GLU D 20 22.58 26.09 -28.02
C GLU D 20 21.43 25.20 -27.59
N ILE D 21 20.44 25.81 -26.95
CA ILE D 21 19.30 25.08 -26.41
C ILE D 21 18.05 25.48 -27.21
N GLU D 22 17.54 24.54 -28.01
CA GLU D 22 16.54 24.88 -29.01
C GLU D 22 15.62 23.71 -29.36
N GLY D 23 14.42 24.03 -29.85
CA GLY D 23 13.49 23.04 -30.27
C GLY D 23 12.07 23.54 -30.19
N PRO D 24 11.10 22.68 -30.52
CA PRO D 24 11.33 21.29 -30.86
C PRO D 24 11.97 21.12 -32.24
N VAL D 25 12.99 20.25 -32.30
CA VAL D 25 13.75 20.01 -33.52
C VAL D 25 13.10 18.90 -34.35
N THR D 26 13.13 19.01 -35.67
CA THR D 26 12.50 18.03 -36.54
C THR D 26 13.36 16.79 -36.67
N SER D 27 12.71 15.68 -37.01
CA SER D 27 13.41 14.42 -37.23
C SER D 27 14.52 14.58 -38.26
N GLN D 28 14.21 15.26 -39.36
CA GLN D 28 15.16 15.48 -40.44
C GLN D 28 16.44 16.13 -39.93
N ILE D 29 16.29 17.24 -39.19
CA ILE D 29 17.43 17.94 -38.66
C ILE D 29 18.13 17.11 -37.58
N LEU D 30 17.33 16.48 -36.72
CA LEU D 30 17.88 15.64 -35.63
C LEU D 30 18.84 14.55 -36.13
N ALA D 31 18.50 13.96 -37.28
CA ALA D 31 19.28 12.85 -37.81
C ALA D 31 20.65 13.31 -38.31
N THR D 32 20.82 14.61 -38.52
CA THR D 32 22.09 15.15 -39.01
C THR D 32 23.08 15.46 -37.89
N TYR D 33 22.60 15.45 -36.64
CA TYR D 33 23.47 15.68 -35.49
C TYR D 33 24.07 14.38 -35.00
N LYS D 34 24.85 14.46 -33.94
CA LYS D 34 25.53 13.31 -33.38
C LYS D 34 25.44 13.39 -31.87
N LEU D 35 25.13 12.27 -31.23
CA LEU D 35 25.03 12.24 -29.77
C LEU D 35 26.37 12.08 -29.13
N ASP D 36 26.58 12.81 -28.05
CA ASP D 36 27.77 12.69 -27.27
C ASP D 36 27.85 11.27 -26.70
N PRO D 37 29.00 10.59 -26.87
CA PRO D 37 29.16 9.26 -26.28
C PRO D 37 28.77 9.23 -24.79
N GLY D 38 28.91 10.36 -24.11
CA GLY D 38 28.52 10.48 -22.71
C GLY D 38 27.03 10.33 -22.46
N LEU D 39 26.22 10.43 -23.53
CA LEU D 39 24.74 10.29 -23.39
C LEU D 39 24.30 8.81 -23.33
N THR D 40 24.91 8.07 -22.41
CA THR D 40 24.60 6.65 -22.23
C THR D 40 23.91 6.42 -20.86
N ALA D 41 22.63 6.77 -20.77
CA ALA D 41 21.87 6.61 -19.50
C ALA D 41 20.56 5.86 -19.71
N PHE D 42 19.69 6.40 -20.56
CA PHE D 42 18.42 5.75 -20.87
C PHE D 42 18.62 4.66 -21.90
N ARG D 43 19.55 4.91 -22.83
CA ARG D 43 19.84 3.95 -23.89
C ARG D 43 21.23 4.21 -24.45
N GLN D 44 21.72 3.28 -25.27
CA GLN D 44 23.00 3.44 -25.93
C GLN D 44 22.89 4.56 -27.00
N PRO D 45 23.96 5.41 -27.13
CA PRO D 45 23.92 6.58 -28.03
C PRO D 45 23.33 6.30 -29.42
N ALA D 46 23.87 5.29 -30.11
CA ALA D 46 23.38 4.93 -31.45
C ALA D 46 21.87 4.68 -31.45
N GLU D 47 21.36 4.06 -30.38
CA GLU D 47 19.95 3.69 -30.26
C GLU D 47 19.10 4.84 -29.71
N GLN D 48 19.65 5.60 -28.76
CA GLN D 48 18.93 6.73 -28.18
C GLN D 48 18.73 7.83 -29.22
N HIS D 49 19.74 8.03 -30.07
CA HIS D 49 19.62 8.99 -31.17
C HIS D 49 18.47 8.59 -32.08
N GLU D 50 18.38 7.29 -32.38
CA GLU D 50 17.29 6.75 -33.19
C GLU D 50 15.94 6.97 -32.49
N ALA D 51 15.94 6.85 -31.16
CA ALA D 51 14.72 7.06 -30.38
C ALA D 51 14.23 8.51 -30.46
N LEU D 52 15.17 9.46 -30.42
CA LEU D 52 14.85 10.90 -30.55
C LEU D 52 14.28 11.25 -31.90
N VAL D 53 14.81 10.65 -32.95
CA VAL D 53 14.34 10.92 -34.29
C VAL D 53 12.90 10.40 -34.46
N GLU D 54 12.58 9.29 -33.79
CA GLU D 54 11.24 8.70 -33.84
C GLU D 54 10.24 9.57 -33.10
N ILE D 55 10.66 10.06 -31.95
CA ILE D 55 9.79 10.87 -31.11
C ILE D 55 9.47 12.20 -31.79
N ALA D 56 10.47 12.81 -32.41
CA ALA D 56 10.28 14.05 -33.16
C ALA D 56 9.35 13.85 -34.34
N ALA D 57 9.22 12.61 -34.78
CA ALA D 57 8.37 12.28 -35.90
C ALA D 57 6.91 12.08 -35.46
N LEU D 58 6.69 11.84 -34.16
CA LEU D 58 5.34 11.65 -33.63
C LEU D 58 4.56 12.95 -33.74
N GLU D 59 3.26 12.83 -33.99
CA GLU D 59 2.39 14.00 -34.15
CA GLU D 59 2.36 13.98 -34.14
C GLU D 59 2.50 14.96 -32.97
N GLU D 60 2.59 14.44 -31.76
CA GLU D 60 2.65 15.26 -30.57
C GLU D 60 4.05 15.36 -29.98
N GLY D 61 4.97 14.57 -30.51
CA GLY D 61 6.30 14.48 -29.95
C GLY D 61 7.11 15.76 -30.10
N ARG D 62 8.01 16.00 -29.15
CA ARG D 62 8.85 17.18 -29.15
C ARG D 62 10.19 16.85 -28.55
N ILE D 63 11.25 17.21 -29.26
CA ILE D 63 12.59 17.07 -28.76
C ILE D 63 13.27 18.44 -28.73
N ILE D 64 13.69 18.85 -27.53
CA ILE D 64 14.46 20.06 -27.36
C ILE D 64 15.87 19.63 -26.97
N ILE D 65 16.88 20.19 -27.64
CA ILE D 65 18.26 19.72 -27.47
C ILE D 65 19.17 20.78 -26.93
N ALA D 66 20.23 20.34 -26.30
CA ALA D 66 21.35 21.19 -25.96
C ALA D 66 22.46 20.76 -26.88
N ARG D 67 23.04 21.73 -27.58
CA ARG D 67 23.89 21.42 -28.73
C ARG D 67 25.10 22.33 -28.82
N GLN D 68 26.27 21.73 -29.08
CA GLN D 68 27.49 22.47 -29.45
C GLN D 68 27.92 22.04 -30.85
N GLY D 69 27.62 22.88 -31.84
CA GLY D 69 27.91 22.53 -33.24
C GLY D 69 26.94 21.48 -33.76
N ASN D 70 27.46 20.34 -34.20
CA ASN D 70 26.62 19.23 -34.65
C ASN D 70 26.42 18.19 -33.54
N ASP D 71 26.99 18.45 -32.36
CA ASP D 71 26.99 17.49 -31.28
C ASP D 71 25.94 17.82 -30.24
N ILE D 72 25.01 16.88 -30.04
CA ILE D 72 23.99 17.00 -29.00
C ILE D 72 24.56 16.48 -27.68
N ILE D 73 24.59 17.34 -26.67
CA ILE D 73 25.15 16.99 -25.36
C ILE D 73 24.05 16.89 -24.27
N GLY D 74 22.82 17.21 -24.65
CA GLY D 74 21.70 17.11 -23.75
C GLY D 74 20.42 17.18 -24.53
N TYR D 75 19.33 16.70 -23.94
CA TYR D 75 18.02 16.75 -24.61
C TYR D 75 16.92 16.52 -23.62
N VAL D 76 15.70 16.84 -24.03
CA VAL D 76 14.51 16.54 -23.23
C VAL D 76 13.38 16.15 -24.18
N THR D 77 12.56 15.18 -23.77
CA THR D 77 11.55 14.59 -24.67
C THR D 77 10.13 14.77 -24.16
N PHE D 78 9.18 14.89 -25.08
CA PHE D 78 7.76 14.97 -24.75
C PHE D 78 6.98 14.14 -25.71
N LEU D 79 6.11 13.29 -25.18
CA LEU D 79 5.25 12.48 -26.00
C LEU D 79 4.14 11.95 -25.14
N TYR D 80 3.10 11.41 -25.75
CA TYR D 80 2.04 10.81 -25.00
C TYR D 80 2.57 9.66 -24.10
N PRO D 81 1.94 9.48 -22.91
CA PRO D 81 2.26 8.36 -22.03
C PRO D 81 2.22 7.00 -22.76
N ASP D 82 3.14 6.12 -22.41
CA ASP D 82 3.23 4.80 -23.01
C ASP D 82 1.89 4.09 -22.89
N PRO D 83 1.34 3.62 -24.02
CA PRO D 83 0.11 2.82 -24.04
C PRO D 83 0.15 1.55 -23.16
N TYR D 84 1.34 1.16 -22.73
CA TYR D 84 1.49 0.01 -21.86
C TYR D 84 2.01 0.44 -20.51
N GLU D 85 1.52 1.59 -20.05
CA GLU D 85 1.74 2.05 -18.70
C GLU D 85 0.42 2.63 -18.11
N THR D 86 0.42 2.90 -16.82
CA THR D 86 -0.75 3.39 -16.12
C THR D 86 -1.23 4.75 -16.66
N TRP D 87 -0.28 5.62 -16.98
CA TRP D 87 -0.56 7.03 -17.20
C TRP D 87 -1.23 7.35 -18.57
N SER D 88 -1.53 6.32 -19.36
CA SER D 88 -2.09 6.52 -20.68
C SER D 88 -3.59 6.21 -20.75
N GLU D 89 -4.14 5.66 -19.66
CA GLU D 89 -5.51 5.20 -19.66
C GLU D 89 -6.51 6.32 -19.95
N GLY D 90 -7.45 6.04 -20.85
CA GLY D 90 -8.41 7.01 -21.30
C GLY D 90 -7.94 7.73 -22.55
N ASN D 91 -6.61 7.70 -22.78
CA ASN D 91 -6.00 8.33 -23.95
C ASN D 91 -6.35 9.81 -24.10
N ASN D 92 -6.25 10.55 -22.99
CA ASN D 92 -6.51 11.99 -23.01
C ASN D 92 -5.51 12.68 -23.93
N PRO D 93 -6.01 13.40 -24.94
CA PRO D 93 -5.14 14.04 -25.92
C PRO D 93 -4.36 15.28 -25.41
N TYR D 94 -4.62 15.71 -24.16
CA TYR D 94 -3.96 16.92 -23.61
C TYR D 94 -3.04 16.60 -22.45
N ILE D 95 -2.76 15.33 -22.25
CA ILE D 95 -1.83 14.92 -21.21
C ILE D 95 -0.57 14.35 -21.85
N LEU D 96 0.57 15.02 -21.62
CA LEU D 96 1.85 14.58 -22.18
C LEU D 96 2.74 14.07 -21.10
N GLU D 97 3.75 13.32 -21.49
CA GLU D 97 4.76 12.90 -20.59
C GLU D 97 6.12 13.44 -20.98
N LEU D 98 6.84 13.97 -20.01
CA LEU D 98 8.23 14.29 -20.18
C LEU D 98 8.96 12.95 -20.09
N GLY D 99 9.22 12.36 -21.25
CA GLY D 99 9.82 11.04 -21.31
C GLY D 99 11.15 10.94 -20.63
N ALA D 100 12.05 11.86 -20.94
CA ALA D 100 13.38 11.83 -20.37
C ALA D 100 14.11 13.13 -20.56
N ILE D 101 15.01 13.41 -19.65
CA ILE D 101 15.85 14.57 -19.72
C ILE D 101 17.23 14.13 -19.37
N GLU D 102 18.16 14.31 -20.30
CA GLU D 102 19.52 13.82 -20.11
C GLU D 102 20.55 14.84 -20.54
N VAL D 103 21.70 14.84 -19.84
CA VAL D 103 22.79 15.77 -20.09
C VAL D 103 24.14 15.07 -19.78
N ALA D 104 25.12 15.22 -20.66
CA ALA D 104 26.39 14.51 -20.53
C ALA D 104 27.11 14.85 -19.21
N ALA D 105 27.70 13.85 -18.58
CA ALA D 105 28.27 14.00 -17.24
C ALA D 105 29.11 15.28 -17.09
N ARG D 106 29.92 15.59 -18.08
CA ARG D 106 30.83 16.72 -17.99
C ARG D 106 30.12 18.08 -18.05
N PHE D 107 28.92 18.10 -18.64
CA PHE D 107 28.12 19.34 -18.72
C PHE D 107 27.16 19.49 -17.53
N ARG D 108 27.52 18.90 -16.40
CA ARG D 108 26.64 18.88 -15.26
C ARG D 108 26.95 20.03 -14.32
N GLY D 109 25.91 20.55 -13.66
CA GLY D 109 26.04 21.68 -12.77
C GLY D 109 26.16 22.97 -13.55
N GLN D 110 25.65 22.96 -14.78
CA GLN D 110 25.76 24.11 -15.65
C GLN D 110 24.38 24.65 -16.05
N GLN D 111 23.33 24.16 -15.38
CA GLN D 111 21.93 24.63 -15.58
C GLN D 111 21.35 24.28 -16.95
N ILE D 112 21.94 23.31 -17.62
CA ILE D 112 21.46 22.91 -18.95
C ILE D 112 20.08 22.31 -18.86
N GLY D 113 19.86 21.51 -17.82
CA GLY D 113 18.54 20.88 -17.57
C GLY D 113 17.44 21.91 -17.43
N LYS D 114 17.66 22.90 -16.57
CA LYS D 114 16.72 24.00 -16.36
C LYS D 114 16.39 24.75 -17.66
N LYS D 115 17.41 25.09 -18.45
CA LYS D 115 17.20 25.80 -19.75
C LYS D 115 16.54 24.89 -20.77
N LEU D 116 16.90 23.63 -20.74
CA LEU D 116 16.28 22.62 -21.59
C LEU D 116 14.74 22.69 -21.37
N LEU D 117 14.33 22.72 -20.09
CA LEU D 117 12.91 22.81 -19.75
C LEU D 117 12.36 24.17 -20.10
N GLU D 118 13.12 25.20 -19.71
CA GLU D 118 12.71 26.59 -19.94
C GLU D 118 12.36 26.85 -21.40
N VAL D 119 13.26 26.43 -22.29
CA VAL D 119 13.06 26.61 -23.72
C VAL D 119 11.88 25.76 -24.24
N SER D 120 11.65 24.59 -23.64
CA SER D 120 10.52 23.72 -24.06
C SER D 120 9.18 24.39 -23.76
N MSE D 121 9.16 25.19 -22.70
CA MSE D 121 7.91 25.83 -22.23
C MSE D 121 7.65 27.21 -22.86
O MSE D 121 6.65 27.84 -22.56
CB MSE D 121 7.92 25.95 -20.72
CG MSE D 121 8.12 24.65 -20.02
SE MSE D 121 6.74 23.29 -20.53
CE MSE D 121 7.71 21.67 -20.17
N LEU D 122 8.56 27.68 -23.74
CA LEU D 122 8.38 28.97 -24.43
C LEU D 122 7.22 28.92 -25.47
N ASP D 123 6.95 27.73 -26.03
CA ASP D 123 5.83 27.57 -27.00
C ASP D 123 4.52 27.67 -26.21
N PRO D 124 3.74 28.75 -26.45
CA PRO D 124 2.50 28.95 -25.72
C PRO D 124 1.56 27.73 -25.78
N ALA D 125 1.68 26.91 -26.84
CA ALA D 125 0.92 25.67 -26.97
C ALA D 125 0.99 24.84 -25.72
N MSE D 126 2.16 24.80 -25.12
CA MSE D 126 2.43 23.97 -23.95
C MSE D 126 1.56 24.32 -22.73
O MSE D 126 1.42 23.50 -21.82
CB MSE D 126 3.89 24.07 -23.58
CG MSE D 126 4.80 23.52 -24.65
SE MSE D 126 4.61 21.71 -24.78
CE MSE D 126 3.10 21.62 -26.31
N GLU D 127 0.98 25.52 -22.72
CA GLU D 127 0.03 25.94 -21.66
C GLU D 127 -1.34 25.26 -21.83
N HIS D 128 -1.53 24.56 -22.94
CA HIS D 128 -2.79 23.84 -23.20
C HIS D 128 -2.65 22.34 -22.88
N TYR D 129 -1.54 21.99 -22.22
CA TYR D 129 -1.25 20.61 -21.90
C TYR D 129 -0.95 20.42 -20.44
N LEU D 130 -1.35 19.25 -19.91
CA LEU D 130 -0.90 18.80 -18.62
C LEU D 130 0.27 17.87 -18.87
N ILE D 131 1.44 18.28 -18.42
CA ILE D 131 2.63 17.54 -18.68
C ILE D 131 3.12 16.88 -17.40
N LEU D 132 3.09 15.54 -17.38
CA LEU D 132 3.55 14.78 -16.20
C LEU D 132 4.88 14.10 -16.45
N THR D 133 5.58 13.74 -15.38
CA THR D 133 6.82 12.94 -15.47
C THR D 133 6.95 12.02 -14.24
N THR D 134 7.64 10.91 -14.43
CA THR D 134 7.86 9.95 -13.37
C THR D 134 9.35 9.79 -13.12
N GLU D 135 9.76 9.96 -11.88
CA GLU D 135 11.15 9.74 -11.50
C GLU D 135 11.24 8.60 -10.51
N TYR D 136 12.17 7.69 -10.75
CA TYR D 136 12.42 6.59 -9.84
C TYR D 136 13.87 6.66 -9.41
N TYR D 137 14.09 6.54 -8.12
CA TYR D 137 15.40 6.83 -7.55
C TYR D 137 16.46 5.79 -7.90
N TRP D 138 16.03 4.64 -8.41
CA TRP D 138 16.96 3.59 -8.79
C TRP D 138 17.55 3.84 -10.18
N HIS D 139 17.08 4.91 -10.84
CA HIS D 139 17.62 5.33 -12.13
C HIS D 139 18.64 6.47 -12.00
N TRP D 140 18.60 7.20 -10.90
CA TRP D 140 19.50 8.34 -10.71
C TRP D 140 20.96 7.93 -10.70
N ASP D 141 21.83 8.83 -11.21
CA ASP D 141 23.28 8.58 -11.27
C ASP D 141 23.96 9.10 -10.01
N LEU D 142 24.01 8.25 -9.00
CA LEU D 142 24.67 8.60 -7.75
C LEU D 142 26.16 8.44 -7.86
N LYS D 143 26.59 7.37 -8.54
CA LYS D 143 28.02 7.12 -8.77
C LYS D 143 28.66 8.31 -9.45
N GLY D 144 28.19 8.64 -10.64
CA GLY D 144 28.73 9.73 -11.40
C GLY D 144 28.56 11.05 -10.70
N SER D 145 27.32 11.35 -10.29
CA SER D 145 27.00 12.64 -9.65
C SER D 145 27.71 12.82 -8.31
N GLY D 146 27.93 11.72 -7.59
CA GLY D 146 28.56 11.78 -6.27
C GLY D 146 27.58 12.21 -5.16
N LEU D 147 26.31 12.31 -5.52
CA LEU D 147 25.31 12.83 -4.59
C LEU D 147 24.62 11.74 -3.84
N SER D 148 23.92 12.12 -2.78
CA SER D 148 23.06 11.20 -2.04
C SER D 148 21.72 11.15 -2.75
N VAL D 149 20.94 10.11 -2.45
CA VAL D 149 19.62 9.94 -3.03
C VAL D 149 18.79 11.19 -2.84
N TRP D 150 18.74 11.67 -1.62
CA TRP D 150 17.87 12.79 -1.28
C TRP D 150 18.38 14.12 -1.75
N ASP D 151 19.70 14.25 -1.83
CA ASP D 151 20.31 15.46 -2.43
C ASP D 151 20.01 15.52 -3.91
N TYR D 152 20.05 14.36 -4.57
CA TYR D 152 19.74 14.26 -5.96
C TYR D 152 18.27 14.63 -6.19
N ARG D 153 17.40 14.06 -5.36
CA ARG D 153 15.95 14.34 -5.42
C ARG D 153 15.68 15.83 -5.27
N LYS D 154 16.27 16.44 -4.25
CA LYS D 154 16.07 17.87 -3.99
C LYS D 154 16.47 18.70 -5.22
N ILE D 155 17.65 18.42 -5.76
CA ILE D 155 18.16 19.14 -6.94
C ILE D 155 17.31 18.89 -8.18
N MSE D 156 17.00 17.63 -8.42
CA MSE D 156 16.20 17.28 -9.57
C MSE D 156 14.84 17.92 -9.50
O MSE D 156 14.32 18.36 -10.50
CB MSE D 156 16.05 15.74 -9.68
CG MSE D 156 15.07 15.29 -10.79
SE MSE D 156 13.18 15.39 -10.25
CE MSE D 156 13.19 14.01 -8.94
N GLU D 157 14.28 18.01 -8.28
CA GLU D 157 12.96 18.59 -8.12
C GLU D 157 12.98 20.11 -8.40
N LYS D 158 13.98 20.81 -7.87
CA LYS D 158 14.10 22.26 -8.13
C LYS D 158 14.28 22.51 -9.62
N MSE D 159 15.02 21.61 -10.28
CA MSE D 159 15.24 21.71 -11.72
C MSE D 159 13.92 21.63 -12.48
O MSE D 159 13.66 22.43 -13.33
CB MSE D 159 16.16 20.56 -12.18
CG MSE D 159 16.62 20.67 -13.62
SE MSE D 159 17.27 18.96 -14.38
CE MSE D 159 18.85 18.47 -12.84
N MSE D 160 13.10 20.64 -12.14
CA MSE D 160 11.77 20.47 -12.72
C MSE D 160 10.85 21.65 -12.37
O MSE D 160 10.05 22.08 -13.21
CB MSE D 160 11.15 19.17 -12.22
CG MSE D 160 11.89 17.90 -12.68
SE MSE D 160 11.61 17.57 -14.58
CE MSE D 160 12.34 15.85 -14.71
N ASN D 161 10.96 22.18 -11.14
CA ASN D 161 10.16 23.34 -10.71
C ASN D 161 10.36 24.52 -11.65
N HIS D 162 11.59 24.70 -12.11
CA HIS D 162 11.93 25.75 -13.07
C HIS D 162 11.13 25.59 -14.37
N GLY D 163 10.82 24.35 -14.74
CA GLY D 163 10.01 24.05 -15.97
C GLY D 163 8.51 24.15 -15.70
N GLY D 164 8.14 24.43 -14.44
CA GLY D 164 6.73 24.56 -14.05
C GLY D 164 6.13 23.27 -13.52
N LEU D 165 6.93 22.22 -13.47
CA LEU D 165 6.49 20.93 -12.96
C LEU D 165 6.61 20.91 -11.45
N VAL D 166 5.55 20.45 -10.77
CA VAL D 166 5.57 20.37 -9.31
C VAL D 166 5.16 18.97 -8.84
N PHE D 167 5.60 18.60 -7.65
CA PHE D 167 5.33 17.28 -7.07
C PHE D 167 3.83 17.09 -6.82
N PHE D 168 3.34 15.90 -7.18
CA PHE D 168 1.97 15.49 -6.86
C PHE D 168 1.99 14.11 -6.22
N PRO D 169 1.26 13.96 -5.09
CA PRO D 169 1.16 12.65 -4.47
C PRO D 169 0.40 11.66 -5.35
N THR D 170 0.71 10.38 -5.20
CA THR D 170 0.06 9.35 -5.99
C THR D 170 0.09 8.01 -5.26
N ASP D 171 -0.87 7.15 -5.58
CA ASP D 171 -0.88 5.80 -5.05
C ASP D 171 -0.45 4.77 -6.10
N ASP D 172 0.18 5.23 -7.19
CA ASP D 172 0.78 4.36 -8.15
C ASP D 172 1.79 3.48 -7.44
N PRO D 173 1.63 2.15 -7.54
CA PRO D 173 2.51 1.22 -6.86
C PRO D 173 4.00 1.43 -7.10
N GLU D 174 4.42 1.65 -8.35
CA GLU D 174 5.85 1.78 -8.66
C GLU D 174 6.42 3.01 -8.00
N ILE D 175 5.78 4.14 -8.22
CA ILE D 175 6.21 5.40 -7.62
C ILE D 175 6.15 5.34 -6.09
N ALA D 176 5.06 4.77 -5.56
CA ALA D 176 4.86 4.69 -4.12
C ALA D 176 5.76 3.63 -3.43
N SER D 177 6.45 2.80 -4.21
CA SER D 177 7.32 1.77 -3.64
C SER D 177 8.55 2.35 -2.88
N HIS D 178 8.91 3.61 -3.16
CA HIS D 178 9.98 4.26 -2.46
C HIS D 178 9.75 5.77 -2.43
N PRO D 179 9.90 6.38 -1.26
CA PRO D 179 9.62 7.81 -1.07
C PRO D 179 10.46 8.78 -1.92
N ALA D 180 11.62 8.33 -2.42
CA ALA D 180 12.48 9.18 -3.27
C ALA D 180 11.90 9.33 -4.66
N ASN D 181 11.16 8.33 -5.13
CA ASN D 181 10.44 8.42 -6.42
C ASN D 181 9.42 9.53 -6.35
N CYS D 182 9.00 10.06 -7.50
CA CYS D 182 7.92 11.01 -7.51
C CYS D 182 7.25 11.19 -8.87
N LEU D 183 6.01 11.64 -8.80
CA LEU D 183 5.25 12.09 -9.93
C LEU D 183 5.23 13.62 -9.86
N MSE D 184 5.50 14.26 -10.98
CA MSE D 184 5.47 15.71 -11.05
C MSE D 184 4.69 16.11 -12.29
O MSE D 184 4.57 15.33 -13.22
CB MSE D 184 6.91 16.26 -11.10
CG MSE D 184 7.77 15.80 -9.89
SE MSE D 184 9.55 16.54 -9.87
CE MSE D 184 9.11 18.28 -9.56
N ALA D 185 4.10 17.30 -12.28
CA ALA D 185 3.31 17.74 -13.42
C ALA D 185 3.21 19.24 -13.54
N ARG D 186 3.10 19.69 -14.78
CA ARG D 186 2.89 21.06 -15.10
C ARG D 186 1.51 21.19 -15.71
N ILE D 187 0.61 21.91 -15.04
CA ILE D 187 -0.70 22.17 -15.58
C ILE D 187 -0.68 23.53 -16.30
N GLY D 188 -0.74 23.49 -17.62
CA GLY D 188 -0.73 24.70 -18.41
C GLY D 188 -1.88 25.62 -18.06
N LYS D 189 -1.67 26.91 -18.25
CA LYS D 189 -2.66 27.89 -17.81
C LYS D 189 -3.99 27.83 -18.60
N HIS D 190 -3.98 27.17 -19.77
CA HIS D 190 -5.22 27.03 -20.57
C HIS D 190 -5.80 25.60 -20.54
N VAL D 191 -5.29 24.77 -19.63
CA VAL D 191 -5.77 23.40 -19.47
C VAL D 191 -7.13 23.41 -18.76
N ALA D 192 -8.08 22.67 -19.32
CA ALA D 192 -9.46 22.64 -18.77
C ALA D 192 -9.53 21.82 -17.48
N PRO D 193 -10.50 22.13 -16.60
CA PRO D 193 -10.68 21.40 -15.33
C PRO D 193 -10.87 19.89 -15.53
N GLU D 194 -11.48 19.51 -16.67
CA GLU D 194 -11.75 18.11 -16.98
C GLU D 194 -10.46 17.33 -17.11
N VAL D 195 -9.47 17.94 -17.74
CA VAL D 195 -8.19 17.30 -17.95
C VAL D 195 -7.45 17.14 -16.61
N VAL D 196 -7.59 18.12 -15.73
CA VAL D 196 -6.98 18.05 -14.41
C VAL D 196 -7.66 16.96 -13.58
N ALA D 197 -8.99 16.87 -13.70
CA ALA D 197 -9.76 15.86 -12.98
C ALA D 197 -9.35 14.45 -13.41
N HIS D 198 -9.10 14.30 -14.70
CA HIS D 198 -8.65 13.02 -15.26
C HIS D 198 -7.28 12.66 -14.70
N PHE D 199 -6.40 13.64 -14.66
CA PHE D 199 -5.06 13.45 -14.11
C PHE D 199 -5.13 13.03 -12.63
N ASP D 200 -6.00 13.68 -11.86
CA ASP D 200 -6.17 13.33 -10.44
C ASP D 200 -6.70 11.90 -10.31
N ALA D 201 -7.55 11.50 -11.25
CA ALA D 201 -8.10 10.14 -11.29
C ALA D 201 -7.02 9.12 -11.60
N LEU D 202 -6.05 9.50 -12.41
CA LEU D 202 -4.94 8.61 -12.76
C LEU D 202 -3.98 8.44 -11.61
N ARG D 203 -3.61 9.55 -10.96
CA ARG D 203 -2.60 9.51 -9.89
C ARG D 203 -3.16 8.99 -8.55
N LEU D 204 -4.47 9.12 -8.36
CA LEU D 204 -5.12 8.58 -7.17
C LEU D 204 -6.21 7.57 -7.56
N ARG D 205 -5.83 6.32 -7.70
CA ARG D 205 -6.75 5.29 -8.18
C ARG D 205 -7.48 4.57 -7.05
N ARG D 206 -6.87 4.52 -5.87
CA ARG D 206 -7.46 3.77 -4.72
C ARG D 206 -8.95 4.09 -4.52
N ARG D 207 -9.42 5.21 -5.08
CA ARG D 207 -10.84 5.59 -5.03
C ARG D 207 -11.76 4.59 -5.82
N PHE D 208 -11.17 3.49 -6.34
CA PHE D 208 -11.93 2.41 -7.01
C PHE D 208 -13.27 2.17 -6.31
N MSE D 209 -13.19 1.85 -5.03
CA MSE D 209 -14.32 1.42 -4.27
C MSE D 209 -15.15 2.60 -3.75
O MSE D 209 -16.23 2.89 -4.29
CB MSE D 209 -13.84 0.55 -3.12
CG MSE D 209 -14.91 0.16 -2.14
SE MSE D 209 -14.32 -1.34 -1.07
CE MSE D 209 -12.42 -0.79 -0.76
N TYR D 210 -14.66 3.27 -2.70
CA TYR D 210 -15.41 4.36 -2.05
C TYR D 210 -15.05 5.70 -2.67
N GLY E 1 26.80 -26.12 -5.89
CA GLY E 1 28.25 -26.56 -5.92
C GLY E 1 28.52 -27.75 -5.02
N MSE E 2 27.86 -27.77 -3.86
CA MSE E 2 27.99 -28.88 -2.88
C MSE E 2 27.10 -30.08 -3.27
O MSE E 2 27.47 -31.23 -3.04
CB MSE E 2 27.65 -28.38 -1.47
CG MSE E 2 27.05 -29.45 -0.53
SE MSE E 2 27.05 -28.87 1.39
CE MSE E 2 25.31 -29.42 1.86
N PHE E 3 25.93 -29.79 -3.81
CA PHE E 3 25.00 -30.84 -4.23
C PHE E 3 25.18 -31.17 -5.70
N GLU E 4 25.27 -32.46 -6.00
CA GLU E 4 25.27 -32.91 -7.38
C GLU E 4 23.85 -32.72 -7.95
N LYS E 5 23.75 -32.70 -9.26
CA LYS E 5 22.47 -32.53 -9.93
C LYS E 5 22.03 -33.87 -10.50
N GLN E 6 21.07 -34.50 -9.83
CA GLN E 6 20.61 -35.85 -10.18
C GLN E 6 19.64 -35.80 -11.32
N PHE E 7 20.00 -36.42 -12.43
CA PHE E 7 19.11 -36.52 -13.58
C PHE E 7 18.03 -37.52 -13.30
N ASN E 8 16.79 -37.10 -13.50
CA ASN E 8 15.64 -37.97 -13.32
C ASN E 8 14.78 -37.84 -14.53
N HIS E 9 14.00 -38.89 -14.80
CA HIS E 9 13.17 -38.93 -15.99
C HIS E 9 11.85 -39.61 -15.70
N ARG E 10 10.79 -39.12 -16.32
CA ARG E 10 9.51 -39.80 -16.32
C ARG E 10 8.88 -39.60 -17.67
N THR E 11 8.13 -40.60 -18.12
CA THR E 11 7.36 -40.47 -19.36
C THR E 11 5.92 -40.17 -19.00
N LEU E 12 5.31 -39.22 -19.71
CA LEU E 12 3.94 -38.79 -19.42
C LEU E 12 3.06 -38.99 -20.65
N GLU E 13 1.94 -39.69 -20.47
CA GLU E 13 0.99 -39.89 -21.56
C GLU E 13 0.17 -38.61 -21.77
N THR E 14 -0.04 -38.25 -23.03
CA THR E 14 -0.88 -37.11 -23.38
C THR E 14 -1.72 -37.47 -24.60
N SER E 15 -2.67 -36.61 -24.94
CA SER E 15 -3.52 -36.85 -26.12
C SER E 15 -2.74 -36.58 -27.41
N LEU E 16 -1.59 -35.92 -27.29
CA LEU E 16 -0.73 -35.64 -28.44
C LEU E 16 0.44 -36.63 -28.50
N GLY E 17 0.45 -37.58 -27.57
CA GLY E 17 1.51 -38.61 -27.51
C GLY E 17 2.28 -38.55 -26.21
N PRO E 18 3.19 -39.52 -26.00
CA PRO E 18 4.01 -39.51 -24.79
C PRO E 18 5.04 -38.39 -24.78
N VAL E 19 5.24 -37.78 -23.62
CA VAL E 19 6.16 -36.67 -23.46
C VAL E 19 7.25 -37.07 -22.47
N GLU E 20 8.50 -36.76 -22.81
CA GLU E 20 9.62 -37.07 -21.94
C GLU E 20 9.94 -35.88 -21.02
N ILE E 21 9.69 -36.08 -19.74
CA ILE E 21 9.95 -35.07 -18.76
C ILE E 21 11.18 -35.48 -17.96
N GLU E 22 12.25 -34.67 -18.06
CA GLU E 22 13.55 -35.05 -17.48
C GLU E 22 14.44 -33.86 -17.21
N GLY E 23 15.34 -34.01 -16.26
CA GLY E 23 16.34 -33.02 -15.98
C GLY E 23 16.92 -33.18 -14.61
N PRO E 24 17.85 -32.27 -14.22
CA PRO E 24 18.32 -31.16 -15.04
C PRO E 24 19.16 -31.61 -16.21
N VAL E 25 18.96 -30.96 -17.34
CA VAL E 25 19.68 -31.28 -18.55
C VAL E 25 20.90 -30.38 -18.63
N THR E 26 22.02 -30.93 -19.10
CA THR E 26 23.24 -30.16 -19.23
C THR E 26 23.10 -29.15 -20.32
N SER E 27 23.95 -28.14 -20.28
CA SER E 27 23.92 -27.07 -21.23
C SER E 27 24.24 -27.60 -22.64
N GLN E 28 25.14 -28.57 -22.71
CA GLN E 28 25.60 -29.14 -23.98
C GLN E 28 24.48 -29.89 -24.67
N ILE E 29 23.74 -30.67 -23.90
CA ILE E 29 22.64 -31.43 -24.43
C ILE E 29 21.46 -30.52 -24.78
N LEU E 30 21.17 -29.56 -23.90
CA LEU E 30 20.12 -28.56 -24.16
C LEU E 30 20.28 -27.89 -25.53
N ALA E 31 21.52 -27.57 -25.89
CA ALA E 31 21.81 -26.85 -27.14
C ALA E 31 21.53 -27.67 -28.40
N THR E 32 21.39 -29.00 -28.24
CA THR E 32 21.15 -29.88 -29.37
C THR E 32 19.67 -30.00 -29.74
N TYR E 33 18.80 -29.54 -28.84
CA TYR E 33 17.35 -29.60 -29.07
C TYR E 33 16.85 -28.35 -29.73
N LYS E 34 15.68 -28.44 -30.35
CA LYS E 34 14.99 -27.26 -30.88
C LYS E 34 13.89 -26.91 -29.92
N LEU E 35 13.54 -25.63 -29.88
CA LEU E 35 12.51 -25.15 -28.98
C LEU E 35 11.22 -24.91 -29.77
N ASP E 36 10.09 -25.35 -29.23
CA ASP E 36 8.81 -25.26 -29.94
C ASP E 36 8.41 -23.79 -30.17
N PRO E 37 7.99 -23.44 -31.42
CA PRO E 37 7.53 -22.08 -31.73
C PRO E 37 6.46 -21.57 -30.75
N GLY E 38 5.60 -22.48 -30.29
CA GLY E 38 4.56 -22.15 -29.29
C GLY E 38 5.14 -21.59 -28.01
N LEU E 39 6.36 -22.00 -27.68
CA LEU E 39 7.07 -21.45 -26.52
C LEU E 39 7.59 -20.06 -26.85
N THR E 40 6.79 -19.05 -26.54
CA THR E 40 7.17 -17.68 -26.81
C THR E 40 6.45 -16.71 -25.84
N ALA E 41 6.39 -17.09 -24.56
CA ALA E 41 5.67 -16.29 -23.55
C ALA E 41 6.62 -15.34 -22.77
N PHE E 42 7.93 -15.51 -22.97
CA PHE E 42 8.93 -14.65 -22.30
C PHE E 42 9.77 -13.91 -23.35
N ARG E 43 10.37 -14.68 -24.25
CA ARG E 43 11.10 -14.12 -25.40
C ARG E 43 10.65 -14.89 -26.63
N GLN E 44 11.28 -14.63 -27.77
CA GLN E 44 11.05 -15.46 -28.94
C GLN E 44 11.83 -16.79 -28.74
N PRO E 45 11.38 -17.87 -29.40
CA PRO E 45 11.98 -19.22 -29.23
C PRO E 45 13.54 -19.25 -29.29
N ALA E 46 14.11 -18.51 -30.23
CA ALA E 46 15.57 -18.46 -30.41
C ALA E 46 16.30 -17.94 -29.16
N GLU E 47 15.89 -16.77 -28.67
CA GLU E 47 16.53 -16.15 -27.50
C GLU E 47 16.24 -16.92 -26.24
N GLN E 48 15.00 -17.42 -26.12
CA GLN E 48 14.61 -18.20 -24.95
C GLN E 48 15.44 -19.47 -24.84
N HIS E 49 15.73 -20.08 -25.97
CA HIS E 49 16.56 -21.27 -26.01
C HIS E 49 17.96 -20.98 -25.47
N GLU E 50 18.53 -19.86 -25.90
CA GLU E 50 19.87 -19.45 -25.44
C GLU E 50 19.86 -19.20 -23.92
N ALA E 51 18.76 -18.63 -23.41
CA ALA E 51 18.62 -18.37 -21.99
C ALA E 51 18.68 -19.69 -21.18
N LEU E 52 17.97 -20.72 -21.66
CA LEU E 52 17.98 -22.04 -21.03
C LEU E 52 19.38 -22.60 -20.98
N VAL E 53 20.09 -22.49 -22.08
CA VAL E 53 21.44 -23.00 -22.15
C VAL E 53 22.33 -22.32 -21.10
N GLU E 54 22.20 -20.99 -20.99
CA GLU E 54 23.02 -20.21 -20.02
C GLU E 54 22.73 -20.62 -18.58
N ILE E 55 21.45 -20.80 -18.27
CA ILE E 55 21.02 -21.17 -16.93
C ILE E 55 21.53 -22.56 -16.52
N ALA E 56 21.50 -23.49 -17.46
CA ALA E 56 21.97 -24.85 -17.23
C ALA E 56 23.48 -24.87 -16.98
N ALA E 57 24.16 -23.81 -17.40
CA ALA E 57 25.61 -23.70 -17.23
C ALA E 57 25.97 -23.05 -15.88
N LEU E 58 24.99 -22.42 -15.23
CA LEU E 58 25.20 -21.83 -13.90
C LEU E 58 25.44 -22.94 -12.89
N GLU E 59 26.23 -22.65 -11.88
CA GLU E 59 26.57 -23.65 -10.87
C GLU E 59 25.34 -24.20 -10.15
N GLU E 60 24.35 -23.34 -9.92
CA GLU E 60 23.13 -23.74 -9.22
C GLU E 60 21.96 -24.01 -10.16
N GLY E 61 22.10 -23.59 -11.41
CA GLY E 61 20.98 -23.64 -12.34
C GLY E 61 20.53 -25.03 -12.70
N ARG E 62 19.22 -25.17 -12.95
CA ARG E 62 18.62 -26.43 -13.35
C ARG E 62 17.53 -26.21 -14.36
N ILE E 63 17.60 -26.94 -15.45
CA ILE E 63 16.59 -26.91 -16.46
C ILE E 63 15.98 -28.30 -16.62
N ILE E 64 14.72 -28.43 -16.24
CA ILE E 64 13.97 -29.65 -16.50
C ILE E 64 13.05 -29.39 -17.68
N ILE E 65 13.01 -30.32 -18.63
CA ILE E 65 12.28 -30.11 -19.88
C ILE E 65 11.13 -31.12 -20.07
N ALA E 66 10.21 -30.77 -20.96
CA ALA E 66 9.19 -31.69 -21.44
C ALA E 66 9.50 -31.82 -22.90
N ARG E 67 9.65 -33.06 -23.36
CA ARG E 67 10.28 -33.31 -24.65
C ARG E 67 9.63 -34.43 -25.50
N GLN E 68 9.57 -34.18 -26.81
CA GLN E 68 9.18 -35.19 -27.77
C GLN E 68 10.25 -35.23 -28.87
N GLY E 69 11.01 -36.31 -28.93
CA GLY E 69 12.11 -36.42 -29.87
C GLY E 69 13.19 -35.40 -29.56
N ASN E 70 13.41 -34.46 -30.47
CA ASN E 70 14.38 -33.38 -30.26
C ASN E 70 13.73 -32.05 -29.97
N ASP E 71 12.42 -32.06 -29.81
CA ASP E 71 11.66 -30.84 -29.61
C ASP E 71 11.30 -30.65 -28.15
N ILE E 72 11.66 -29.49 -27.61
CA ILE E 72 11.27 -29.11 -26.26
C ILE E 72 9.93 -28.40 -26.35
N ILE E 73 8.93 -28.95 -25.66
CA ILE E 73 7.58 -28.38 -25.68
C ILE E 73 7.22 -27.73 -24.35
N GLY E 74 8.13 -27.84 -23.39
CA GLY E 74 7.90 -27.29 -22.07
C GLY E 74 9.14 -27.36 -21.26
N TYR E 75 9.23 -26.51 -20.26
CA TYR E 75 10.39 -26.47 -19.40
C TYR E 75 10.10 -25.74 -18.13
N VAL E 76 11.01 -25.89 -17.17
CA VAL E 76 10.96 -25.14 -15.94
C VAL E 76 12.41 -24.84 -15.55
N THR E 77 12.65 -23.67 -14.94
CA THR E 77 14.00 -23.22 -14.62
C THR E 77 14.17 -22.96 -13.14
N PHE E 78 15.38 -23.20 -12.65
CA PHE E 78 15.74 -22.91 -11.27
C PHE E 78 17.10 -22.23 -11.23
N LEU E 79 17.18 -21.11 -10.56
CA LEU E 79 18.43 -20.39 -10.41
C LEU E 79 18.34 -19.45 -9.22
N TYR E 80 19.46 -18.85 -8.86
CA TYR E 80 19.47 -17.90 -7.79
C TYR E 80 18.69 -16.66 -8.20
N PRO E 81 18.00 -16.03 -7.24
CA PRO E 81 17.34 -14.77 -7.51
C PRO E 81 18.29 -13.73 -8.12
N ASP E 82 17.79 -13.00 -9.11
CA ASP E 82 18.57 -12.00 -9.79
C ASP E 82 19.22 -11.06 -8.79
N PRO E 83 20.56 -10.86 -8.89
CA PRO E 83 21.29 -9.92 -8.04
C PRO E 83 20.76 -8.48 -8.12
N TYR E 84 19.94 -8.18 -9.12
CA TYR E 84 19.32 -6.86 -9.23
C TYR E 84 17.81 -6.94 -9.03
N GLU E 85 17.42 -7.73 -8.03
CA GLU E 85 16.03 -7.81 -7.59
C GLU E 85 16.02 -7.98 -6.07
N THR E 86 14.83 -8.02 -5.48
CA THR E 86 14.69 -7.98 -4.02
C THR E 86 15.13 -9.26 -3.32
N TRP E 87 14.94 -10.39 -4.00
CA TRP E 87 15.03 -11.70 -3.35
C TRP E 87 16.43 -12.24 -3.23
N SER E 88 17.41 -11.43 -3.63
CA SER E 88 18.80 -11.84 -3.62
C SER E 88 19.58 -11.23 -2.46
N GLU E 89 18.92 -10.40 -1.66
CA GLU E 89 19.60 -9.65 -0.58
C GLU E 89 20.13 -10.61 0.48
N GLY E 90 21.38 -10.43 0.86
CA GLY E 90 22.05 -11.31 1.81
C GLY E 90 22.75 -12.46 1.11
N ASN E 91 22.42 -12.68 -0.17
CA ASN E 91 23.02 -13.76 -0.97
C ASN E 91 22.99 -15.12 -0.25
N ASN E 92 21.79 -15.57 0.12
CA ASN E 92 21.64 -16.90 0.76
C ASN E 92 21.82 -18.03 -0.28
N PRO E 93 22.83 -18.90 -0.08
CA PRO E 93 23.14 -19.95 -1.04
C PRO E 93 22.10 -21.09 -1.13
N TYR E 94 21.07 -21.06 -0.27
CA TYR E 94 20.07 -22.13 -0.24
C TYR E 94 18.68 -21.65 -0.59
N ILE E 95 18.58 -20.45 -1.14
CA ILE E 95 17.33 -19.95 -1.61
C ILE E 95 17.37 -19.87 -3.12
N LEU E 96 16.53 -20.67 -3.77
CA LEU E 96 16.48 -20.73 -5.21
C LEU E 96 15.21 -20.12 -5.68
N GLU E 97 15.23 -19.65 -6.92
CA GLU E 97 14.05 -19.13 -7.54
C GLU E 97 13.67 -19.97 -8.74
N LEU E 98 12.39 -20.27 -8.85
CA LEU E 98 11.85 -20.88 -10.01
C LEU E 98 11.65 -19.77 -11.02
N GLY E 99 12.54 -19.67 -11.98
CA GLY E 99 12.54 -18.57 -12.93
C GLY E 99 11.31 -18.53 -13.82
N ALA E 100 10.97 -19.66 -14.40
CA ALA E 100 9.84 -19.73 -15.29
C ALA E 100 9.40 -21.14 -15.52
N ILE E 101 8.15 -21.29 -15.89
CA ILE E 101 7.59 -22.54 -16.29
C ILE E 101 6.68 -22.28 -17.45
N GLU E 102 6.94 -22.97 -18.55
CA GLU E 102 6.21 -22.73 -19.77
C GLU E 102 5.90 -24.04 -20.48
N VAL E 103 4.75 -24.06 -21.17
CA VAL E 103 4.28 -25.23 -21.93
C VAL E 103 3.51 -24.77 -23.16
N ALA E 104 3.89 -25.27 -24.35
CA ALA E 104 3.24 -24.88 -25.61
C ALA E 104 1.72 -25.01 -25.49
N ALA E 105 1.00 -24.05 -26.06
CA ALA E 105 -0.46 -23.97 -25.92
C ALA E 105 -1.15 -25.33 -26.12
N ARG E 106 -0.78 -26.03 -27.17
CA ARG E 106 -1.49 -27.25 -27.55
C ARG E 106 -1.26 -28.41 -26.57
N PHE E 107 -0.23 -28.31 -25.75
CA PHE E 107 0.09 -29.36 -24.78
C PHE E 107 -0.44 -29.04 -23.39
N ARG E 108 -1.31 -28.05 -23.28
CA ARG E 108 -1.79 -27.63 -21.96
C ARG E 108 -3.01 -28.42 -21.53
N GLY E 109 -3.24 -28.45 -20.22
CA GLY E 109 -4.34 -29.21 -19.64
C GLY E 109 -4.06 -30.70 -19.68
N GLN E 110 -2.78 -31.06 -19.74
CA GLN E 110 -2.36 -32.47 -19.81
C GLN E 110 -1.40 -32.79 -18.67
N GLN E 111 -1.43 -31.96 -17.63
CA GLN E 111 -0.64 -32.18 -16.40
C GLN E 111 0.89 -32.11 -16.59
N ILE E 112 1.33 -31.51 -17.69
CA ILE E 112 2.78 -31.41 -18.00
C ILE E 112 3.51 -30.53 -16.98
N GLY E 113 2.94 -29.37 -16.69
CA GLY E 113 3.50 -28.46 -15.67
C GLY E 113 3.65 -29.14 -14.34
N LYS E 114 2.62 -29.88 -13.94
CA LYS E 114 2.64 -30.61 -12.68
C LYS E 114 3.80 -31.61 -12.66
N LYS E 115 3.95 -32.35 -13.75
CA LYS E 115 5.03 -33.34 -13.86
C LYS E 115 6.38 -32.69 -13.98
N LEU E 116 6.41 -31.58 -14.69
CA LEU E 116 7.61 -30.79 -14.82
C LEU E 116 8.16 -30.50 -13.41
N LEU E 117 7.27 -30.12 -12.49
CA LEU E 117 7.63 -29.86 -11.09
C LEU E 117 7.97 -31.13 -10.32
N GLU E 118 7.12 -32.14 -10.45
CA GLU E 118 7.39 -33.45 -9.83
C GLU E 118 8.79 -33.92 -10.11
N VAL E 119 9.15 -33.95 -11.40
CA VAL E 119 10.46 -34.46 -11.81
C VAL E 119 11.61 -33.58 -11.28
N SER E 120 11.36 -32.28 -11.17
CA SER E 120 12.35 -31.38 -10.63
C SER E 120 12.59 -31.67 -9.19
N MSE E 121 11.53 -32.10 -8.48
CA MSE E 121 11.63 -32.36 -7.05
C MSE E 121 12.05 -33.79 -6.71
O MSE E 121 12.23 -34.10 -5.56
CB MSE E 121 10.32 -32.03 -6.36
CG MSE E 121 9.85 -30.59 -6.55
SE MSE E 121 11.22 -29.25 -6.15
CE MSE E 121 10.49 -27.79 -7.09
N LEU E 122 12.25 -34.62 -7.73
CA LEU E 122 12.72 -36.01 -7.51
C LEU E 122 14.17 -36.07 -6.99
N ASP E 123 14.95 -35.01 -7.21
CA ASP E 123 16.36 -34.97 -6.73
C ASP E 123 16.37 -34.60 -5.24
N PRO E 124 16.79 -35.55 -4.38
CA PRO E 124 16.78 -35.32 -2.93
C PRO E 124 17.43 -34.00 -2.51
N ALA E 125 18.41 -33.53 -3.28
CA ALA E 125 19.10 -32.28 -2.96
C ALA E 125 18.16 -31.11 -2.83
N MSE E 126 17.04 -31.13 -3.58
CA MSE E 126 16.06 -30.03 -3.55
C MSE E 126 15.46 -29.82 -2.16
O MSE E 126 15.07 -28.71 -1.82
CB MSE E 126 14.96 -30.27 -4.58
CG MSE E 126 15.47 -30.29 -6.04
SE MSE E 126 16.21 -28.62 -6.54
CE MSE E 126 14.77 -28.11 -8.01
N GLU E 127 15.46 -30.86 -1.34
CA GLU E 127 14.97 -30.77 0.04
C GLU E 127 15.88 -29.88 0.94
N HIS E 128 17.03 -29.50 0.42
CA HIS E 128 17.93 -28.66 1.16
C HIS E 128 17.84 -27.21 0.68
N TYR E 129 16.86 -26.94 -0.19
CA TYR E 129 16.68 -25.61 -0.72
C TYR E 129 15.33 -25.06 -0.38
N LEU E 130 15.28 -23.74 -0.22
CA LEU E 130 14.02 -23.03 -0.16
C LEU E 130 13.82 -22.44 -1.52
N ILE E 131 12.82 -22.93 -2.22
CA ILE E 131 12.58 -22.52 -3.60
C ILE E 131 11.37 -21.61 -3.68
N LEU E 132 11.60 -20.37 -4.08
CA LEU E 132 10.50 -19.40 -4.19
C LEU E 132 10.18 -19.10 -5.63
N THR E 133 9.03 -18.47 -5.85
CA THR E 133 8.64 -18.05 -7.19
C THR E 133 7.70 -16.87 -7.09
N THR E 134 7.68 -16.05 -8.13
CA THR E 134 6.86 -14.87 -8.15
C THR E 134 5.98 -14.89 -9.38
N GLU E 135 4.69 -14.71 -9.19
CA GLU E 135 3.72 -14.72 -10.30
C GLU E 135 2.94 -13.42 -10.35
N TYR E 136 2.87 -12.83 -11.54
CA TYR E 136 2.18 -11.56 -11.72
C TYR E 136 1.08 -11.77 -12.74
N TYR E 137 -0.13 -11.37 -12.40
CA TYR E 137 -1.30 -11.74 -13.18
C TYR E 137 -1.25 -11.23 -14.64
N TRP E 138 -0.56 -10.11 -14.85
CA TRP E 138 -0.46 -9.49 -16.20
C TRP E 138 0.48 -10.26 -17.14
N HIS E 139 1.19 -11.26 -16.59
CA HIS E 139 2.06 -12.15 -17.40
C HIS E 139 1.32 -13.38 -17.91
N TRP E 140 0.22 -13.73 -17.28
CA TRP E 140 -0.51 -14.93 -17.62
C TRP E 140 -1.18 -14.81 -18.96
N ASP E 141 -1.17 -15.90 -19.73
CA ASP E 141 -1.83 -15.95 -21.03
C ASP E 141 -3.33 -16.20 -20.83
N LEU E 142 -4.11 -15.13 -20.79
CA LEU E 142 -5.55 -15.23 -20.63
C LEU E 142 -6.21 -15.35 -21.98
N LYS E 143 -5.50 -14.94 -23.02
CA LYS E 143 -6.05 -14.97 -24.37
C LYS E 143 -6.07 -16.41 -24.87
N GLY E 144 -4.92 -17.07 -24.83
CA GLY E 144 -4.81 -18.45 -25.24
C GLY E 144 -5.72 -19.38 -24.45
N SER E 145 -5.65 -19.29 -23.13
CA SER E 145 -6.47 -20.13 -22.26
C SER E 145 -7.98 -19.75 -22.28
N GLY E 146 -8.26 -18.49 -22.56
CA GLY E 146 -9.65 -17.99 -22.51
C GLY E 146 -10.16 -18.05 -21.08
N LEU E 147 -9.24 -17.99 -20.14
CA LEU E 147 -9.54 -18.17 -18.74
C LEU E 147 -9.58 -16.79 -18.05
N SER E 148 -10.35 -16.68 -16.98
CA SER E 148 -10.39 -15.46 -16.19
C SER E 148 -9.15 -15.42 -15.28
N VAL E 149 -8.82 -14.22 -14.81
CA VAL E 149 -7.62 -14.01 -13.98
C VAL E 149 -7.61 -14.95 -12.78
N TRP E 150 -8.73 -14.99 -12.06
CA TRP E 150 -8.79 -15.76 -10.82
C TRP E 150 -8.89 -17.25 -11.03
N ASP E 151 -9.51 -17.67 -12.14
CA ASP E 151 -9.51 -19.09 -12.51
C ASP E 151 -8.11 -19.53 -12.84
N TYR E 152 -7.37 -18.67 -13.54
CA TYR E 152 -5.99 -18.93 -13.89
C TYR E 152 -5.16 -19.08 -12.63
N ARG E 153 -5.29 -18.13 -11.72
CA ARG E 153 -4.55 -18.17 -10.46
C ARG E 153 -4.81 -19.47 -9.69
N LYS E 154 -6.08 -19.84 -9.55
CA LYS E 154 -6.44 -21.04 -8.78
C LYS E 154 -5.81 -22.27 -9.38
N ILE E 155 -5.85 -22.36 -10.71
CA ILE E 155 -5.25 -23.48 -11.42
C ILE E 155 -3.74 -23.47 -11.28
N MSE E 156 -3.14 -22.30 -11.50
CA MSE E 156 -1.69 -22.16 -11.41
C MSE E 156 -1.23 -22.49 -10.02
O MSE E 156 -0.18 -23.08 -9.85
CB MSE E 156 -1.29 -20.70 -11.78
CG MSE E 156 0.19 -20.37 -11.53
SE MSE E 156 0.62 -19.95 -9.62
CE MSE E 156 -0.30 -18.31 -9.46
N GLU E 157 -2.01 -22.11 -9.01
CA GLU E 157 -1.63 -22.35 -7.62
C GLU E 157 -1.66 -23.85 -7.28
N LYS E 158 -2.71 -24.55 -7.69
CA LYS E 158 -2.81 -25.99 -7.46
C LYS E 158 -1.67 -26.72 -8.15
N MSE E 159 -1.28 -26.23 -9.33
CA MSE E 159 -0.16 -26.81 -10.05
C MSE E 159 1.11 -26.69 -9.22
O MSE E 159 1.84 -27.65 -9.05
CB MSE E 159 0.06 -26.11 -11.40
CG MSE E 159 1.31 -26.60 -12.17
SE MSE E 159 1.74 -25.50 -13.74
CE MSE E 159 2.24 -23.86 -12.83
N MSE E 160 1.38 -25.48 -8.71
CA MSE E 160 2.57 -25.23 -7.89
C MSE E 160 2.53 -26.03 -6.60
O MSE E 160 3.56 -26.52 -6.12
CB MSE E 160 2.70 -23.76 -7.54
CG MSE E 160 2.92 -22.85 -8.72
SE MSE E 160 4.70 -22.99 -9.54
CE MSE E 160 4.58 -21.49 -10.76
N ASN E 161 1.32 -26.19 -6.02
CA ASN E 161 1.14 -27.02 -4.81
C ASN E 161 1.63 -28.42 -5.05
N HIS E 162 1.39 -28.94 -6.24
CA HIS E 162 1.85 -30.28 -6.63
C HIS E 162 3.38 -30.38 -6.53
N GLY E 163 4.05 -29.28 -6.80
CA GLY E 163 5.53 -29.22 -6.72
C GLY E 163 6.03 -28.94 -5.30
N GLY E 164 5.09 -28.73 -4.36
CA GLY E 164 5.44 -28.48 -2.95
C GLY E 164 5.48 -27.00 -2.61
N LEU E 165 5.25 -26.14 -3.59
CA LEU E 165 5.25 -24.68 -3.35
C LEU E 165 3.90 -24.25 -2.83
N VAL E 166 3.90 -23.40 -1.80
CA VAL E 166 2.66 -22.89 -1.21
C VAL E 166 2.72 -21.38 -1.09
N PHE E 167 1.54 -20.76 -1.09
CA PHE E 167 1.41 -19.30 -1.01
C PHE E 167 2.01 -18.76 0.27
N PHE E 168 2.73 -17.64 0.16
CA PHE E 168 3.21 -16.89 1.32
C PHE E 168 2.88 -15.39 1.16
N PRO E 169 2.30 -14.77 2.22
CA PRO E 169 2.05 -13.35 2.15
C PRO E 169 3.36 -12.56 2.04
N THR E 170 3.29 -11.38 1.46
CA THR E 170 4.47 -10.56 1.32
C THR E 170 4.09 -9.10 1.16
N ASP E 171 4.99 -8.22 1.60
CA ASP E 171 4.79 -6.79 1.46
C ASP E 171 5.62 -6.23 0.28
N ASP E 172 6.11 -7.11 -0.57
CA ASP E 172 6.80 -6.70 -1.79
C ASP E 172 5.87 -5.84 -2.62
N PRO E 173 6.30 -4.62 -2.96
CA PRO E 173 5.45 -3.70 -3.72
C PRO E 173 4.87 -4.26 -5.01
N GLU E 174 5.69 -4.94 -5.82
CA GLU E 174 5.24 -5.41 -7.12
C GLU E 174 4.18 -6.51 -6.99
N ILE E 175 4.45 -7.50 -6.15
CA ILE E 175 3.49 -8.57 -5.89
C ILE E 175 2.24 -8.01 -5.19
N ALA E 176 2.44 -7.12 -4.24
CA ALA E 176 1.32 -6.55 -3.48
C ALA E 176 0.46 -5.57 -4.31
N SER E 177 0.94 -5.17 -5.48
CA SER E 177 0.21 -4.20 -6.31
C SER E 177 -1.13 -4.76 -6.83
N HIS E 178 -1.27 -6.08 -6.86
CA HIS E 178 -2.50 -6.70 -7.28
C HIS E 178 -2.70 -8.04 -6.57
N PRO E 179 -3.91 -8.27 -6.02
CA PRO E 179 -4.17 -9.49 -5.25
C PRO E 179 -4.05 -10.81 -6.01
N ALA E 180 -4.09 -10.78 -7.35
CA ALA E 180 -3.91 -12.01 -8.16
C ALA E 180 -2.42 -12.46 -8.18
N ASN E 181 -1.49 -11.51 -8.04
CA ASN E 181 -0.07 -11.83 -7.96
C ASN E 181 0.19 -12.61 -6.70
N CYS E 182 1.26 -13.38 -6.65
CA CYS E 182 1.64 -14.05 -5.42
C CYS E 182 3.08 -14.52 -5.37
N LEU E 183 3.55 -14.68 -4.13
CA LEU E 183 4.79 -15.30 -3.82
C LEU E 183 4.47 -16.69 -3.30
N MSE E 184 5.18 -17.70 -3.81
CA MSE E 184 5.01 -19.05 -3.34
C MSE E 184 6.40 -19.66 -3.10
O MSE E 184 7.38 -19.19 -3.64
CB MSE E 184 4.23 -19.85 -4.37
CG MSE E 184 2.80 -19.34 -4.58
SE MSE E 184 1.83 -20.33 -5.91
CE MSE E 184 2.52 -19.59 -7.23
N ALA E 185 6.47 -20.64 -2.23
CA ALA E 185 7.75 -21.23 -1.89
C ALA E 185 7.62 -22.63 -1.37
N ARG E 186 8.65 -23.42 -1.65
CA ARG E 186 8.78 -24.77 -1.18
C ARG E 186 9.95 -24.86 -0.21
N ILE E 187 9.67 -25.13 1.05
CA ILE E 187 10.70 -25.26 2.05
C ILE E 187 11.10 -26.72 2.18
N GLY E 188 12.26 -27.08 1.62
CA GLY E 188 12.72 -28.46 1.65
C GLY E 188 12.78 -28.99 3.07
N LYS E 189 12.65 -30.30 3.22
CA LYS E 189 12.58 -30.89 4.56
C LYS E 189 13.90 -30.81 5.35
N HIS E 190 15.01 -30.55 4.66
CA HIS E 190 16.30 -30.43 5.34
C HIS E 190 16.84 -28.98 5.36
N VAL E 191 15.96 -28.03 5.06
CA VAL E 191 16.30 -26.61 5.14
C VAL E 191 16.36 -26.17 6.59
N ALA E 192 17.42 -25.43 6.95
CA ALA E 192 17.60 -24.97 8.32
C ALA E 192 16.66 -23.80 8.66
N PRO E 193 16.37 -23.60 9.96
CA PRO E 193 15.51 -22.52 10.42
C PRO E 193 16.03 -21.14 10.01
N GLU E 194 17.36 -21.01 9.95
CA GLU E 194 18.01 -19.74 9.59
C GLU E 194 17.64 -19.31 8.18
N VAL E 195 17.57 -20.28 7.29
CA VAL E 195 17.21 -20.01 5.91
C VAL E 195 15.75 -19.58 5.81
N VAL E 196 14.89 -20.22 6.58
CA VAL E 196 13.48 -19.87 6.59
C VAL E 196 13.29 -18.46 7.17
N ALA E 197 14.04 -18.17 8.23
CA ALA E 197 14.00 -16.85 8.88
C ALA E 197 14.40 -15.74 7.91
N HIS E 198 15.42 -16.03 7.12
CA HIS E 198 15.91 -15.10 6.10
C HIS E 198 14.81 -14.86 5.07
N PHE E 199 14.17 -15.94 4.64
CA PHE E 199 13.10 -15.84 3.69
C PHE E 199 11.97 -14.97 4.22
N ASP E 200 11.62 -15.17 5.49
CA ASP E 200 10.55 -14.39 6.11
C ASP E 200 10.93 -12.91 6.16
N ALA E 201 12.22 -12.65 6.35
CA ALA E 201 12.74 -11.27 6.37
C ALA E 201 12.68 -10.62 4.98
N LEU E 202 12.84 -11.43 3.95
CA LEU E 202 12.79 -10.94 2.58
C LEU E 202 11.36 -10.62 2.15
N ARG E 203 10.43 -11.52 2.47
CA ARG E 203 9.03 -11.37 2.05
C ARG E 203 8.26 -10.35 2.89
N LEU E 204 8.71 -10.13 4.12
CA LEU E 204 8.12 -9.10 4.99
C LEU E 204 9.22 -8.13 5.43
N ARG E 205 9.69 -7.32 4.49
CA ARG E 205 10.94 -6.56 4.68
C ARG E 205 10.84 -5.37 5.61
N ARG E 206 9.62 -4.89 5.88
CA ARG E 206 9.46 -3.67 6.72
C ARG E 206 8.97 -3.96 8.15
N ARG E 207 9.34 -5.15 8.64
CA ARG E 207 9.04 -5.58 9.99
C ARG E 207 9.72 -4.68 11.05
N PHE E 208 10.84 -4.04 10.66
CA PHE E 208 11.63 -3.20 11.60
C PHE E 208 10.86 -1.98 12.09
N MSE E 209 9.88 -1.56 11.30
CA MSE E 209 9.00 -0.46 11.69
C MSE E 209 8.08 -0.85 12.85
O MSE E 209 7.57 0.01 13.58
CB MSE E 209 8.15 -0.05 10.49
CG MSE E 209 8.89 0.66 9.42
SE MSE E 209 9.48 2.40 10.03
CE MSE E 209 10.23 3.11 8.27
N TYR E 210 7.89 -2.17 13.00
CA TYR E 210 6.97 -2.72 13.99
C TYR E 210 7.72 -3.62 14.98
N GLN F 6 -36.42 3.56 -30.89
CA GLN F 6 -37.80 2.98 -30.89
C GLN F 6 -38.31 2.72 -29.47
N PHE F 7 -39.41 3.36 -29.13
CA PHE F 7 -40.05 3.15 -27.83
C PHE F 7 -40.78 1.81 -27.84
N ASN F 8 -40.45 0.95 -26.87
CA ASN F 8 -41.13 -0.33 -26.73
C ASN F 8 -41.64 -0.51 -25.31
N HIS F 9 -42.89 -0.94 -25.16
CA HIS F 9 -43.53 -1.08 -23.85
C HIS F 9 -44.00 -2.51 -23.60
N ARG F 10 -43.82 -2.97 -22.36
CA ARG F 10 -44.34 -4.25 -21.92
C ARG F 10 -44.89 -4.12 -20.51
N THR F 11 -45.84 -4.98 -20.17
CA THR F 11 -46.40 -5.00 -18.83
C THR F 11 -45.87 -6.22 -18.10
N LEU F 12 -45.70 -6.09 -16.79
CA LEU F 12 -45.19 -7.18 -15.98
C LEU F 12 -46.04 -7.37 -14.72
N GLU F 13 -46.85 -8.42 -14.70
CA GLU F 13 -47.64 -8.76 -13.52
C GLU F 13 -46.72 -9.27 -12.42
N THR F 14 -47.09 -8.98 -11.18
CA THR F 14 -46.30 -9.42 -10.03
C THR F 14 -46.99 -9.01 -8.74
N SER F 15 -46.52 -9.55 -7.62
CA SER F 15 -46.98 -9.08 -6.31
C SER F 15 -46.54 -7.63 -6.18
N LEU F 16 -47.48 -6.76 -5.83
CA LEU F 16 -47.24 -5.29 -5.84
C LEU F 16 -47.19 -4.78 -7.30
N GLY F 17 -47.88 -5.49 -8.19
CA GLY F 17 -47.90 -5.13 -9.62
C GLY F 17 -49.21 -4.52 -10.02
N PRO F 18 -49.44 -4.34 -11.33
CA PRO F 18 -48.49 -4.62 -12.42
C PRO F 18 -47.40 -3.55 -12.55
N VAL F 19 -46.37 -3.83 -13.34
CA VAL F 19 -45.25 -2.88 -13.54
C VAL F 19 -45.08 -2.55 -15.02
N GLU F 20 -45.12 -1.25 -15.35
CA GLU F 20 -44.95 -0.81 -16.72
C GLU F 20 -43.48 -0.60 -17.02
N ILE F 21 -42.92 -1.47 -17.84
CA ILE F 21 -41.54 -1.35 -18.28
C ILE F 21 -41.52 -0.91 -19.73
N GLU F 22 -40.83 0.20 -19.99
CA GLU F 22 -40.89 0.83 -21.29
C GLU F 22 -39.73 1.78 -21.49
N GLY F 23 -39.30 1.93 -22.74
CA GLY F 23 -38.23 2.85 -23.08
C GLY F 23 -37.68 2.62 -24.48
N PRO F 24 -36.69 3.42 -24.90
CA PRO F 24 -36.07 4.48 -24.08
C PRO F 24 -36.96 5.71 -23.88
N VAL F 25 -36.98 6.22 -22.65
CA VAL F 25 -37.79 7.39 -22.30
C VAL F 25 -37.02 8.67 -22.60
N THR F 26 -37.72 9.66 -23.15
CA THR F 26 -37.10 10.95 -23.45
C THR F 26 -36.67 11.64 -22.15
N SER F 27 -35.79 12.64 -22.26
CA SER F 27 -35.31 13.39 -21.12
C SER F 27 -36.44 14.31 -20.55
N GLN F 28 -37.38 14.70 -21.42
CA GLN F 28 -38.49 15.57 -21.02
C GLN F 28 -39.51 14.82 -20.16
N ILE F 29 -39.88 13.62 -20.62
CA ILE F 29 -40.86 12.80 -19.89
C ILE F 29 -40.24 12.23 -18.62
N LEU F 30 -38.95 11.90 -18.68
CA LEU F 30 -38.25 11.30 -17.54
C LEU F 30 -38.20 12.25 -16.33
N ALA F 31 -38.16 13.55 -16.59
CA ALA F 31 -38.04 14.54 -15.52
C ALA F 31 -39.33 14.65 -14.68
N THR F 32 -40.49 14.33 -15.28
CA THR F 32 -41.78 14.44 -14.57
C THR F 32 -41.98 13.32 -13.53
N TYR F 33 -41.33 12.18 -13.73
CA TYR F 33 -41.45 11.06 -12.78
C TYR F 33 -40.58 11.31 -11.55
N LYS F 34 -40.81 10.51 -10.51
CA LYS F 34 -40.02 10.58 -9.29
C LYS F 34 -39.37 9.23 -9.04
N LEU F 35 -38.16 9.23 -8.50
CA LEU F 35 -37.45 7.99 -8.19
C LEU F 35 -37.91 7.43 -6.83
N ASP F 36 -38.03 6.11 -6.76
CA ASP F 36 -38.42 5.43 -5.52
C ASP F 36 -37.29 5.54 -4.50
N PRO F 37 -37.63 5.84 -3.23
CA PRO F 37 -36.62 5.90 -2.16
C PRO F 37 -35.76 4.63 -2.06
N GLY F 38 -36.26 3.50 -2.58
CA GLY F 38 -35.53 2.24 -2.55
C GLY F 38 -34.38 2.14 -3.54
N LEU F 39 -34.21 3.16 -4.39
CA LEU F 39 -33.13 3.19 -5.41
C LEU F 39 -31.82 3.83 -4.88
N THR F 40 -31.46 3.50 -3.64
CA THR F 40 -30.24 4.06 -3.02
C THR F 40 -29.05 3.12 -3.23
N ALA F 41 -28.84 2.70 -4.48
CA ALA F 41 -27.73 1.79 -4.83
C ALA F 41 -26.47 2.60 -5.25
N PHE F 42 -26.69 3.63 -6.07
CA PHE F 42 -25.63 4.54 -6.49
C PHE F 42 -26.01 5.98 -6.11
N ARG F 43 -25.05 6.73 -5.57
CA ARG F 43 -25.29 8.12 -5.13
C ARG F 43 -26.53 8.24 -4.19
N GLN F 44 -27.65 8.76 -4.72
CA GLN F 44 -28.83 9.05 -3.92
C GLN F 44 -30.03 9.31 -4.84
N PRO F 45 -31.22 8.70 -4.54
CA PRO F 45 -32.42 8.85 -5.37
C PRO F 45 -32.62 10.27 -5.94
N ALA F 46 -32.45 11.28 -5.10
CA ALA F 46 -32.65 12.68 -5.51
C ALA F 46 -31.68 13.09 -6.62
N GLU F 47 -30.42 12.74 -6.46
CA GLU F 47 -29.39 13.07 -7.45
C GLU F 47 -29.18 11.94 -8.47
N GLN F 48 -29.70 10.75 -8.16
CA GLN F 48 -29.63 9.62 -9.09
C GLN F 48 -30.65 9.82 -10.21
N HIS F 49 -31.73 10.54 -9.89
CA HIS F 49 -32.76 10.85 -10.87
C HIS F 49 -32.22 11.81 -11.95
N GLU F 50 -31.59 12.89 -11.50
CA GLU F 50 -31.00 13.87 -12.42
C GLU F 50 -29.99 13.21 -13.36
N ALA F 51 -29.28 12.20 -12.84
CA ALA F 51 -28.30 11.44 -13.63
C ALA F 51 -29.00 10.66 -14.74
N LEU F 52 -30.08 9.95 -14.39
CA LEU F 52 -30.84 9.18 -15.36
C LEU F 52 -31.39 10.08 -16.47
N VAL F 53 -31.74 11.31 -16.10
CA VAL F 53 -32.25 12.29 -17.05
C VAL F 53 -31.16 12.76 -18.01
N GLU F 54 -29.98 13.06 -17.47
CA GLU F 54 -28.83 13.53 -18.29
C GLU F 54 -28.46 12.52 -19.37
N ILE F 55 -28.59 11.24 -19.05
CA ILE F 55 -28.27 10.17 -19.98
C ILE F 55 -29.32 10.08 -21.09
N ALA F 56 -30.57 10.35 -20.74
CA ALA F 56 -31.66 10.37 -21.73
C ALA F 56 -31.46 11.52 -22.73
N ALA F 57 -30.75 12.57 -22.29
CA ALA F 57 -30.50 13.76 -23.12
C ALA F 57 -29.31 13.56 -24.06
N LEU F 58 -28.54 12.48 -23.87
CA LEU F 58 -27.37 12.17 -24.74
C LEU F 58 -27.84 11.68 -26.11
N GLU F 59 -26.96 11.79 -27.10
CA GLU F 59 -27.28 11.37 -28.47
C GLU F 59 -27.40 9.85 -28.57
N GLU F 60 -26.57 9.13 -27.80
CA GLU F 60 -26.59 7.66 -27.79
C GLU F 60 -27.30 7.09 -26.55
N GLY F 61 -27.35 7.89 -25.48
CA GLY F 61 -27.84 7.44 -24.17
C GLY F 61 -29.28 6.93 -24.17
N ARG F 62 -29.49 5.81 -23.50
CA ARG F 62 -30.84 5.21 -23.36
C ARG F 62 -31.16 4.94 -21.88
N ILE F 63 -32.39 5.24 -21.49
CA ILE F 63 -32.85 4.99 -20.14
C ILE F 63 -34.21 4.31 -20.18
N ILE F 64 -34.22 2.99 -20.01
CA ILE F 64 -35.47 2.20 -19.93
C ILE F 64 -35.88 2.10 -18.45
N ILE F 65 -37.17 2.29 -18.17
CA ILE F 65 -37.64 2.34 -16.77
C ILE F 65 -38.69 1.30 -16.46
N ALA F 66 -38.80 0.98 -15.16
CA ALA F 66 -39.89 0.19 -14.63
C ALA F 66 -40.71 1.13 -13.75
N ARG F 67 -41.91 1.48 -14.21
CA ARG F 67 -42.70 2.52 -13.55
C ARG F 67 -44.09 2.06 -13.16
N GLN F 68 -44.56 2.54 -12.01
CA GLN F 68 -45.93 2.37 -11.58
C GLN F 68 -46.53 3.75 -11.36
N GLY F 69 -47.29 4.22 -12.35
CA GLY F 69 -47.82 5.58 -12.32
C GLY F 69 -46.72 6.57 -12.66
N ASN F 70 -46.42 7.48 -11.74
CA ASN F 70 -45.32 8.43 -11.91
C ASN F 70 -44.17 8.12 -10.94
N ASP F 71 -44.05 6.85 -10.54
CA ASP F 71 -42.99 6.41 -9.62
C ASP F 71 -42.07 5.38 -10.30
N ILE F 72 -40.82 5.78 -10.51
CA ILE F 72 -39.82 4.88 -11.07
C ILE F 72 -39.29 3.96 -9.97
N ILE F 73 -39.42 2.64 -10.17
CA ILE F 73 -38.97 1.64 -9.17
C ILE F 73 -37.71 0.89 -9.63
N GLY F 74 -37.37 1.05 -10.90
CA GLY F 74 -36.20 0.40 -11.47
C GLY F 74 -35.86 0.97 -12.83
N TYR F 75 -34.63 0.75 -13.29
CA TYR F 75 -34.20 1.26 -14.58
C TYR F 75 -32.98 0.52 -15.09
N VAL F 76 -32.66 0.75 -16.36
CA VAL F 76 -31.40 0.26 -16.96
C VAL F 76 -30.86 1.35 -17.89
N THR F 77 -29.56 1.64 -17.80
CA THR F 77 -28.94 2.73 -18.56
C THR F 77 -28.01 2.21 -19.64
N PHE F 78 -27.90 2.98 -20.73
CA PHE F 78 -26.97 2.68 -21.80
C PHE F 78 -26.32 3.96 -22.25
N LEU F 79 -24.99 3.95 -22.37
CA LEU F 79 -24.25 5.10 -22.87
C LEU F 79 -22.86 4.68 -23.26
N TYR F 80 -22.09 5.61 -23.83
CA TYR F 80 -20.74 5.32 -24.22
C TYR F 80 -19.83 5.18 -22.98
N PRO F 81 -18.84 4.28 -23.04
CA PRO F 81 -17.91 4.08 -21.94
C PRO F 81 -17.27 5.38 -21.43
N ASP F 82 -16.97 5.42 -20.14
CA ASP F 82 -16.34 6.57 -19.49
C ASP F 82 -15.02 6.92 -20.20
N PRO F 83 -14.94 8.15 -20.79
CA PRO F 83 -13.73 8.62 -21.46
C PRO F 83 -12.46 8.47 -20.62
N TYR F 84 -12.61 8.48 -19.30
CA TYR F 84 -11.48 8.37 -18.37
C TYR F 84 -10.98 6.92 -18.24
N GLU F 85 -11.76 5.96 -18.73
CA GLU F 85 -11.45 4.54 -18.51
C GLU F 85 -10.96 3.83 -19.77
N THR F 86 -10.30 2.68 -19.56
CA THR F 86 -9.80 1.84 -20.65
C THR F 86 -10.89 1.51 -21.68
N TRP F 87 -12.13 1.37 -21.20
CA TRP F 87 -13.22 0.87 -22.03
C TRP F 87 -13.65 1.84 -23.14
N SER F 88 -13.17 3.08 -23.07
CA SER F 88 -13.53 4.09 -24.07
C SER F 88 -12.44 4.27 -25.15
N GLU F 89 -11.24 3.78 -24.88
CA GLU F 89 -10.10 4.00 -25.75
C GLU F 89 -10.39 3.61 -27.19
N GLY F 90 -9.99 4.47 -28.13
CA GLY F 90 -10.23 4.23 -29.53
C GLY F 90 -11.53 4.84 -30.02
N ASN F 91 -12.35 5.31 -29.08
CA ASN F 91 -13.66 5.94 -29.39
C ASN F 91 -14.47 5.20 -30.47
N ASN F 92 -14.55 3.89 -30.35
CA ASN F 92 -15.34 3.10 -31.29
C ASN F 92 -16.83 3.40 -31.12
N PRO F 93 -17.48 3.90 -32.18
CA PRO F 93 -18.87 4.34 -32.07
C PRO F 93 -19.89 3.20 -31.91
N TYR F 94 -19.46 1.95 -32.09
CA TYR F 94 -20.37 0.80 -32.02
C TYR F 94 -20.29 0.04 -30.70
N ILE F 95 -19.31 0.40 -29.87
CA ILE F 95 -19.20 -0.19 -28.56
C ILE F 95 -19.94 0.67 -27.53
N LEU F 96 -20.95 0.09 -26.90
CA LEU F 96 -21.80 0.81 -25.97
C LEU F 96 -21.72 0.12 -24.60
N GLU F 97 -22.03 0.85 -23.53
CA GLU F 97 -21.97 0.29 -22.19
C GLU F 97 -23.33 0.30 -21.49
N LEU F 98 -23.68 -0.84 -20.89
CA LEU F 98 -24.77 -0.89 -19.95
C LEU F 98 -24.25 -0.30 -18.63
N GLY F 99 -24.59 0.95 -18.37
CA GLY F 99 -24.05 1.68 -17.23
C GLY F 99 -24.46 1.07 -15.90
N ALA F 100 -25.73 0.78 -15.75
CA ALA F 100 -26.22 0.21 -14.53
C ALA F 100 -27.64 -0.30 -14.70
N ILE F 101 -27.97 -1.32 -13.91
CA ILE F 101 -29.32 -1.82 -13.84
C ILE F 101 -29.62 -2.09 -12.36
N GLU F 102 -30.58 -1.35 -11.82
CA GLU F 102 -30.95 -1.51 -10.41
C GLU F 102 -32.45 -1.48 -10.23
N VAL F 103 -32.93 -2.24 -9.25
CA VAL F 103 -34.35 -2.33 -8.95
C VAL F 103 -34.54 -2.26 -7.43
N ALA F 104 -35.64 -1.64 -7.01
CA ALA F 104 -35.93 -1.49 -5.59
C ALA F 104 -35.87 -2.85 -4.88
N ALA F 105 -35.61 -2.83 -3.57
CA ALA F 105 -35.46 -4.06 -2.79
C ALA F 105 -36.79 -4.84 -2.68
N ARG F 106 -37.88 -4.14 -2.37
CA ARG F 106 -39.17 -4.80 -2.17
C ARG F 106 -39.74 -5.39 -3.48
N PHE F 107 -39.26 -4.89 -4.62
CA PHE F 107 -39.71 -5.39 -5.93
C PHE F 107 -38.81 -6.53 -6.46
N ARG F 108 -37.77 -6.87 -5.71
CA ARG F 108 -36.80 -7.88 -6.16
C ARG F 108 -37.41 -9.28 -6.11
N GLY F 109 -37.01 -10.13 -7.05
CA GLY F 109 -37.52 -11.49 -7.14
C GLY F 109 -38.63 -11.65 -8.16
N GLN F 110 -39.06 -10.52 -8.75
CA GLN F 110 -40.20 -10.53 -9.69
C GLN F 110 -39.74 -10.41 -11.16
N GLN F 111 -38.48 -10.76 -11.43
CA GLN F 111 -37.95 -10.79 -12.81
C GLN F 111 -38.09 -9.43 -13.54
N ILE F 112 -38.01 -8.34 -12.78
CA ILE F 112 -38.11 -6.99 -13.35
C ILE F 112 -36.83 -6.62 -14.11
N GLY F 113 -35.69 -7.01 -13.55
CA GLY F 113 -34.38 -6.75 -14.17
C GLY F 113 -34.25 -7.39 -15.54
N LYS F 114 -34.54 -8.69 -15.62
CA LYS F 114 -34.43 -9.44 -16.89
C LYS F 114 -35.56 -9.12 -17.89
N LYS F 115 -36.55 -8.34 -17.45
CA LYS F 115 -37.55 -7.79 -18.37
C LYS F 115 -37.16 -6.39 -18.82
N LEU F 116 -36.48 -5.65 -17.95
CA LEU F 116 -35.91 -4.35 -18.33
C LEU F 116 -34.94 -4.55 -19.48
N LEU F 117 -34.12 -5.61 -19.37
CA LEU F 117 -33.14 -5.93 -20.41
C LEU F 117 -33.80 -6.34 -21.72
N GLU F 118 -34.84 -7.17 -21.62
CA GLU F 118 -35.53 -7.66 -22.83
C GLU F 118 -36.21 -6.54 -23.62
N VAL F 119 -36.86 -5.61 -22.90
CA VAL F 119 -37.51 -4.48 -23.54
C VAL F 119 -36.47 -3.53 -24.16
N SER F 120 -35.30 -3.45 -23.54
CA SER F 120 -34.20 -2.63 -24.08
C SER F 120 -33.73 -3.16 -25.44
N MSE F 121 -33.72 -4.49 -25.59
CA MSE F 121 -33.24 -5.13 -26.81
C MSE F 121 -34.35 -5.30 -27.87
O MSE F 121 -34.11 -5.87 -28.94
CB MSE F 121 -32.61 -6.50 -26.49
CG MSE F 121 -31.57 -6.48 -25.34
SE MSE F 121 -30.17 -5.17 -25.59
CE MSE F 121 -29.25 -5.36 -23.87
N LEU F 122 -35.56 -4.84 -27.57
CA LEU F 122 -36.70 -4.93 -28.52
C LEU F 122 -36.42 -4.05 -29.77
N ASP F 123 -35.65 -2.99 -29.59
CA ASP F 123 -35.24 -2.15 -30.71
C ASP F 123 -34.15 -2.87 -31.52
N PRO F 124 -34.39 -3.09 -32.83
CA PRO F 124 -33.39 -3.74 -33.68
C PRO F 124 -32.10 -2.93 -33.83
N ALA F 125 -32.15 -1.65 -33.44
CA ALA F 125 -30.95 -0.80 -33.45
C ALA F 125 -29.89 -1.32 -32.47
N MSE F 126 -30.35 -2.02 -31.43
CA MSE F 126 -29.44 -2.59 -30.43
C MSE F 126 -28.55 -3.70 -31.00
O MSE F 126 -27.53 -4.04 -30.42
CB MSE F 126 -30.25 -3.15 -29.25
CG MSE F 126 -30.95 -2.08 -28.40
SE MSE F 126 -29.70 -0.74 -27.66
CE MSE F 126 -30.44 -0.58 -25.91
N GLU F 127 -28.96 -4.29 -32.13
CA GLU F 127 -28.20 -5.37 -32.76
C GLU F 127 -27.00 -4.83 -33.54
N HIS F 128 -26.91 -3.50 -33.66
CA HIS F 128 -25.79 -2.86 -34.37
C HIS F 128 -24.69 -2.41 -33.40
N TYR F 129 -24.88 -2.69 -32.10
CA TYR F 129 -23.92 -2.29 -31.07
C TYR F 129 -23.35 -3.50 -30.33
N LEU F 130 -22.12 -3.36 -29.86
CA LEU F 130 -21.55 -4.29 -28.90
C LEU F 130 -21.72 -3.66 -27.52
N ILE F 131 -22.55 -4.29 -26.69
CA ILE F 131 -22.94 -3.74 -25.40
C ILE F 131 -22.19 -4.45 -24.28
N LEU F 132 -21.30 -3.73 -23.60
CA LEU F 132 -20.55 -4.30 -22.49
C LEU F 132 -21.01 -3.74 -21.16
N THR F 133 -20.69 -4.45 -20.08
CA THR F 133 -21.03 -4.01 -18.75
C THR F 133 -20.02 -4.53 -17.73
N THR F 134 -19.74 -3.70 -16.72
CA THR F 134 -18.83 -4.07 -15.67
C THR F 134 -19.60 -4.13 -14.37
N GLU F 135 -19.43 -5.24 -13.65
CA GLU F 135 -20.07 -5.40 -12.34
C GLU F 135 -19.00 -5.62 -11.25
N TYR F 136 -19.16 -4.89 -10.14
CA TYR F 136 -18.24 -4.99 -9.02
C TYR F 136 -19.01 -5.43 -7.78
N TYR F 137 -18.39 -6.30 -6.98
CA TYR F 137 -19.06 -6.91 -5.83
C TYR F 137 -19.42 -5.88 -4.77
N TRP F 138 -18.71 -4.76 -4.77
CA TRP F 138 -18.90 -3.76 -3.73
C TRP F 138 -20.13 -2.90 -3.91
N HIS F 139 -20.78 -3.00 -5.07
CA HIS F 139 -22.04 -2.26 -5.24
CA HIS F 139 -22.03 -2.27 -5.36
C HIS F 139 -23.26 -3.17 -5.16
N TRP F 140 -23.03 -4.46 -4.94
CA TRP F 140 -24.15 -5.41 -4.78
C TRP F 140 -24.76 -5.29 -3.38
N ASP F 141 -26.09 -5.14 -3.33
CA ASP F 141 -26.79 -5.03 -2.05
C ASP F 141 -27.36 -6.40 -1.65
N LEU F 142 -26.77 -6.99 -0.61
CA LEU F 142 -27.22 -8.29 -0.10
C LEU F 142 -28.09 -8.13 1.14
N LYS F 143 -28.17 -6.90 1.64
CA LYS F 143 -28.90 -6.60 2.87
C LYS F 143 -30.33 -7.15 2.85
N GLY F 144 -31.00 -7.01 1.71
CA GLY F 144 -32.41 -7.44 1.58
C GLY F 144 -32.57 -8.90 1.16
N SER F 145 -31.71 -9.34 0.24
CA SER F 145 -31.85 -10.68 -0.39
C SER F 145 -31.50 -11.86 0.54
N GLY F 146 -30.60 -11.64 1.49
CA GLY F 146 -30.11 -12.72 2.37
C GLY F 146 -29.22 -13.71 1.60
N LEU F 147 -28.58 -13.22 0.53
CA LEU F 147 -27.75 -14.06 -0.34
C LEU F 147 -26.28 -13.96 0.03
N SER F 148 -25.47 -14.84 -0.56
CA SER F 148 -24.01 -14.77 -0.46
C SER F 148 -23.48 -14.03 -1.69
N VAL F 149 -22.23 -13.52 -1.61
CA VAL F 149 -21.59 -12.82 -2.75
C VAL F 149 -21.68 -13.67 -4.02
N TRP F 150 -21.39 -14.96 -3.89
CA TRP F 150 -21.35 -15.87 -5.02
C TRP F 150 -22.75 -16.20 -5.54
N ASP F 151 -23.73 -16.29 -4.64
CA ASP F 151 -25.10 -16.51 -5.04
C ASP F 151 -25.65 -15.30 -5.77
N TYR F 152 -25.27 -14.10 -5.32
CA TYR F 152 -25.67 -12.87 -6.00
C TYR F 152 -25.08 -12.86 -7.39
N ARG F 153 -23.79 -13.17 -7.48
CA ARG F 153 -23.06 -13.23 -8.76
C ARG F 153 -23.76 -14.16 -9.75
N LYS F 154 -24.08 -15.35 -9.29
CA LYS F 154 -24.69 -16.35 -10.14
C LYS F 154 -26.08 -15.89 -10.64
N ILE F 155 -26.84 -15.27 -9.75
CA ILE F 155 -28.18 -14.75 -10.09
C ILE F 155 -28.08 -13.55 -11.02
N MSE F 156 -27.20 -12.59 -10.71
CA MSE F 156 -27.06 -11.41 -11.54
C MSE F 156 -26.54 -11.80 -12.93
O MSE F 156 -26.93 -11.20 -13.93
CB MSE F 156 -26.16 -10.34 -10.89
CG MSE F 156 -24.70 -10.46 -11.19
SE MSE F 156 -24.15 -9.81 -12.99
CE MSE F 156 -22.47 -10.26 -12.85
N GLU F 157 -25.69 -12.84 -13.00
CA GLU F 157 -25.19 -13.31 -14.28
C GLU F 157 -26.29 -13.85 -15.15
N LYS F 158 -27.11 -14.73 -14.59
CA LYS F 158 -28.23 -15.34 -15.33
C LYS F 158 -29.20 -14.27 -15.80
N MSE F 159 -29.38 -13.23 -15.00
CA MSE F 159 -30.22 -12.10 -15.38
C MSE F 159 -29.64 -11.45 -16.62
O MSE F 159 -30.36 -11.20 -17.58
CB MSE F 159 -30.28 -11.07 -14.26
CG MSE F 159 -31.18 -9.87 -14.59
SE MSE F 159 -30.95 -8.41 -13.36
CE MSE F 159 -29.03 -7.96 -13.73
N MSE F 160 -28.34 -11.14 -16.58
CA MSE F 160 -27.67 -10.49 -17.72
C MSE F 160 -27.70 -11.39 -18.95
O MSE F 160 -27.82 -10.90 -20.08
CB MSE F 160 -26.22 -10.16 -17.34
CG MSE F 160 -26.07 -9.05 -16.31
SE MSE F 160 -26.59 -7.30 -17.01
CE MSE F 160 -25.91 -6.15 -15.58
N ASN F 161 -27.58 -12.71 -18.73
CA ASN F 161 -27.67 -13.68 -19.83
C ASN F 161 -28.97 -13.55 -20.59
N HIS F 162 -30.07 -13.31 -19.88
CA HIS F 162 -31.39 -13.14 -20.53
C HIS F 162 -31.40 -11.93 -21.46
N GLY F 163 -30.57 -10.93 -21.14
CA GLY F 163 -30.44 -9.76 -21.99
C GLY F 163 -29.47 -9.97 -23.16
N GLY F 164 -28.82 -11.14 -23.20
CA GLY F 164 -27.89 -11.46 -24.27
C GLY F 164 -26.42 -11.22 -23.89
N LEU F 165 -26.19 -10.68 -22.69
CA LEU F 165 -24.83 -10.43 -22.22
C LEU F 165 -24.22 -11.70 -21.65
N VAL F 166 -22.96 -11.96 -21.98
CA VAL F 166 -22.23 -13.12 -21.45
C VAL F 166 -20.89 -12.72 -20.89
N PHE F 167 -20.40 -13.52 -19.95
CA PHE F 167 -19.14 -13.25 -19.28
C PHE F 167 -17.96 -13.28 -20.24
N PHE F 168 -17.04 -12.34 -20.08
CA PHE F 168 -15.78 -12.33 -20.84
C PHE F 168 -14.61 -12.11 -19.87
N PRO F 169 -13.55 -12.93 -20.00
CA PRO F 169 -12.36 -12.68 -19.20
C PRO F 169 -11.72 -11.33 -19.51
N THR F 170 -11.02 -10.76 -18.54
CA THR F 170 -10.32 -9.51 -18.74
C THR F 170 -9.17 -9.38 -17.80
N ASP F 171 -8.16 -8.63 -18.21
CA ASP F 171 -7.02 -8.34 -17.36
C ASP F 171 -7.12 -6.94 -16.73
N ASP F 172 -8.29 -6.29 -16.86
CA ASP F 172 -8.52 -4.99 -16.23
C ASP F 172 -8.26 -5.10 -14.74
N PRO F 173 -7.38 -4.25 -14.21
CA PRO F 173 -7.00 -4.38 -12.80
C PRO F 173 -8.16 -4.35 -11.82
N GLU F 174 -9.14 -3.45 -12.04
CA GLU F 174 -10.28 -3.30 -11.10
C GLU F 174 -11.14 -4.55 -11.07
N ILE F 175 -11.55 -5.00 -12.25
CA ILE F 175 -12.34 -6.20 -12.36
C ILE F 175 -11.55 -7.43 -11.89
N ALA F 176 -10.27 -7.49 -12.24
CA ALA F 176 -9.42 -8.62 -11.90
C ALA F 176 -9.07 -8.68 -10.41
N SER F 177 -9.35 -7.60 -9.67
CA SER F 177 -8.96 -7.52 -8.24
C SER F 177 -9.78 -8.47 -7.33
N HIS F 178 -10.91 -8.95 -7.82
CA HIS F 178 -11.75 -9.84 -7.06
C HIS F 178 -12.52 -10.76 -8.03
N PRO F 179 -12.53 -12.07 -7.76
CA PRO F 179 -13.13 -13.08 -8.70
C PRO F 179 -14.63 -12.91 -8.91
N ALA F 180 -15.29 -12.24 -7.97
CA ALA F 180 -16.73 -12.00 -8.07
C ALA F 180 -17.05 -10.94 -9.12
N ASN F 181 -16.15 -9.97 -9.28
CA ASN F 181 -16.31 -8.93 -10.32
C ASN F 181 -16.33 -9.56 -11.69
N CYS F 182 -16.95 -8.89 -12.66
CA CYS F 182 -16.94 -9.42 -14.02
C CYS F 182 -17.23 -8.38 -15.11
N LEU F 183 -16.71 -8.69 -16.30
CA LEU F 183 -17.03 -8.00 -17.49
C LEU F 183 -17.94 -8.89 -18.28
N MSE F 184 -19.05 -8.36 -18.76
CA MSE F 184 -19.96 -9.11 -19.61
C MSE F 184 -20.30 -8.26 -20.82
O MSE F 184 -20.19 -7.04 -20.77
CB MSE F 184 -21.26 -9.49 -18.85
CG MSE F 184 -21.03 -10.25 -17.53
SE MSE F 184 -22.70 -10.73 -16.63
CE MSE F 184 -23.28 -12.08 -17.80
N ALA F 185 -20.69 -8.91 -21.92
CA ALA F 185 -20.99 -8.18 -23.14
C ALA F 185 -21.95 -8.91 -24.05
N ARG F 186 -22.74 -8.13 -24.78
CA ARG F 186 -23.66 -8.64 -25.76
C ARG F 186 -23.22 -8.16 -27.13
N ILE F 187 -22.79 -9.09 -27.98
CA ILE F 187 -22.38 -8.77 -29.34
C ILE F 187 -23.58 -8.85 -30.29
N GLY F 188 -24.07 -7.70 -30.72
CA GLY F 188 -25.20 -7.65 -31.64
C GLY F 188 -24.96 -8.45 -32.92
N LYS F 189 -26.04 -9.01 -33.47
CA LYS F 189 -25.95 -9.88 -34.65
C LYS F 189 -25.34 -9.16 -35.87
N HIS F 190 -25.46 -7.84 -35.91
CA HIS F 190 -24.95 -7.06 -37.04
C HIS F 190 -23.62 -6.35 -36.73
N VAL F 191 -23.01 -6.67 -35.58
CA VAL F 191 -21.73 -6.06 -35.20
C VAL F 191 -20.59 -6.64 -36.04
N ALA F 192 -19.76 -5.76 -36.59
CA ALA F 192 -18.65 -6.18 -37.45
C ALA F 192 -17.51 -6.80 -36.63
N PRO F 193 -16.71 -7.68 -37.27
CA PRO F 193 -15.55 -8.31 -36.62
C PRO F 193 -14.54 -7.31 -36.05
N GLU F 194 -14.41 -6.15 -36.72
CA GLU F 194 -13.45 -5.12 -36.30
C GLU F 194 -13.83 -4.56 -34.93
N VAL F 195 -15.13 -4.43 -34.68
CA VAL F 195 -15.62 -3.94 -33.40
C VAL F 195 -15.34 -4.95 -32.31
N VAL F 196 -15.53 -6.23 -32.62
CA VAL F 196 -15.28 -7.31 -31.67
C VAL F 196 -13.78 -7.43 -31.36
N ALA F 197 -12.96 -7.25 -32.38
CA ALA F 197 -11.52 -7.30 -32.22
C ALA F 197 -11.04 -6.17 -31.31
N HIS F 198 -11.65 -5.01 -31.45
CA HIS F 198 -11.30 -3.86 -30.64
C HIS F 198 -11.70 -4.12 -29.18
N PHE F 199 -12.88 -4.69 -28.98
CA PHE F 199 -13.36 -5.08 -27.65
C PHE F 199 -12.40 -6.05 -26.99
N ASP F 200 -11.92 -7.03 -27.76
CA ASP F 200 -10.96 -8.00 -27.25
C ASP F 200 -9.65 -7.31 -26.86
N ALA F 201 -9.28 -6.29 -27.63
CA ALA F 201 -8.07 -5.52 -27.35
C ALA F 201 -8.22 -4.67 -26.08
N LEU F 202 -9.46 -4.27 -25.78
CA LEU F 202 -9.76 -3.47 -24.57
C LEU F 202 -9.75 -4.33 -23.31
N ARG F 203 -10.38 -5.50 -23.38
CA ARG F 203 -10.50 -6.38 -22.21
C ARG F 203 -9.21 -7.15 -21.92
N LEU F 204 -8.44 -7.44 -22.97
CA LEU F 204 -7.13 -8.04 -22.82
C LEU F 204 -6.14 -6.99 -23.21
N ARG F 205 -6.15 -5.92 -22.42
CA ARG F 205 -5.38 -4.69 -22.64
C ARG F 205 -3.87 -4.97 -22.55
N ARG F 206 -3.49 -6.13 -22.00
CA ARG F 206 -2.08 -6.53 -21.88
C ARG F 206 -1.25 -5.29 -21.59
N ARG F 207 -1.78 -4.44 -20.73
CA ARG F 207 -1.18 -3.14 -20.46
C ARG F 207 0.21 -3.27 -19.81
N PHE F 208 0.38 -4.27 -18.95
CA PHE F 208 1.65 -4.43 -18.21
C PHE F 208 2.46 -5.67 -18.67
N MSE F 209 2.33 -6.05 -19.94
CA MSE F 209 2.98 -7.27 -20.46
C MSE F 209 4.51 -7.07 -20.64
O MSE F 209 4.99 -5.94 -20.80
CB MSE F 209 2.35 -7.70 -21.79
CG MSE F 209 2.67 -6.77 -23.00
SE MSE F 209 1.75 -7.27 -24.67
CE MSE F 209 2.63 -5.93 -25.90
CA CA G . -3.27 19.37 10.41
CA CA H . -12.45 7.40 18.01
C1 EDO I . -20.67 33.18 11.84
O1 EDO I . -21.35 31.97 11.47
C2 EDO I . -19.78 33.65 10.68
O2 EDO I . -18.93 32.58 10.25
C1 EDO J . 1.09 25.74 7.90
O1 EDO J . 1.87 24.85 8.73
C2 EDO J . -0.40 25.46 8.06
O2 EDO J . -1.11 25.99 6.95
C1 EDO K . 7.58 9.09 7.96
O1 EDO K . 7.24 8.15 9.01
C2 EDO K . 7.08 10.48 8.34
O2 EDO K . 7.69 11.50 7.52
C ACY L . -14.41 36.90 7.55
O ACY L . -13.25 37.19 7.89
OXT ACY L . -14.79 36.83 6.36
CH3 ACY L . -15.42 36.61 8.62
CA CA M . -13.85 -12.96 14.14
CA CA N . 22.61 0.73 13.47
C1 EDO O . 18.55 -0.33 -4.79
O1 EDO O . 19.95 -0.66 -4.70
C2 EDO O . 18.31 0.82 -5.76
O2 EDO O . 18.67 0.44 -7.10
CA CA P . 9.89 8.36 -16.25
C1 EDO Q . 1.95 18.58 -28.38
O1 EDO Q . 3.37 18.47 -28.26
C2 EDO Q . 1.61 19.83 -29.18
O2 EDO Q . 2.41 19.89 -30.36
C1 EDO R . 7.10 -1.99 -7.62
O1 EDO R . 8.43 -1.46 -7.72
C2 EDO R . 6.41 -2.00 -8.98
O2 EDO R . 5.02 -1.72 -8.80
CA CA S . 8.51 -14.39 -11.83
C ACY T . 21.47 -26.71 -7.02
O ACY T . 22.04 -27.84 -7.16
OXT ACY T . 20.36 -26.37 -7.55
CH3 ACY T . 22.17 -25.72 -6.18
C ACY U . 7.76 -17.13 -12.45
O ACY U . 8.52 -16.58 -11.58
OXT ACY U . 7.61 -16.68 -13.62
CH3 ACY U . 6.98 -18.37 -12.06
CA CA V . -21.45 -0.97 -14.29
C1 EDO W . -29.07 4.70 -34.23
O1 EDO W . -29.90 5.86 -34.04
C2 EDO W . -29.74 3.73 -35.18
O2 EDO W . -28.75 3.10 -36.01
C ACY X . -6.83 -0.04 -27.63
O ACY X . -7.69 -0.32 -28.50
OXT ACY X . -6.61 1.13 -27.20
CH3 ACY X . -6.01 -1.16 -27.06
#